data_1F2C
# 
_entry.id   1F2C 
# 
_audit_conform.dict_name       mmcif_pdbx.dic 
_audit_conform.dict_version    5.399 
_audit_conform.dict_location   http://mmcif.pdb.org/dictionaries/ascii/mmcif_pdbx.dic 
# 
loop_
_database_2.database_id 
_database_2.database_code 
_database_2.pdbx_database_accession 
_database_2.pdbx_DOI 
PDB   1F2C         pdb_00001f2c 10.2210/pdb1f2c/pdb 
RCSB  RCSB011158   ?            ?                   
WWPDB D_1000011158 ?            ?                   
# 
loop_
_pdbx_audit_revision_history.ordinal 
_pdbx_audit_revision_history.data_content_type 
_pdbx_audit_revision_history.major_revision 
_pdbx_audit_revision_history.minor_revision 
_pdbx_audit_revision_history.revision_date 
1 'Structure model' 1 0 2000-07-26 
2 'Structure model' 1 1 2008-04-27 
3 'Structure model' 1 2 2011-07-13 
4 'Structure model' 1 3 2024-11-20 
# 
_pdbx_audit_revision_details.ordinal             1 
_pdbx_audit_revision_details.revision_ordinal    1 
_pdbx_audit_revision_details.data_content_type   'Structure model' 
_pdbx_audit_revision_details.provider            repository 
_pdbx_audit_revision_details.type                'Initial release' 
_pdbx_audit_revision_details.description         ? 
_pdbx_audit_revision_details.details             ? 
# 
loop_
_pdbx_audit_revision_group.ordinal 
_pdbx_audit_revision_group.revision_ordinal 
_pdbx_audit_revision_group.data_content_type 
_pdbx_audit_revision_group.group 
1 2 'Structure model' 'Version format compliance' 
2 3 'Structure model' 'Version format compliance' 
3 4 'Structure model' 'Data collection'           
4 4 'Structure model' 'Database references'       
5 4 'Structure model' 'Derived calculations'      
6 4 'Structure model' 'Structure summary'         
# 
loop_
_pdbx_audit_revision_category.ordinal 
_pdbx_audit_revision_category.revision_ordinal 
_pdbx_audit_revision_category.data_content_type 
_pdbx_audit_revision_category.category 
1 4 'Structure model' chem_comp_atom            
2 4 'Structure model' chem_comp_bond            
3 4 'Structure model' database_2                
4 4 'Structure model' pdbx_entry_details        
5 4 'Structure model' pdbx_modification_feature 
6 4 'Structure model' struct_conn               
7 4 'Structure model' struct_site               
# 
loop_
_pdbx_audit_revision_item.ordinal 
_pdbx_audit_revision_item.revision_ordinal 
_pdbx_audit_revision_item.data_content_type 
_pdbx_audit_revision_item.item 
1  4 'Structure model' '_database_2.pdbx_DOI'                
2  4 'Structure model' '_database_2.pdbx_database_accession' 
3  4 'Structure model' '_struct_conn.pdbx_leaving_atom_flag' 
4  4 'Structure model' '_struct_conn.ptnr1_auth_comp_id'     
5  4 'Structure model' '_struct_conn.ptnr1_auth_seq_id'      
6  4 'Structure model' '_struct_conn.ptnr1_label_asym_id'    
7  4 'Structure model' '_struct_conn.ptnr1_label_atom_id'    
8  4 'Structure model' '_struct_conn.ptnr1_label_comp_id'    
9  4 'Structure model' '_struct_conn.ptnr1_label_seq_id'     
10 4 'Structure model' '_struct_conn.ptnr2_auth_comp_id'     
11 4 'Structure model' '_struct_conn.ptnr2_auth_seq_id'      
12 4 'Structure model' '_struct_conn.ptnr2_label_asym_id'    
13 4 'Structure model' '_struct_conn.ptnr2_label_atom_id'    
14 4 'Structure model' '_struct_conn.ptnr2_label_comp_id'    
15 4 'Structure model' '_struct_conn.ptnr2_label_seq_id'     
16 4 'Structure model' '_struct_site.pdbx_auth_asym_id'      
17 4 'Structure model' '_struct_site.pdbx_auth_comp_id'      
18 4 'Structure model' '_struct_site.pdbx_auth_seq_id'       
# 
_pdbx_database_status.status_code                     REL 
_pdbx_database_status.entry_id                        1F2C 
_pdbx_database_status.recvd_initial_deposition_date   2000-05-23 
_pdbx_database_status.deposit_site                    RCSB 
_pdbx_database_status.process_site                    RCSB 
_pdbx_database_status.SG_entry                        . 
_pdbx_database_status.pdb_format_compatible           Y 
_pdbx_database_status.status_code_mr                  ? 
_pdbx_database_status.status_code_sf                  ? 
_pdbx_database_status.status_code_cs                  ? 
_pdbx_database_status.status_code_nmr_data            ? 
_pdbx_database_status.methods_development_category    ? 
# 
loop_
_pdbx_database_related.db_name 
_pdbx_database_related.db_id 
_pdbx_database_related.details 
_pdbx_database_related.content_type 
PDB 1F29 'Same protein bound to VS1.'                   unspecified 
PDB 1F2A 'Same protein bound to VS2.'                   unspecified 
PDB 1F2B 'Same protein bound to VS3.'                   unspecified 
PDB 1AIM 'Contains same protein bound to FMK inhibitor' unspecified 
PDB 2AIM 'Contains same protein bound to FMK inhibitor' unspecified 
PDB 1EWL 'SAME PROTEIN, WRR-99 INHIBITOR'               unspecified 
PDB 1EWM 'SAME PROTEIN, WRR-112 INHIBITOR'              unspecified 
PDB 1EWO 'SAME PROTEIN, WRR-204 INHIBITOR'              unspecified 
PDB 1EWP 'SAME PROTEIN, MOR-LEU-HPQ INHIBITOR'          unspecified 
# 
loop_
_audit_author.name 
_audit_author.pdbx_ordinal 
'Brinen, L.S.'     1 
'Hansell, E.'      2 
'Roush, W.R.'      3 
'McKerrow, J.H.'   4 
'Fletterick, R.J.' 5 
# 
loop_
_citation.id 
_citation.title 
_citation.journal_abbrev 
_citation.journal_volume 
_citation.page_first 
_citation.page_last 
_citation.year 
_citation.journal_id_ASTM 
_citation.country 
_citation.journal_id_ISSN 
_citation.journal_id_CSD 
_citation.book_publisher 
_citation.pdbx_database_id_PubMed 
_citation.pdbx_database_id_DOI 
primary 
;A target within the target: probing cruzain's P1' site to define structural determinants for the Chagas' disease protease.
;
'Structure Fold.Des.' 8   831 840 2000 FODEFH UK 0969-2126 1263 ? 10997902 '10.1016/S0969-2126(00)00173-8' 
1       
;The Crystal Structure of Cruzain: a Therapeutic Target for Chagas' Disease
;
J.Mol.Biol.           247 251 259 1995 JMOBAK UK 0022-2836 0070 ? ?        10.1006/jmbi.1994.0137          
# 
loop_
_citation_author.citation_id 
_citation_author.name 
_citation_author.ordinal 
_citation_author.identifier_ORCID 
primary 'Brinen, L.S.'     1  ? 
primary 'Hansell, E.'      2  ? 
primary 'Cheng, J.'        3  ? 
primary 'Roush, W.R.'      4  ? 
primary 'McKerrow, J.H.'   5  ? 
primary 'Fletterick, R.J.' 6  ? 
1       'McGrath, M.E.'    7  ? 
1       'Eakin, A.E.'      8  ? 
1       'Engel, J.C.'      9  ? 
1       'McKerrow, J.H.'   10 ? 
1       'Craik, C.S.'      11 ? 
1       'Fletterick, R.J.' 12 ? 
# 
loop_
_entity.id 
_entity.type 
_entity.src_method 
_entity.pdbx_description 
_entity.formula_weight 
_entity.pdbx_number_of_molecules 
_entity.pdbx_ec 
_entity.pdbx_mutation 
_entity.pdbx_fragment 
_entity.details 
1 polymer     man CRUZAIN                                                                                                        
22715.133 1  3.4.22.- ? 'CATALYTIC DOMAIN' ? 
2 non-polymer syn '3-[[N-[4-METHYL-PIPERAZINYL]CARBONYL]-PHENYLALANINYL-AMINO]-5-PHENYL-PENTANE-1-SULFONIC ACID BENZYLOXY-AMIDE' 
621.790   1  ?        ? ?                  ? 
3 water       nat water                                                                                                          
18.015    87 ?        ? ?                  ? 
# 
_entity_name_com.entity_id   1 
_entity_name_com.name        'CRUZIPAIN, CRUZAINE' 
# 
_entity_poly.entity_id                      1 
_entity_poly.type                           'polypeptide(L)' 
_entity_poly.nstd_linkage                   no 
_entity_poly.nstd_monomer                   no 
_entity_poly.pdbx_seq_one_letter_code       
;APAAVDWRARGAVTAVKDQGQCGSCWAFSAIGNVECQWFLAGHPLTNLSEQMLVSCDKTDSGCSGGLMNNAFEWIVQENN
GAVYTEDSYPYASGEGISPPCTTSGHTVGATITGHVELPQDEAQIAAWLAVNGPVAVAVDASSWMTYTGGVMTSCVSEQL
DHGVLLVGYNDSAAVPYWIIKNSWTTQWGEEGYIRIAKGSNQCLVKEEASSAVVG
;
_entity_poly.pdbx_seq_one_letter_code_can   
;APAAVDWRARGAVTAVKDQGQCGSCWAFSAIGNVECQWFLAGHPLTNLSEQMLVSCDKTDSGCSGGLMNNAFEWIVQENN
GAVYTEDSYPYASGEGISPPCTTSGHTVGATITGHVELPQDEAQIAAWLAVNGPVAVAVDASSWMTYTGGVMTSCVSEQL
DHGVLLVGYNDSAAVPYWIIKNSWTTQWGEEGYIRIAKGSNQCLVKEEASSAVVG
;
_entity_poly.pdbx_strand_id                 A 
_entity_poly.pdbx_target_identifier         ? 
# 
loop_
_pdbx_entity_nonpoly.entity_id 
_pdbx_entity_nonpoly.name 
_pdbx_entity_nonpoly.comp_id 
2 '3-[[N-[4-METHYL-PIPERAZINYL]CARBONYL]-PHENYLALANINYL-AMINO]-5-PHENYL-PENTANE-1-SULFONIC ACID BENZYLOXY-AMIDE' VS4 
3 water                                                                                                          HOH 
# 
loop_
_entity_poly_seq.entity_id 
_entity_poly_seq.num 
_entity_poly_seq.mon_id 
_entity_poly_seq.hetero 
1 1   ALA n 
1 2   PRO n 
1 3   ALA n 
1 4   ALA n 
1 5   VAL n 
1 6   ASP n 
1 7   TRP n 
1 8   ARG n 
1 9   ALA n 
1 10  ARG n 
1 11  GLY n 
1 12  ALA n 
1 13  VAL n 
1 14  THR n 
1 15  ALA n 
1 16  VAL n 
1 17  LYS n 
1 18  ASP n 
1 19  GLN n 
1 20  GLY n 
1 21  GLN n 
1 22  CYS n 
1 23  GLY n 
1 24  SER n 
1 25  CYS n 
1 26  TRP n 
1 27  ALA n 
1 28  PHE n 
1 29  SER n 
1 30  ALA n 
1 31  ILE n 
1 32  GLY n 
1 33  ASN n 
1 34  VAL n 
1 35  GLU n 
1 36  CYS n 
1 37  GLN n 
1 38  TRP n 
1 39  PHE n 
1 40  LEU n 
1 41  ALA n 
1 42  GLY n 
1 43  HIS n 
1 44  PRO n 
1 45  LEU n 
1 46  THR n 
1 47  ASN n 
1 48  LEU n 
1 49  SER n 
1 50  GLU n 
1 51  GLN n 
1 52  MET n 
1 53  LEU n 
1 54  VAL n 
1 55  SER n 
1 56  CYS n 
1 57  ASP n 
1 58  LYS n 
1 59  THR n 
1 60  ASP n 
1 61  SER n 
1 62  GLY n 
1 63  CYS n 
1 64  SER n 
1 65  GLY n 
1 66  GLY n 
1 67  LEU n 
1 68  MET n 
1 69  ASN n 
1 70  ASN n 
1 71  ALA n 
1 72  PHE n 
1 73  GLU n 
1 74  TRP n 
1 75  ILE n 
1 76  VAL n 
1 77  GLN n 
1 78  GLU n 
1 79  ASN n 
1 80  ASN n 
1 81  GLY n 
1 82  ALA n 
1 83  VAL n 
1 84  TYR n 
1 85  THR n 
1 86  GLU n 
1 87  ASP n 
1 88  SER n 
1 89  TYR n 
1 90  PRO n 
1 91  TYR n 
1 92  ALA n 
1 93  SER n 
1 94  GLY n 
1 95  GLU n 
1 96  GLY n 
1 97  ILE n 
1 98  SER n 
1 99  PRO n 
1 100 PRO n 
1 101 CYS n 
1 102 THR n 
1 103 THR n 
1 104 SER n 
1 105 GLY n 
1 106 HIS n 
1 107 THR n 
1 108 VAL n 
1 109 GLY n 
1 110 ALA n 
1 111 THR n 
1 112 ILE n 
1 113 THR n 
1 114 GLY n 
1 115 HIS n 
1 116 VAL n 
1 117 GLU n 
1 118 LEU n 
1 119 PRO n 
1 120 GLN n 
1 121 ASP n 
1 122 GLU n 
1 123 ALA n 
1 124 GLN n 
1 125 ILE n 
1 126 ALA n 
1 127 ALA n 
1 128 TRP n 
1 129 LEU n 
1 130 ALA n 
1 131 VAL n 
1 132 ASN n 
1 133 GLY n 
1 134 PRO n 
1 135 VAL n 
1 136 ALA n 
1 137 VAL n 
1 138 ALA n 
1 139 VAL n 
1 140 ASP n 
1 141 ALA n 
1 142 SER n 
1 143 SER n 
1 144 TRP n 
1 145 MET n 
1 146 THR n 
1 147 TYR n 
1 148 THR n 
1 149 GLY n 
1 150 GLY n 
1 151 VAL n 
1 152 MET n 
1 153 THR n 
1 154 SER n 
1 155 CYS n 
1 156 VAL n 
1 157 SER n 
1 158 GLU n 
1 159 GLN n 
1 160 LEU n 
1 161 ASP n 
1 162 HIS n 
1 163 GLY n 
1 164 VAL n 
1 165 LEU n 
1 166 LEU n 
1 167 VAL n 
1 168 GLY n 
1 169 TYR n 
1 170 ASN n 
1 171 ASP n 
1 172 SER n 
1 173 ALA n 
1 174 ALA n 
1 175 VAL n 
1 176 PRO n 
1 177 TYR n 
1 178 TRP n 
1 179 ILE n 
1 180 ILE n 
1 181 LYS n 
1 182 ASN n 
1 183 SER n 
1 184 TRP n 
1 185 THR n 
1 186 THR n 
1 187 GLN n 
1 188 TRP n 
1 189 GLY n 
1 190 GLU n 
1 191 GLU n 
1 192 GLY n 
1 193 TYR n 
1 194 ILE n 
1 195 ARG n 
1 196 ILE n 
1 197 ALA n 
1 198 LYS n 
1 199 GLY n 
1 200 SER n 
1 201 ASN n 
1 202 GLN n 
1 203 CYS n 
1 204 LEU n 
1 205 VAL n 
1 206 LYS n 
1 207 GLU n 
1 208 GLU n 
1 209 ALA n 
1 210 SER n 
1 211 SER n 
1 212 ALA n 
1 213 VAL n 
1 214 VAL n 
1 215 GLY n 
# 
_entity_src_gen.entity_id                          1 
_entity_src_gen.pdbx_src_id                        1 
_entity_src_gen.pdbx_alt_source_flag               sample 
_entity_src_gen.pdbx_seq_type                      ? 
_entity_src_gen.pdbx_beg_seq_num                   ? 
_entity_src_gen.pdbx_end_seq_num                   ? 
_entity_src_gen.gene_src_common_name               ? 
_entity_src_gen.gene_src_genus                     Trypanosoma 
_entity_src_gen.pdbx_gene_src_gene                 ? 
_entity_src_gen.gene_src_species                   ? 
_entity_src_gen.gene_src_strain                    ? 
_entity_src_gen.gene_src_tissue                    ? 
_entity_src_gen.gene_src_tissue_fraction           ? 
_entity_src_gen.gene_src_details                   ? 
_entity_src_gen.pdbx_gene_src_fragment             ? 
_entity_src_gen.pdbx_gene_src_scientific_name      'Trypanosoma cruzi' 
_entity_src_gen.pdbx_gene_src_ncbi_taxonomy_id     5693 
_entity_src_gen.pdbx_gene_src_variant              ? 
_entity_src_gen.pdbx_gene_src_cell_line            ? 
_entity_src_gen.pdbx_gene_src_atcc                 ? 
_entity_src_gen.pdbx_gene_src_organ                ? 
_entity_src_gen.pdbx_gene_src_organelle            ? 
_entity_src_gen.pdbx_gene_src_cell                 ? 
_entity_src_gen.pdbx_gene_src_cellular_location    ? 
_entity_src_gen.host_org_common_name               ? 
_entity_src_gen.pdbx_host_org_scientific_name      'Escherichia coli' 
_entity_src_gen.pdbx_host_org_ncbi_taxonomy_id     562 
_entity_src_gen.host_org_genus                     Escherichia 
_entity_src_gen.pdbx_host_org_gene                 ? 
_entity_src_gen.pdbx_host_org_organ                ? 
_entity_src_gen.host_org_species                   ? 
_entity_src_gen.pdbx_host_org_tissue               ? 
_entity_src_gen.pdbx_host_org_tissue_fraction      ? 
_entity_src_gen.pdbx_host_org_strain               ? 
_entity_src_gen.pdbx_host_org_variant              ? 
_entity_src_gen.pdbx_host_org_cell_line            ? 
_entity_src_gen.pdbx_host_org_atcc                 ? 
_entity_src_gen.pdbx_host_org_culture_collection   ? 
_entity_src_gen.pdbx_host_org_cell                 ? 
_entity_src_gen.pdbx_host_org_organelle            ? 
_entity_src_gen.pdbx_host_org_cellular_location    ? 
_entity_src_gen.pdbx_host_org_vector_type          ? 
_entity_src_gen.pdbx_host_org_vector               ? 
_entity_src_gen.host_org_details                   ? 
_entity_src_gen.expression_system_id               ? 
_entity_src_gen.plasmid_name                       DH5ALPHA 
_entity_src_gen.plasmid_details                    ? 
_entity_src_gen.pdbx_description                   ? 
# 
loop_
_chem_comp.id 
_chem_comp.type 
_chem_comp.mon_nstd_flag 
_chem_comp.name 
_chem_comp.pdbx_synonyms 
_chem_comp.formula 
_chem_comp.formula_weight 
ALA 'L-peptide linking' y ALANINE ? 'C3 H7 N O2'      89.093  
ARG 'L-peptide linking' y ARGININE ? 'C6 H15 N4 O2 1'  175.209 
ASN 'L-peptide linking' y ASPARAGINE ? 'C4 H8 N2 O3'     132.118 
ASP 'L-peptide linking' y 'ASPARTIC ACID' ? 'C4 H7 N O4'      133.103 
CYS 'L-peptide linking' y CYSTEINE ? 'C3 H7 N O2 S'    121.158 
GLN 'L-peptide linking' y GLUTAMINE ? 'C5 H10 N2 O3'    146.144 
GLU 'L-peptide linking' y 'GLUTAMIC ACID' ? 'C5 H9 N O4'      147.129 
GLY 'peptide linking'   y GLYCINE ? 'C2 H5 N O2'      75.067  
HIS 'L-peptide linking' y HISTIDINE ? 'C6 H10 N3 O2 1'  156.162 
HOH non-polymer         . WATER ? 'H2 O'            18.015  
ILE 'L-peptide linking' y ISOLEUCINE ? 'C6 H13 N O2'     131.173 
LEU 'L-peptide linking' y LEUCINE ? 'C6 H13 N O2'     131.173 
LYS 'L-peptide linking' y LYSINE ? 'C6 H15 N2 O2 1'  147.195 
MET 'L-peptide linking' y METHIONINE ? 'C5 H11 N O2 S'   149.211 
PHE 'L-peptide linking' y PHENYLALANINE ? 'C9 H11 N O2'     165.189 
PRO 'L-peptide linking' y PROLINE ? 'C5 H9 N O2'      115.130 
SER 'L-peptide linking' y SERINE ? 'C3 H7 N O3'      105.093 
THR 'L-peptide linking' y THREONINE ? 'C4 H9 N O3'      119.119 
TRP 'L-peptide linking' y TRYPTOPHAN ? 'C11 H12 N2 O2'   204.225 
TYR 'L-peptide linking' y TYROSINE ? 'C9 H11 N O3'     181.189 
VAL 'L-peptide linking' y VALINE ? 'C5 H11 N O2'     117.146 
VS4 non-polymer         . 
'3-[[N-[4-METHYL-PIPERAZINYL]CARBONYL]-PHENYLALANINYL-AMINO]-5-PHENYL-PENTANE-1-SULFONIC ACID BENZYLOXY-AMIDE' ? 'C33 H43 N5 O5 S' 
621.790 
# 
loop_
_pdbx_poly_seq_scheme.asym_id 
_pdbx_poly_seq_scheme.entity_id 
_pdbx_poly_seq_scheme.seq_id 
_pdbx_poly_seq_scheme.mon_id 
_pdbx_poly_seq_scheme.ndb_seq_num 
_pdbx_poly_seq_scheme.pdb_seq_num 
_pdbx_poly_seq_scheme.auth_seq_num 
_pdbx_poly_seq_scheme.pdb_mon_id 
_pdbx_poly_seq_scheme.auth_mon_id 
_pdbx_poly_seq_scheme.pdb_strand_id 
_pdbx_poly_seq_scheme.pdb_ins_code 
_pdbx_poly_seq_scheme.hetero 
A 1 1   ALA 1   1   1   ALA ALA A . n 
A 1 2   PRO 2   2   2   PRO PRO A . n 
A 1 3   ALA 3   3   3   ALA ALA A . n 
A 1 4   ALA 4   4   4   ALA ALA A . n 
A 1 5   VAL 5   5   5   VAL VAL A . n 
A 1 6   ASP 6   6   6   ASP ASP A . n 
A 1 7   TRP 7   7   7   TRP TRP A . n 
A 1 8   ARG 8   8   8   ARG ARG A . n 
A 1 9   ALA 9   9   9   ALA ALA A . n 
A 1 10  ARG 10  10  10  ARG ARG A . n 
A 1 11  GLY 11  11  11  GLY GLY A . n 
A 1 12  ALA 12  12  12  ALA ALA A . n 
A 1 13  VAL 13  13  13  VAL VAL A . n 
A 1 14  THR 14  14  14  THR THR A . n 
A 1 15  ALA 15  15  15  ALA ALA A . n 
A 1 16  VAL 16  16  16  VAL VAL A . n 
A 1 17  LYS 17  17  17  LYS LYS A . n 
A 1 18  ASP 18  18  18  ASP ASP A . n 
A 1 19  GLN 19  19  19  GLN GLN A . n 
A 1 20  GLY 20  20  20  GLY GLY A . n 
A 1 21  GLN 21  21  21  GLN GLN A . n 
A 1 22  CYS 22  22  22  CYS CYS A . n 
A 1 23  GLY 23  23  23  GLY GLY A . n 
A 1 24  SER 24  24  24  SER SER A . n 
A 1 25  CYS 25  25  25  CYS CYS A . n 
A 1 26  TRP 26  26  26  TRP TRP A . n 
A 1 27  ALA 27  27  27  ALA ALA A . n 
A 1 28  PHE 28  28  28  PHE PHE A . n 
A 1 29  SER 29  29  29  SER SER A . n 
A 1 30  ALA 30  30  30  ALA ALA A . n 
A 1 31  ILE 31  31  31  ILE ILE A . n 
A 1 32  GLY 32  32  32  GLY GLY A . n 
A 1 33  ASN 33  33  33  ASN ASN A . n 
A 1 34  VAL 34  34  34  VAL VAL A . n 
A 1 35  GLU 35  35  35  GLU GLU A . n 
A 1 36  CYS 36  36  36  CYS CYS A . n 
A 1 37  GLN 37  37  37  GLN GLN A . n 
A 1 38  TRP 38  38  38  TRP TRP A . n 
A 1 39  PHE 39  39  39  PHE PHE A . n 
A 1 40  LEU 40  40  40  LEU LEU A . n 
A 1 41  ALA 41  41  41  ALA ALA A . n 
A 1 42  GLY 42  42  42  GLY GLY A . n 
A 1 43  HIS 43  43  43  HIS HIS A . n 
A 1 44  PRO 44  44  44  PRO PRO A . n 
A 1 45  LEU 45  45  45  LEU LEU A . n 
A 1 46  THR 46  46  46  THR THR A . n 
A 1 47  ASN 47  47  47  ASN ASN A . n 
A 1 48  LEU 48  48  48  LEU LEU A . n 
A 1 49  SER 49  49  49  SER SER A . n 
A 1 50  GLU 50  50  50  GLU GLU A . n 
A 1 51  GLN 51  51  51  GLN GLN A . n 
A 1 52  MET 52  52  52  MET MET A . n 
A 1 53  LEU 53  53  53  LEU LEU A . n 
A 1 54  VAL 54  54  54  VAL VAL A . n 
A 1 55  SER 55  55  55  SER SER A . n 
A 1 56  CYS 56  56  56  CYS CYS A . n 
A 1 57  ASP 57  57  57  ASP ASP A . n 
A 1 58  LYS 58  58  58  LYS LYS A . n 
A 1 59  THR 59  59  59  THR THR A . n 
A 1 60  ASP 60  60  60  ASP ASP A . n 
A 1 61  SER 61  61  61  SER SER A . n 
A 1 62  GLY 62  62  62  GLY GLY A . n 
A 1 63  CYS 63  63  63  CYS CYS A . n 
A 1 64  SER 64  64  64  SER SER A . n 
A 1 65  GLY 65  65  65  GLY GLY A . n 
A 1 66  GLY 66  66  66  GLY GLY A . n 
A 1 67  LEU 67  67  67  LEU LEU A . n 
A 1 68  MET 68  68  68  MET MET A . n 
A 1 69  ASN 69  69  69  ASN ASN A . n 
A 1 70  ASN 70  70  70  ASN ASN A . n 
A 1 71  ALA 71  71  71  ALA ALA A . n 
A 1 72  PHE 72  72  72  PHE PHE A . n 
A 1 73  GLU 73  73  73  GLU GLU A . n 
A 1 74  TRP 74  74  74  TRP TRP A . n 
A 1 75  ILE 75  75  75  ILE ILE A . n 
A 1 76  VAL 76  76  76  VAL VAL A . n 
A 1 77  GLN 77  77  77  GLN GLN A . n 
A 1 78  GLU 78  78  78  GLU GLU A . n 
A 1 79  ASN 79  78  78  ASN ASN A A n 
A 1 80  ASN 80  78  78  ASN ASN A B n 
A 1 81  GLY 81  78  78  GLY GLY A C n 
A 1 82  ALA 82  79  79  ALA ALA A . n 
A 1 83  VAL 83  80  80  VAL VAL A . n 
A 1 84  TYR 84  81  81  TYR TYR A . n 
A 1 85  THR 85  82  82  THR THR A . n 
A 1 86  GLU 86  83  83  GLU GLU A . n 
A 1 87  ASP 87  84  84  ASP ASP A . n 
A 1 88  SER 88  85  85  SER SER A . n 
A 1 89  TYR 89  86  86  TYR TYR A . n 
A 1 90  PRO 90  87  87  PRO PRO A . n 
A 1 91  TYR 91  88  88  TYR TYR A . n 
A 1 92  ALA 92  89  89  ALA ALA A . n 
A 1 93  SER 93  89  89  SER SER A A n 
A 1 94  GLY 94  89  89  GLY GLY A B n 
A 1 95  GLU 95  89  89  GLU GLU A C n 
A 1 96  GLY 96  90  90  GLY GLY A . n 
A 1 97  ILE 97  91  91  ILE ILE A . n 
A 1 98  SER 98  92  92  SER SER A . n 
A 1 99  PRO 99  93  93  PRO PRO A . n 
A 1 100 PRO 100 94  94  PRO PRO A . n 
A 1 101 CYS 101 95  95  CYS CYS A . n 
A 1 102 THR 102 96  96  THR THR A . n 
A 1 103 THR 103 97  97  THR THR A . n 
A 1 104 SER 104 98  98  SER SER A . n 
A 1 105 GLY 105 99  99  GLY GLY A . n 
A 1 106 HIS 106 100 100 HIS HIS A . n 
A 1 107 THR 107 101 101 THR THR A . n 
A 1 108 VAL 108 102 102 VAL VAL A . n 
A 1 109 GLY 109 103 103 GLY GLY A . n 
A 1 110 ALA 110 105 105 ALA ALA A . n 
A 1 111 THR 111 106 106 THR THR A . n 
A 1 112 ILE 112 107 107 ILE ILE A . n 
A 1 113 THR 113 108 108 THR THR A . n 
A 1 114 GLY 114 109 109 GLY GLY A . n 
A 1 115 HIS 115 110 110 HIS HIS A . n 
A 1 116 VAL 116 111 111 VAL VAL A . n 
A 1 117 GLU 117 112 112 GLU GLU A . n 
A 1 118 LEU 118 113 113 LEU LEU A . n 
A 1 119 PRO 119 114 114 PRO PRO A . n 
A 1 120 GLN 120 115 115 GLN GLN A . n 
A 1 121 ASP 121 116 116 ASP ASP A . n 
A 1 122 GLU 122 117 117 GLU GLU A . n 
A 1 123 ALA 123 118 118 ALA ALA A . n 
A 1 124 GLN 124 119 119 GLN GLN A . n 
A 1 125 ILE 125 120 120 ILE ILE A . n 
A 1 126 ALA 126 121 121 ALA ALA A . n 
A 1 127 ALA 127 122 122 ALA ALA A . n 
A 1 128 TRP 128 123 123 TRP TRP A . n 
A 1 129 LEU 129 124 124 LEU LEU A . n 
A 1 130 ALA 130 125 125 ALA ALA A . n 
A 1 131 VAL 131 126 126 VAL VAL A . n 
A 1 132 ASN 132 127 127 ASN ASN A . n 
A 1 133 GLY 133 128 128 GLY GLY A . n 
A 1 134 PRO 134 129 129 PRO PRO A . n 
A 1 135 VAL 135 130 130 VAL VAL A . n 
A 1 136 ALA 136 131 131 ALA ALA A . n 
A 1 137 VAL 137 132 132 VAL VAL A . n 
A 1 138 ALA 138 133 133 ALA ALA A . n 
A 1 139 VAL 139 134 134 VAL VAL A . n 
A 1 140 ASP 140 135 135 ASP ASP A . n 
A 1 141 ALA 141 136 136 ALA ALA A . n 
A 1 142 SER 142 139 139 SER SER A . n 
A 1 143 SER 143 140 140 SER SER A . n 
A 1 144 TRP 144 141 141 TRP TRP A . n 
A 1 145 MET 145 142 142 MET MET A . n 
A 1 146 THR 146 143 143 THR THR A . n 
A 1 147 TYR 147 144 144 TYR TYR A . n 
A 1 148 THR 148 145 145 THR THR A . n 
A 1 149 GLY 149 146 146 GLY GLY A . n 
A 1 150 GLY 150 147 147 GLY GLY A . n 
A 1 151 VAL 151 148 148 VAL VAL A . n 
A 1 152 MET 152 149 149 MET MET A . n 
A 1 153 THR 153 151 151 THR THR A . n 
A 1 154 SER 154 152 152 SER SER A . n 
A 1 155 CYS 155 153 153 CYS CYS A . n 
A 1 156 VAL 156 154 154 VAL VAL A . n 
A 1 157 SER 157 155 155 SER SER A . n 
A 1 158 GLU 158 156 156 GLU GLU A . n 
A 1 159 GLN 159 156 156 GLN GLN A A n 
A 1 160 LEU 160 157 157 LEU LEU A . n 
A 1 161 ASP 161 158 158 ASP ASP A . n 
A 1 162 HIS 162 159 159 HIS HIS A . n 
A 1 163 GLY 163 160 160 GLY GLY A . n 
A 1 164 VAL 164 161 161 VAL VAL A . n 
A 1 165 LEU 165 162 162 LEU LEU A . n 
A 1 166 LEU 166 163 163 LEU LEU A . n 
A 1 167 VAL 167 164 164 VAL VAL A . n 
A 1 168 GLY 168 165 165 GLY GLY A . n 
A 1 169 TYR 169 166 166 TYR TYR A . n 
A 1 170 ASN 170 167 167 ASN ASN A . n 
A 1 171 ASP 171 167 167 ASP ASP A A n 
A 1 172 SER 172 167 167 SER SER A B n 
A 1 173 ALA 173 167 167 ALA ALA A C n 
A 1 174 ALA 174 167 167 ALA ALA A D n 
A 1 175 VAL 175 168 168 VAL VAL A . n 
A 1 176 PRO 176 169 169 PRO PRO A . n 
A 1 177 TYR 177 170 170 TYR TYR A . n 
A 1 178 TRP 178 171 171 TRP TRP A . n 
A 1 179 ILE 179 172 172 ILE ILE A . n 
A 1 180 ILE 180 173 173 ILE ILE A . n 
A 1 181 LYS 181 174 174 LYS LYS A . n 
A 1 182 ASN 182 175 175 ASN ASN A . n 
A 1 183 SER 183 176 176 SER SER A . n 
A 1 184 TRP 184 177 177 TRP TRP A . n 
A 1 185 THR 185 178 178 THR THR A . n 
A 1 186 THR 186 179 179 THR THR A . n 
A 1 187 GLN 187 180 180 GLN GLN A . n 
A 1 188 TRP 188 181 181 TRP TRP A . n 
A 1 189 GLY 189 182 182 GLY GLY A . n 
A 1 190 GLU 190 183 183 GLU GLU A . n 
A 1 191 GLU 191 184 184 GLU GLU A . n 
A 1 192 GLY 192 185 185 GLY GLY A . n 
A 1 193 TYR 193 186 186 TYR TYR A . n 
A 1 194 ILE 194 187 187 ILE ILE A . n 
A 1 195 ARG 195 188 188 ARG ARG A . n 
A 1 196 ILE 196 189 189 ILE ILE A . n 
A 1 197 ALA 197 190 190 ALA ALA A . n 
A 1 198 LYS 198 191 191 LYS LYS A . n 
A 1 199 GLY 199 192 192 GLY GLY A . n 
A 1 200 SER 200 193 193 SER SER A . n 
A 1 201 ASN 201 198 198 ASN ASN A . n 
A 1 202 GLN 202 199 199 GLN GLN A . n 
A 1 203 CYS 203 200 200 CYS CYS A . n 
A 1 204 LEU 204 201 201 LEU LEU A . n 
A 1 205 VAL 205 202 202 VAL VAL A . n 
A 1 206 LYS 206 203 203 LYS LYS A . n 
A 1 207 GLU 207 204 204 GLU GLU A . n 
A 1 208 GLU 208 205 205 GLU GLU A . n 
A 1 209 ALA 209 206 206 ALA ALA A . n 
A 1 210 SER 210 207 207 SER SER A . n 
A 1 211 SER 211 208 208 SER SER A . n 
A 1 212 ALA 212 209 209 ALA ALA A . n 
A 1 213 VAL 213 210 210 VAL VAL A . n 
A 1 214 VAL 214 211 211 VAL VAL A . n 
A 1 215 GLY 215 212 212 GLY GLY A . n 
# 
loop_
_pdbx_nonpoly_scheme.asym_id 
_pdbx_nonpoly_scheme.entity_id 
_pdbx_nonpoly_scheme.mon_id 
_pdbx_nonpoly_scheme.ndb_seq_num 
_pdbx_nonpoly_scheme.pdb_seq_num 
_pdbx_nonpoly_scheme.auth_seq_num 
_pdbx_nonpoly_scheme.pdb_mon_id 
_pdbx_nonpoly_scheme.auth_mon_id 
_pdbx_nonpoly_scheme.pdb_strand_id 
_pdbx_nonpoly_scheme.pdb_ins_code 
B 2 VS4 1  300 300 VS4 VS4 A . 
C 3 HOH 1  301 1   HOH HOH A . 
C 3 HOH 2  302 2   HOH HOH A . 
C 3 HOH 3  303 3   HOH HOH A . 
C 3 HOH 4  304 4   HOH HOH A . 
C 3 HOH 5  305 5   HOH HOH A . 
C 3 HOH 6  306 6   HOH HOH A . 
C 3 HOH 7  307 7   HOH HOH A . 
C 3 HOH 8  308 8   HOH HOH A . 
C 3 HOH 9  309 9   HOH HOH A . 
C 3 HOH 10 310 10  HOH HOH A . 
C 3 HOH 11 311 11  HOH HOH A . 
C 3 HOH 12 312 12  HOH HOH A . 
C 3 HOH 13 313 13  HOH HOH A . 
C 3 HOH 14 314 14  HOH HOH A . 
C 3 HOH 15 315 15  HOH HOH A . 
C 3 HOH 16 316 16  HOH HOH A . 
C 3 HOH 17 317 17  HOH HOH A . 
C 3 HOH 18 318 18  HOH HOH A . 
C 3 HOH 19 319 19  HOH HOH A . 
C 3 HOH 20 320 20  HOH HOH A . 
C 3 HOH 21 321 21  HOH HOH A . 
C 3 HOH 22 322 22  HOH HOH A . 
C 3 HOH 23 323 23  HOH HOH A . 
C 3 HOH 24 324 24  HOH HOH A . 
C 3 HOH 25 325 25  HOH HOH A . 
C 3 HOH 26 326 26  HOH HOH A . 
C 3 HOH 27 327 27  HOH HOH A . 
C 3 HOH 28 328 28  HOH HOH A . 
C 3 HOH 29 329 29  HOH HOH A . 
C 3 HOH 30 330 30  HOH HOH A . 
C 3 HOH 31 331 31  HOH HOH A . 
C 3 HOH 32 332 32  HOH HOH A . 
C 3 HOH 33 333 33  HOH HOH A . 
C 3 HOH 34 334 34  HOH HOH A . 
C 3 HOH 35 335 35  HOH HOH A . 
C 3 HOH 36 336 36  HOH HOH A . 
C 3 HOH 37 337 37  HOH HOH A . 
C 3 HOH 38 338 38  HOH HOH A . 
C 3 HOH 39 339 39  HOH HOH A . 
C 3 HOH 40 340 40  HOH HOH A . 
C 3 HOH 41 341 41  HOH HOH A . 
C 3 HOH 42 342 42  HOH HOH A . 
C 3 HOH 43 343 43  HOH HOH A . 
C 3 HOH 44 344 44  HOH HOH A . 
C 3 HOH 45 345 45  HOH HOH A . 
C 3 HOH 46 346 46  HOH HOH A . 
C 3 HOH 47 347 47  HOH HOH A . 
C 3 HOH 48 348 48  HOH HOH A . 
C 3 HOH 49 349 49  HOH HOH A . 
C 3 HOH 50 350 50  HOH HOH A . 
C 3 HOH 51 351 51  HOH HOH A . 
C 3 HOH 52 352 52  HOH HOH A . 
C 3 HOH 53 353 53  HOH HOH A . 
C 3 HOH 54 354 54  HOH HOH A . 
C 3 HOH 55 355 55  HOH HOH A . 
C 3 HOH 56 356 56  HOH HOH A . 
C 3 HOH 57 357 57  HOH HOH A . 
C 3 HOH 58 358 58  HOH HOH A . 
C 3 HOH 59 359 59  HOH HOH A . 
C 3 HOH 60 360 60  HOH HOH A . 
C 3 HOH 61 361 61  HOH HOH A . 
C 3 HOH 62 362 62  HOH HOH A . 
C 3 HOH 63 363 63  HOH HOH A . 
C 3 HOH 64 364 64  HOH HOH A . 
C 3 HOH 65 365 65  HOH HOH A . 
C 3 HOH 66 366 66  HOH HOH A . 
C 3 HOH 67 367 67  HOH HOH A . 
C 3 HOH 68 368 68  HOH HOH A . 
C 3 HOH 69 369 69  HOH HOH A . 
C 3 HOH 70 370 70  HOH HOH A . 
C 3 HOH 71 371 71  HOH HOH A . 
C 3 HOH 72 372 72  HOH HOH A . 
C 3 HOH 73 373 73  HOH HOH A . 
C 3 HOH 74 374 74  HOH HOH A . 
C 3 HOH 75 375 75  HOH HOH A . 
C 3 HOH 76 376 76  HOH HOH A . 
C 3 HOH 77 377 77  HOH HOH A . 
C 3 HOH 78 378 78  HOH HOH A . 
C 3 HOH 79 379 79  HOH HOH A . 
C 3 HOH 80 380 80  HOH HOH A . 
C 3 HOH 81 381 81  HOH HOH A . 
C 3 HOH 82 382 82  HOH HOH A . 
C 3 HOH 83 383 83  HOH HOH A . 
C 3 HOH 84 384 84  HOH HOH A . 
C 3 HOH 85 385 85  HOH HOH A . 
C 3 HOH 86 386 86  HOH HOH A . 
C 3 HOH 87 387 87  HOH HOH A . 
# 
loop_
_software.name 
_software.classification 
_software.version 
_software.citation_id 
_software.pdbx_ordinal 
DENZO     'data reduction' .     ? 1 
SCALEPACK 'data scaling'   .     ? 2 
X-PLOR    'model building' .     ? 3 
X-PLOR    refinement       3.843 ? 4 
X-PLOR    phasing          .     ? 5 
# 
_cell.entry_id           1F2C 
_cell.length_a           36.020 
_cell.length_b           51.590 
_cell.length_c           54.160 
_cell.angle_alpha        90.00 
_cell.angle_beta         99.74 
_cell.angle_gamma        90.00 
_cell.Z_PDB              2 
_cell.pdbx_unique_axis   ? 
# 
_symmetry.entry_id                         1F2C 
_symmetry.space_group_name_H-M             'P 1 21 1' 
_symmetry.pdbx_full_space_group_name_H-M   ? 
_symmetry.cell_setting                     ? 
_symmetry.Int_Tables_number                4 
# 
_exptl.entry_id          1F2C 
_exptl.method            'X-RAY DIFFRACTION' 
_exptl.crystals_number   1 
# 
_exptl_crystal.id                    1 
_exptl_crystal.density_meas          ? 
_exptl_crystal.density_percent_sol   43.65 
_exptl_crystal.density_Matthews      2.18 
_exptl_crystal.description           ? 
# 
_exptl_crystal_grow.crystal_id      1 
_exptl_crystal_grow.method          'VAPOR DIFFUSION, HANGING DROP' 
_exptl_crystal_grow.pH              6.0 
_exptl_crystal_grow.temp            291 
_exptl_crystal_grow.temp_details    ? 
_exptl_crystal_grow.pdbx_details    'Sodium Citrate, pH 6.0, VAPOR DIFFUSION, HANGING DROP, temperature 291K' 
_exptl_crystal_grow.pdbx_pH_range   ? 
# 
_diffrn.id                     1 
_diffrn.ambient_temp           298.0 
_diffrn.ambient_temp_details   ? 
_diffrn.crystal_id             1 
# 
_diffrn_detector.diffrn_id              1 
_diffrn_detector.detector               'IMAGE PLATE' 
_diffrn_detector.type                   MARRESEARCH 
_diffrn_detector.pdbx_collection_date   1998-09-25 
_diffrn_detector.details                ? 
# 
_diffrn_radiation.diffrn_id                        1 
_diffrn_radiation.wavelength_id                    1 
_diffrn_radiation.monochromator                    ? 
_diffrn_radiation.pdbx_monochromatic_or_laue_m_l   M 
_diffrn_radiation.pdbx_diffrn_protocol             'SINGLE WAVELENGTH' 
_diffrn_radiation.pdbx_scattering_type             x-ray 
# 
_diffrn_radiation_wavelength.id           1 
_diffrn_radiation_wavelength.wavelength   1.5418 
_diffrn_radiation_wavelength.wt           1.0 
# 
_diffrn_source.diffrn_id                   1 
_diffrn_source.source                      'ROTATING ANODE' 
_diffrn_source.type                        'RIGAKU RU200' 
_diffrn_source.pdbx_wavelength             1.5418 
_diffrn_source.pdbx_synchrotron_site       ? 
_diffrn_source.pdbx_synchrotron_beamline   ? 
_diffrn_source.pdbx_wavelength_list        ? 
# 
_reflns.entry_id                     1F2C 
_reflns.observed_criterion_sigma_I   0.0 
_reflns.observed_criterion_sigma_F   0.0 
_reflns.d_resolution_low             30.0 
_reflns.d_resolution_high            2.0 
_reflns.number_obs                   12860 
_reflns.number_all                   13369 
_reflns.percent_possible_obs         96.3 
_reflns.pdbx_Rmerge_I_obs            0.118 
_reflns.pdbx_Rsym_value              ? 
_reflns.pdbx_netI_over_sigmaI        9.7 
_reflns.B_iso_Wilson_estimate        9.8 
_reflns.pdbx_redundancy              4.6 
_reflns.R_free_details               ? 
_reflns.limit_h_max                  ? 
_reflns.limit_h_min                  ? 
_reflns.limit_k_max                  ? 
_reflns.limit_k_min                  ? 
_reflns.limit_l_max                  ? 
_reflns.limit_l_min                  ? 
_reflns.observed_criterion_F_max     ? 
_reflns.observed_criterion_F_min     ? 
_reflns.pdbx_diffrn_id               1 
_reflns.pdbx_ordinal                 1 
# 
_reflns_shell.d_res_high             2.0 
_reflns_shell.d_res_low              2.06 
_reflns_shell.percent_possible_obs   ? 
_reflns_shell.percent_possible_all   95.0 
_reflns_shell.Rmerge_I_obs           0.221 
_reflns_shell.meanI_over_sigI_obs    ? 
_reflns_shell.pdbx_Rsym_value        ? 
_reflns_shell.pdbx_redundancy        3.6 
_reflns_shell.number_unique_all      ? 
_reflns_shell.pdbx_diffrn_id         ? 
_reflns_shell.pdbx_ordinal           1 
# 
_refine.entry_id                                 1F2C 
_refine.ls_number_reflns_obs                     14740 
_refine.ls_number_reflns_all                     13148 
_refine.pdbx_ls_sigma_I                          2.0 
_refine.pdbx_ls_sigma_F                          2.0 
_refine.pdbx_data_cutoff_high_absF               ? 
_refine.pdbx_data_cutoff_low_absF                ? 
_refine.ls_d_res_low                             30.0 
_refine.ls_d_res_high                            2.0 
_refine.ls_percent_reflns_obs                    89.2 
_refine.ls_R_factor_obs                          ? 
_refine.ls_R_factor_all                          ? 
_refine.ls_R_factor_R_work                       0.176 
_refine.ls_R_factor_R_free                       0.226 
_refine.ls_R_factor_R_free_error                 ? 
_refine.ls_R_factor_R_free_error_details         ? 
_refine.ls_percent_reflns_R_free                 ? 
_refine.ls_number_reflns_R_free                  1285 
_refine.ls_number_parameters                     ? 
_refine.ls_number_restraints                     ? 
_refine.occupancy_min                            ? 
_refine.occupancy_max                            ? 
_refine.B_iso_mean                               ? 
_refine.aniso_B[1][1]                            ? 
_refine.aniso_B[2][2]                            ? 
_refine.aniso_B[3][3]                            ? 
_refine.aniso_B[1][2]                            ? 
_refine.aniso_B[1][3]                            ? 
_refine.aniso_B[2][3]                            ? 
_refine.solvent_model_details                    ? 
_refine.solvent_model_param_ksol                 ? 
_refine.solvent_model_param_bsol                 ? 
_refine.pdbx_ls_cross_valid_method               ? 
_refine.details                                  ? 
_refine.pdbx_starting_model                      ? 
_refine.pdbx_method_to_determine_struct          ? 
_refine.pdbx_isotropic_thermal_model             ? 
_refine.pdbx_stereochemistry_target_values       'Engh & Huber' 
_refine.pdbx_stereochem_target_val_spec_case     ? 
_refine.pdbx_R_Free_selection_details            random 
_refine.pdbx_overall_ESU_R_Free                  ? 
_refine.overall_SU_B                             ? 
_refine.ls_redundancy_reflns_obs                 ? 
_refine.B_iso_min                                ? 
_refine.B_iso_max                                ? 
_refine.overall_SU_ML                            ? 
_refine.pdbx_overall_ESU_R                       ? 
_refine.pdbx_data_cutoff_high_rms_absF           ? 
_refine.pdbx_refine_id                           'X-RAY DIFFRACTION' 
_refine.pdbx_diffrn_id                           1 
_refine.pdbx_TLS_residual_ADP_flag               ? 
_refine.correlation_coeff_Fo_to_Fc               ? 
_refine.correlation_coeff_Fo_to_Fc_free          ? 
_refine.pdbx_solvent_vdw_probe_radii             ? 
_refine.pdbx_solvent_ion_probe_radii             ? 
_refine.pdbx_solvent_shrinkage_radii             ? 
_refine.pdbx_overall_phase_error                 ? 
_refine.overall_SU_R_Cruickshank_DPI             ? 
_refine.pdbx_overall_SU_R_free_Cruickshank_DPI   ? 
_refine.pdbx_overall_SU_R_Blow_DPI               ? 
_refine.pdbx_overall_SU_R_free_Blow_DPI          ? 
# 
_refine_hist.pdbx_refine_id                   'X-RAY DIFFRACTION' 
_refine_hist.cycle_id                         LAST 
_refine_hist.pdbx_number_atoms_protein        1593 
_refine_hist.pdbx_number_atoms_nucleic_acid   0 
_refine_hist.pdbx_number_atoms_ligand         44 
_refine_hist.number_atoms_solvent             87 
_refine_hist.number_atoms_total               1724 
_refine_hist.d_res_high                       2.0 
_refine_hist.d_res_low                        30.0 
# 
loop_
_refine_ls_restr.type 
_refine_ls_restr.dev_ideal 
_refine_ls_restr.dev_ideal_target 
_refine_ls_restr.weight 
_refine_ls_restr.number 
_refine_ls_restr.pdbx_refine_id 
_refine_ls_restr.pdbx_restraint_function 
x_bond_d           0.006 ? ? ? 'X-RAY DIFFRACTION' ? 
x_angle_deg        1.4   ? ? ? 'X-RAY DIFFRACTION' ? 
x_dihedral_angle_d 24.1  ? ? ? 'X-RAY DIFFRACTION' ? 
x_improper_angle_d 0.98  ? ? ? 'X-RAY DIFFRACTION' ? 
# 
_struct.entry_id                  1F2C 
_struct.title                     'CRYSTAL STRUCTURE ANALYSIS OF CRYZAIN BOUND TO VINYL SULFONE DERIVED INHIBITOR (IV)' 
_struct.pdbx_model_details        ? 
_struct.pdbx_CASP_flag            ? 
_struct.pdbx_model_type_details   ? 
# 
_struct_keywords.entry_id        1F2C 
_struct_keywords.pdbx_keywords   HYDROLASE 
_struct_keywords.text            
;cysteine protease, covalent inhibitor, vinyl sulfonamide derived, P1' pocket, HYDROLASE
;
# 
loop_
_struct_asym.id 
_struct_asym.pdbx_blank_PDB_chainid_flag 
_struct_asym.pdbx_modified 
_struct_asym.entity_id 
_struct_asym.details 
A N N 1 ? 
B N N 2 ? 
C N N 3 ? 
# 
_struct_ref.id                         1 
_struct_ref.db_code                    CYSP_TRYCR 
_struct_ref.db_name                    UNP 
_struct_ref.entity_id                  1 
_struct_ref.pdbx_db_accession          P25779 
_struct_ref.pdbx_align_begin           123 
_struct_ref.pdbx_seq_one_letter_code   
;APAAVDWRARGAVTAVKDQGQCGSCWAFSAIGNVECQWFLAGHPLTNLSEQMLVSCDKTDSGCSGGLMNNAFEWIVQENN
GAVYTEDSYPYASGEGISPPCTTSGHTVGATITGHVELPQDEAQIAAWLAVNGPVAVAVDASSWMTYTGGVMTSCVSEQL
DHGVLLVGYNDSAAVPYWIIKNSWTTQWGEEGYIRIAKGSNQCLVKEEASSAVVG
;
_struct_ref.pdbx_db_isoform            ? 
# 
_struct_ref_seq.align_id                      1 
_struct_ref_seq.ref_id                        1 
_struct_ref_seq.pdbx_PDB_id_code              1F2C 
_struct_ref_seq.pdbx_strand_id                A 
_struct_ref_seq.seq_align_beg                 1 
_struct_ref_seq.pdbx_seq_align_beg_ins_code   ? 
_struct_ref_seq.seq_align_end                 215 
_struct_ref_seq.pdbx_seq_align_end_ins_code   ? 
_struct_ref_seq.pdbx_db_accession             P25779 
_struct_ref_seq.db_align_beg                  123 
_struct_ref_seq.pdbx_db_align_beg_ins_code    ? 
_struct_ref_seq.db_align_end                  337 
_struct_ref_seq.pdbx_db_align_end_ins_code    ? 
_struct_ref_seq.pdbx_auth_seq_align_beg       1 
_struct_ref_seq.pdbx_auth_seq_align_end       212 
# 
_pdbx_struct_assembly.id                   1 
_pdbx_struct_assembly.details              author_defined_assembly 
_pdbx_struct_assembly.method_details       ? 
_pdbx_struct_assembly.oligomeric_details   monomeric 
_pdbx_struct_assembly.oligomeric_count     1 
# 
_pdbx_struct_assembly_gen.assembly_id       1 
_pdbx_struct_assembly_gen.oper_expression   1 
_pdbx_struct_assembly_gen.asym_id_list      A,B,C 
# 
_pdbx_struct_oper_list.id                   1 
_pdbx_struct_oper_list.type                 'identity operation' 
_pdbx_struct_oper_list.name                 1_555 
_pdbx_struct_oper_list.symmetry_operation   x,y,z 
_pdbx_struct_oper_list.matrix[1][1]         1.0000000000 
_pdbx_struct_oper_list.matrix[1][2]         0.0000000000 
_pdbx_struct_oper_list.matrix[1][3]         0.0000000000 
_pdbx_struct_oper_list.vector[1]            0.0000000000 
_pdbx_struct_oper_list.matrix[2][1]         0.0000000000 
_pdbx_struct_oper_list.matrix[2][2]         1.0000000000 
_pdbx_struct_oper_list.matrix[2][3]         0.0000000000 
_pdbx_struct_oper_list.vector[2]            0.0000000000 
_pdbx_struct_oper_list.matrix[3][1]         0.0000000000 
_pdbx_struct_oper_list.matrix[3][2]         0.0000000000 
_pdbx_struct_oper_list.matrix[3][3]         1.0000000000 
_pdbx_struct_oper_list.vector[3]            0.0000000000 
# 
loop_
_struct_conf.conf_type_id 
_struct_conf.id 
_struct_conf.pdbx_PDB_helix_id 
_struct_conf.beg_label_comp_id 
_struct_conf.beg_label_asym_id 
_struct_conf.beg_label_seq_id 
_struct_conf.pdbx_beg_PDB_ins_code 
_struct_conf.end_label_comp_id 
_struct_conf.end_label_asym_id 
_struct_conf.end_label_seq_id 
_struct_conf.pdbx_end_PDB_ins_code 
_struct_conf.beg_auth_comp_id 
_struct_conf.beg_auth_asym_id 
_struct_conf.beg_auth_seq_id 
_struct_conf.end_auth_comp_id 
_struct_conf.end_auth_asym_id 
_struct_conf.end_auth_seq_id 
_struct_conf.pdbx_PDB_helix_class 
_struct_conf.details 
_struct_conf.pdbx_PDB_helix_length 
HELX_P HELX_P1 1 SER A 24  ? ALA A 41  ? SER A 24  ALA A 41  1 ? 18 
HELX_P HELX_P2 2 SER A 49  ? ASP A 57  ? SER A 49  ASP A 57  1 ? 9  
HELX_P HELX_P3 3 SER A 61  ? CYS A 63  ? SER A 61  CYS A 63  5 ? 3  
HELX_P HELX_P4 5 ASP A 121 ? GLY A 133 ? ASP A 116 GLY A 128 1 ? 13 
HELX_P HELX_P5 6 ALA A 141 ? TYR A 147 ? ALA A 136 TYR A 144 5 ? 7  
HELX_P HELX_P6 7 ASN A 201 ? VAL A 205 ? ASN A 198 VAL A 202 5 ? 5  
# 
_struct_conf_type.id          HELX_P 
_struct_conf_type.criteria    ? 
_struct_conf_type.reference   ? 
# 
loop_
_struct_conn.id 
_struct_conn.conn_type_id 
_struct_conn.pdbx_leaving_atom_flag 
_struct_conn.pdbx_PDB_id 
_struct_conn.ptnr1_label_asym_id 
_struct_conn.ptnr1_label_comp_id 
_struct_conn.ptnr1_label_seq_id 
_struct_conn.ptnr1_label_atom_id 
_struct_conn.pdbx_ptnr1_label_alt_id 
_struct_conn.pdbx_ptnr1_PDB_ins_code 
_struct_conn.pdbx_ptnr1_standard_comp_id 
_struct_conn.ptnr1_symmetry 
_struct_conn.ptnr2_label_asym_id 
_struct_conn.ptnr2_label_comp_id 
_struct_conn.ptnr2_label_seq_id 
_struct_conn.ptnr2_label_atom_id 
_struct_conn.pdbx_ptnr2_label_alt_id 
_struct_conn.pdbx_ptnr2_PDB_ins_code 
_struct_conn.ptnr1_auth_asym_id 
_struct_conn.ptnr1_auth_comp_id 
_struct_conn.ptnr1_auth_seq_id 
_struct_conn.ptnr2_auth_asym_id 
_struct_conn.ptnr2_auth_comp_id 
_struct_conn.ptnr2_auth_seq_id 
_struct_conn.ptnr2_symmetry 
_struct_conn.pdbx_ptnr3_label_atom_id 
_struct_conn.pdbx_ptnr3_label_seq_id 
_struct_conn.pdbx_ptnr3_label_comp_id 
_struct_conn.pdbx_ptnr3_label_asym_id 
_struct_conn.pdbx_ptnr3_label_alt_id 
_struct_conn.pdbx_ptnr3_PDB_ins_code 
_struct_conn.details 
_struct_conn.pdbx_dist_value 
_struct_conn.pdbx_value_order 
_struct_conn.pdbx_role 
disulf1 disulf ?    ? A CYS 22  SG ? ? ? 1_555 A CYS 63  SG  ? ? A CYS 22  A CYS 63  1_555 ? ? ? ? ? ? ? 2.032 ? ? 
disulf2 disulf ?    ? A CYS 56  SG ? ? ? 1_555 A CYS 101 SG  ? ? A CYS 56  A CYS 95  1_555 ? ? ? ? ? ? ? 2.029 ? ? 
disulf3 disulf ?    ? A CYS 155 SG ? ? ? 1_555 A CYS 203 SG  ? ? A CYS 153 A CYS 200 1_555 ? ? ? ? ? ? ? 2.030 ? ? 
covale1 covale none ? A CYS 25  SG ? ? ? 1_555 B VS4 .   C27 ? ? A CYS 25  A VS4 300 1_555 ? ? ? ? ? ? ? 1.835 ? ? 
# 
loop_
_struct_conn_type.id 
_struct_conn_type.criteria 
_struct_conn_type.reference 
disulf ? ? 
covale ? ? 
# 
loop_
_pdbx_modification_feature.ordinal 
_pdbx_modification_feature.label_comp_id 
_pdbx_modification_feature.label_asym_id 
_pdbx_modification_feature.label_seq_id 
_pdbx_modification_feature.label_alt_id 
_pdbx_modification_feature.modified_residue_label_comp_id 
_pdbx_modification_feature.modified_residue_label_asym_id 
_pdbx_modification_feature.modified_residue_label_seq_id 
_pdbx_modification_feature.modified_residue_label_alt_id 
_pdbx_modification_feature.auth_comp_id 
_pdbx_modification_feature.auth_asym_id 
_pdbx_modification_feature.auth_seq_id 
_pdbx_modification_feature.PDB_ins_code 
_pdbx_modification_feature.symmetry 
_pdbx_modification_feature.modified_residue_auth_comp_id 
_pdbx_modification_feature.modified_residue_auth_asym_id 
_pdbx_modification_feature.modified_residue_auth_seq_id 
_pdbx_modification_feature.modified_residue_PDB_ins_code 
_pdbx_modification_feature.modified_residue_symmetry 
_pdbx_modification_feature.comp_id_linking_atom 
_pdbx_modification_feature.modified_residue_id_linking_atom 
_pdbx_modification_feature.modified_residue_id 
_pdbx_modification_feature.ref_pcm_id 
_pdbx_modification_feature.ref_comp_id 
_pdbx_modification_feature.type 
_pdbx_modification_feature.category 
1 VS4 B .   ? CYS A 25  ? VS4 A 300 ? 1_555 CYS A 25  ? 1_555 C27 SG CYS 1 VS4 None 'Covalent chemical modification' 
2 CYS A 22  ? CYS A 63  ? CYS A 22  ? 1_555 CYS A 63  ? 1_555 SG  SG .   . .   None 'Disulfide bridge'               
3 CYS A 56  ? CYS A 101 ? CYS A 56  ? 1_555 CYS A 95  ? 1_555 SG  SG .   . .   None 'Disulfide bridge'               
4 CYS A 155 ? CYS A 203 ? CYS A 153 ? 1_555 CYS A 200 ? 1_555 SG  SG .   . .   None 'Disulfide bridge'               
# 
loop_
_struct_sheet.id 
_struct_sheet.type 
_struct_sheet.number_strands 
_struct_sheet.details 
A ? 5 ? 
B ? 7 ? 
C ? 2 ? 
# 
loop_
_struct_sheet_order.sheet_id 
_struct_sheet_order.range_id_1 
_struct_sheet_order.range_id_2 
_struct_sheet_order.offset 
_struct_sheet_order.sense 
A 1 2 ? anti-parallel 
A 2 3 ? anti-parallel 
A 3 4 ? anti-parallel 
A 4 5 ? anti-parallel 
B 1 2 ? anti-parallel 
B 2 3 ? anti-parallel 
B 3 4 ? anti-parallel 
B 4 5 ? anti-parallel 
B 5 6 ? anti-parallel 
B 6 7 ? parallel      
C 1 2 ? anti-parallel 
# 
loop_
_struct_sheet_range.sheet_id 
_struct_sheet_range.id 
_struct_sheet_range.beg_label_comp_id 
_struct_sheet_range.beg_label_asym_id 
_struct_sheet_range.beg_label_seq_id 
_struct_sheet_range.pdbx_beg_PDB_ins_code 
_struct_sheet_range.end_label_comp_id 
_struct_sheet_range.end_label_asym_id 
_struct_sheet_range.end_label_seq_id 
_struct_sheet_range.pdbx_end_PDB_ins_code 
_struct_sheet_range.beg_auth_comp_id 
_struct_sheet_range.beg_auth_asym_id 
_struct_sheet_range.beg_auth_seq_id 
_struct_sheet_range.end_auth_comp_id 
_struct_sheet_range.end_auth_asym_id 
_struct_sheet_range.end_auth_seq_id 
A 1 GLY A 114 ? GLU A 117 ? GLY A 109 GLU A 112 
A 2 ALA A 209 ? VAL A 213 ? ALA A 206 VAL A 210 
A 3 VAL A 135 ? VAL A 139 ? VAL A 130 VAL A 134 
A 4 HIS A 162 ? ASN A 170 ? HIS A 159 ASN A 167 
A 5 ALA A 4   ? ASP A 6   ? ALA A 4   ASP A 6   
B 1 GLY A 114 ? GLU A 117 ? GLY A 109 GLU A 112 
B 2 ALA A 209 ? VAL A 213 ? ALA A 206 VAL A 210 
B 3 VAL A 135 ? VAL A 139 ? VAL A 130 VAL A 134 
B 4 HIS A 162 ? ASN A 170 ? HIS A 159 ASN A 167 
B 5 TYR A 177 ? LYS A 181 ? TYR A 170 LYS A 174 
B 6 TYR A 193 ? ALA A 197 ? TYR A 186 ALA A 190 
B 7 VAL A 151 ? MET A 152 ? VAL A 148 MET A 149 
C 1 ALA A 82  ? TYR A 84  ? ALA A 79  TYR A 81  
C 2 VAL A 108 ? THR A 111 ? VAL A 102 THR A 106 
# 
loop_
_pdbx_struct_sheet_hbond.sheet_id 
_pdbx_struct_sheet_hbond.range_id_1 
_pdbx_struct_sheet_hbond.range_id_2 
_pdbx_struct_sheet_hbond.range_1_label_atom_id 
_pdbx_struct_sheet_hbond.range_1_label_comp_id 
_pdbx_struct_sheet_hbond.range_1_label_asym_id 
_pdbx_struct_sheet_hbond.range_1_label_seq_id 
_pdbx_struct_sheet_hbond.range_1_PDB_ins_code 
_pdbx_struct_sheet_hbond.range_1_auth_atom_id 
_pdbx_struct_sheet_hbond.range_1_auth_comp_id 
_pdbx_struct_sheet_hbond.range_1_auth_asym_id 
_pdbx_struct_sheet_hbond.range_1_auth_seq_id 
_pdbx_struct_sheet_hbond.range_2_label_atom_id 
_pdbx_struct_sheet_hbond.range_2_label_comp_id 
_pdbx_struct_sheet_hbond.range_2_label_asym_id 
_pdbx_struct_sheet_hbond.range_2_label_seq_id 
_pdbx_struct_sheet_hbond.range_2_PDB_ins_code 
_pdbx_struct_sheet_hbond.range_2_auth_atom_id 
_pdbx_struct_sheet_hbond.range_2_auth_comp_id 
_pdbx_struct_sheet_hbond.range_2_auth_asym_id 
_pdbx_struct_sheet_hbond.range_2_auth_seq_id 
A 1 2 N VAL A 116 ? N VAL A 111 O SER A 211 ? O SER A 208 
A 2 3 N SER A 210 ? N SER A 207 O ALA A 136 ? O ALA A 131 
A 3 4 N VAL A 139 ? N VAL A 134 O HIS A 162 ? O HIS A 159 
A 4 5 O TYR A 169 ? O TYR A 166 N VAL A 5   ? N VAL A 5   
B 1 2 N VAL A 116 ? N VAL A 111 O SER A 211 ? O SER A 208 
B 2 3 N SER A 210 ? N SER A 207 O ALA A 136 ? O ALA A 131 
B 3 4 N VAL A 139 ? N VAL A 134 O HIS A 162 ? O HIS A 159 
B 4 5 N ASN A 170 ? N ASN A 167 O TYR A 177 ? O TYR A 170 
B 5 6 N ILE A 180 ? N ILE A 173 O ILE A 194 ? O ILE A 187 
B 6 7 O ARG A 195 ? O ARG A 188 N MET A 152 ? N MET A 149 
C 1 2 O VAL A 83  ? O VAL A 80  N GLY A 109 ? N GLY A 103 
# 
_struct_site.id                   AC1 
_struct_site.pdbx_evidence_code   Software 
_struct_site.pdbx_auth_asym_id    A 
_struct_site.pdbx_auth_comp_id    VS4 
_struct_site.pdbx_auth_seq_id     300 
_struct_site.pdbx_auth_ins_code   ? 
_struct_site.pdbx_num_residues    18 
_struct_site.details              'BINDING SITE FOR RESIDUE VS4 A 300' 
# 
loop_
_struct_site_gen.id 
_struct_site_gen.site_id 
_struct_site_gen.pdbx_num_res 
_struct_site_gen.label_comp_id 
_struct_site_gen.label_asym_id 
_struct_site_gen.label_seq_id 
_struct_site_gen.pdbx_auth_ins_code 
_struct_site_gen.auth_comp_id 
_struct_site_gen.auth_asym_id 
_struct_site_gen.auth_seq_id 
_struct_site_gen.label_atom_id 
_struct_site_gen.label_alt_id 
_struct_site_gen.symmetry 
_struct_site_gen.details 
1  AC1 18 ARG A 10  ? ARG A 10  . ? 1_455 ? 
2  AC1 18 GLN A 19  ? GLN A 19  . ? 1_555 ? 
3  AC1 18 GLY A 23  ? GLY A 23  . ? 1_555 ? 
4  AC1 18 CYS A 25  ? CYS A 25  . ? 1_555 ? 
5  AC1 18 TRP A 26  ? TRP A 26  . ? 1_555 ? 
6  AC1 18 PHE A 39  ? PHE A 39  . ? 1_455 ? 
7  AC1 18 CYS A 63  ? CYS A 63  . ? 1_555 ? 
8  AC1 18 SER A 64  ? SER A 64  . ? 1_555 ? 
9  AC1 18 GLY A 65  ? GLY A 65  . ? 1_555 ? 
10 AC1 18 GLY A 66  ? GLY A 66  . ? 1_555 ? 
11 AC1 18 LEU A 67  ? LEU A 67  . ? 1_555 ? 
12 AC1 18 ALA A 138 ? ALA A 133 . ? 1_555 ? 
13 AC1 18 LEU A 160 ? LEU A 157 . ? 1_555 ? 
14 AC1 18 ASP A 161 ? ASP A 158 . ? 1_555 ? 
15 AC1 18 HIS A 162 ? HIS A 159 . ? 1_555 ? 
16 AC1 18 TRP A 184 ? TRP A 177 . ? 1_555 ? 
17 AC1 18 GLU A 208 ? GLU A 205 . ? 1_555 ? 
18 AC1 18 HOH C .   ? HOH A 348 . ? 1_555 ? 
# 
_pdbx_entry_details.entry_id                   1F2C 
_pdbx_entry_details.compound_details           ? 
_pdbx_entry_details.source_details             ? 
_pdbx_entry_details.nonpolymer_details         ? 
_pdbx_entry_details.sequence_details           ? 
_pdbx_entry_details.has_ligand_of_interest     ? 
_pdbx_entry_details.has_protein_modification   Y 
# 
loop_
_pdbx_validate_torsion.id 
_pdbx_validate_torsion.PDB_model_num 
_pdbx_validate_torsion.auth_comp_id 
_pdbx_validate_torsion.auth_asym_id 
_pdbx_validate_torsion.auth_seq_id 
_pdbx_validate_torsion.PDB_ins_code 
_pdbx_validate_torsion.label_alt_id 
_pdbx_validate_torsion.phi 
_pdbx_validate_torsion.psi 
1 1 SER A 155 ? ? -119.48 79.52  
2 1 ASP A 158 ? ? -149.51 11.41  
3 1 THR A 178 ? ? 68.75   171.69 
4 1 VAL A 211 ? ? -102.65 -71.15 
# 
loop_
_chem_comp_atom.comp_id 
_chem_comp_atom.atom_id 
_chem_comp_atom.type_symbol 
_chem_comp_atom.pdbx_aromatic_flag 
_chem_comp_atom.pdbx_stereo_config 
_chem_comp_atom.pdbx_ordinal 
ALA N    N N N 1   
ALA CA   C N S 2   
ALA C    C N N 3   
ALA O    O N N 4   
ALA CB   C N N 5   
ALA OXT  O N N 6   
ALA H    H N N 7   
ALA H2   H N N 8   
ALA HA   H N N 9   
ALA HB1  H N N 10  
ALA HB2  H N N 11  
ALA HB3  H N N 12  
ALA HXT  H N N 13  
ARG N    N N N 14  
ARG CA   C N S 15  
ARG C    C N N 16  
ARG O    O N N 17  
ARG CB   C N N 18  
ARG CG   C N N 19  
ARG CD   C N N 20  
ARG NE   N N N 21  
ARG CZ   C N N 22  
ARG NH1  N N N 23  
ARG NH2  N N N 24  
ARG OXT  O N N 25  
ARG H    H N N 26  
ARG H2   H N N 27  
ARG HA   H N N 28  
ARG HB2  H N N 29  
ARG HB3  H N N 30  
ARG HG2  H N N 31  
ARG HG3  H N N 32  
ARG HD2  H N N 33  
ARG HD3  H N N 34  
ARG HE   H N N 35  
ARG HH11 H N N 36  
ARG HH12 H N N 37  
ARG HH21 H N N 38  
ARG HH22 H N N 39  
ARG HXT  H N N 40  
ASN N    N N N 41  
ASN CA   C N S 42  
ASN C    C N N 43  
ASN O    O N N 44  
ASN CB   C N N 45  
ASN CG   C N N 46  
ASN OD1  O N N 47  
ASN ND2  N N N 48  
ASN OXT  O N N 49  
ASN H    H N N 50  
ASN H2   H N N 51  
ASN HA   H N N 52  
ASN HB2  H N N 53  
ASN HB3  H N N 54  
ASN HD21 H N N 55  
ASN HD22 H N N 56  
ASN HXT  H N N 57  
ASP N    N N N 58  
ASP CA   C N S 59  
ASP C    C N N 60  
ASP O    O N N 61  
ASP CB   C N N 62  
ASP CG   C N N 63  
ASP OD1  O N N 64  
ASP OD2  O N N 65  
ASP OXT  O N N 66  
ASP H    H N N 67  
ASP H2   H N N 68  
ASP HA   H N N 69  
ASP HB2  H N N 70  
ASP HB3  H N N 71  
ASP HD2  H N N 72  
ASP HXT  H N N 73  
CYS N    N N N 74  
CYS CA   C N R 75  
CYS C    C N N 76  
CYS O    O N N 77  
CYS CB   C N N 78  
CYS SG   S N N 79  
CYS OXT  O N N 80  
CYS H    H N N 81  
CYS H2   H N N 82  
CYS HA   H N N 83  
CYS HB2  H N N 84  
CYS HB3  H N N 85  
CYS HG   H N N 86  
CYS HXT  H N N 87  
GLN N    N N N 88  
GLN CA   C N S 89  
GLN C    C N N 90  
GLN O    O N N 91  
GLN CB   C N N 92  
GLN CG   C N N 93  
GLN CD   C N N 94  
GLN OE1  O N N 95  
GLN NE2  N N N 96  
GLN OXT  O N N 97  
GLN H    H N N 98  
GLN H2   H N N 99  
GLN HA   H N N 100 
GLN HB2  H N N 101 
GLN HB3  H N N 102 
GLN HG2  H N N 103 
GLN HG3  H N N 104 
GLN HE21 H N N 105 
GLN HE22 H N N 106 
GLN HXT  H N N 107 
GLU N    N N N 108 
GLU CA   C N S 109 
GLU C    C N N 110 
GLU O    O N N 111 
GLU CB   C N N 112 
GLU CG   C N N 113 
GLU CD   C N N 114 
GLU OE1  O N N 115 
GLU OE2  O N N 116 
GLU OXT  O N N 117 
GLU H    H N N 118 
GLU H2   H N N 119 
GLU HA   H N N 120 
GLU HB2  H N N 121 
GLU HB3  H N N 122 
GLU HG2  H N N 123 
GLU HG3  H N N 124 
GLU HE2  H N N 125 
GLU HXT  H N N 126 
GLY N    N N N 127 
GLY CA   C N N 128 
GLY C    C N N 129 
GLY O    O N N 130 
GLY OXT  O N N 131 
GLY H    H N N 132 
GLY H2   H N N 133 
GLY HA2  H N N 134 
GLY HA3  H N N 135 
GLY HXT  H N N 136 
HIS N    N N N 137 
HIS CA   C N S 138 
HIS C    C N N 139 
HIS O    O N N 140 
HIS CB   C N N 141 
HIS CG   C Y N 142 
HIS ND1  N Y N 143 
HIS CD2  C Y N 144 
HIS CE1  C Y N 145 
HIS NE2  N Y N 146 
HIS OXT  O N N 147 
HIS H    H N N 148 
HIS H2   H N N 149 
HIS HA   H N N 150 
HIS HB2  H N N 151 
HIS HB3  H N N 152 
HIS HD1  H N N 153 
HIS HD2  H N N 154 
HIS HE1  H N N 155 
HIS HE2  H N N 156 
HIS HXT  H N N 157 
HOH O    O N N 158 
HOH H1   H N N 159 
HOH H2   H N N 160 
ILE N    N N N 161 
ILE CA   C N S 162 
ILE C    C N N 163 
ILE O    O N N 164 
ILE CB   C N S 165 
ILE CG1  C N N 166 
ILE CG2  C N N 167 
ILE CD1  C N N 168 
ILE OXT  O N N 169 
ILE H    H N N 170 
ILE H2   H N N 171 
ILE HA   H N N 172 
ILE HB   H N N 173 
ILE HG12 H N N 174 
ILE HG13 H N N 175 
ILE HG21 H N N 176 
ILE HG22 H N N 177 
ILE HG23 H N N 178 
ILE HD11 H N N 179 
ILE HD12 H N N 180 
ILE HD13 H N N 181 
ILE HXT  H N N 182 
LEU N    N N N 183 
LEU CA   C N S 184 
LEU C    C N N 185 
LEU O    O N N 186 
LEU CB   C N N 187 
LEU CG   C N N 188 
LEU CD1  C N N 189 
LEU CD2  C N N 190 
LEU OXT  O N N 191 
LEU H    H N N 192 
LEU H2   H N N 193 
LEU HA   H N N 194 
LEU HB2  H N N 195 
LEU HB3  H N N 196 
LEU HG   H N N 197 
LEU HD11 H N N 198 
LEU HD12 H N N 199 
LEU HD13 H N N 200 
LEU HD21 H N N 201 
LEU HD22 H N N 202 
LEU HD23 H N N 203 
LEU HXT  H N N 204 
LYS N    N N N 205 
LYS CA   C N S 206 
LYS C    C N N 207 
LYS O    O N N 208 
LYS CB   C N N 209 
LYS CG   C N N 210 
LYS CD   C N N 211 
LYS CE   C N N 212 
LYS NZ   N N N 213 
LYS OXT  O N N 214 
LYS H    H N N 215 
LYS H2   H N N 216 
LYS HA   H N N 217 
LYS HB2  H N N 218 
LYS HB3  H N N 219 
LYS HG2  H N N 220 
LYS HG3  H N N 221 
LYS HD2  H N N 222 
LYS HD3  H N N 223 
LYS HE2  H N N 224 
LYS HE3  H N N 225 
LYS HZ1  H N N 226 
LYS HZ2  H N N 227 
LYS HZ3  H N N 228 
LYS HXT  H N N 229 
MET N    N N N 230 
MET CA   C N S 231 
MET C    C N N 232 
MET O    O N N 233 
MET CB   C N N 234 
MET CG   C N N 235 
MET SD   S N N 236 
MET CE   C N N 237 
MET OXT  O N N 238 
MET H    H N N 239 
MET H2   H N N 240 
MET HA   H N N 241 
MET HB2  H N N 242 
MET HB3  H N N 243 
MET HG2  H N N 244 
MET HG3  H N N 245 
MET HE1  H N N 246 
MET HE2  H N N 247 
MET HE3  H N N 248 
MET HXT  H N N 249 
PHE N    N N N 250 
PHE CA   C N S 251 
PHE C    C N N 252 
PHE O    O N N 253 
PHE CB   C N N 254 
PHE CG   C Y N 255 
PHE CD1  C Y N 256 
PHE CD2  C Y N 257 
PHE CE1  C Y N 258 
PHE CE2  C Y N 259 
PHE CZ   C Y N 260 
PHE OXT  O N N 261 
PHE H    H N N 262 
PHE H2   H N N 263 
PHE HA   H N N 264 
PHE HB2  H N N 265 
PHE HB3  H N N 266 
PHE HD1  H N N 267 
PHE HD2  H N N 268 
PHE HE1  H N N 269 
PHE HE2  H N N 270 
PHE HZ   H N N 271 
PHE HXT  H N N 272 
PRO N    N N N 273 
PRO CA   C N S 274 
PRO C    C N N 275 
PRO O    O N N 276 
PRO CB   C N N 277 
PRO CG   C N N 278 
PRO CD   C N N 279 
PRO OXT  O N N 280 
PRO H    H N N 281 
PRO HA   H N N 282 
PRO HB2  H N N 283 
PRO HB3  H N N 284 
PRO HG2  H N N 285 
PRO HG3  H N N 286 
PRO HD2  H N N 287 
PRO HD3  H N N 288 
PRO HXT  H N N 289 
SER N    N N N 290 
SER CA   C N S 291 
SER C    C N N 292 
SER O    O N N 293 
SER CB   C N N 294 
SER OG   O N N 295 
SER OXT  O N N 296 
SER H    H N N 297 
SER H2   H N N 298 
SER HA   H N N 299 
SER HB2  H N N 300 
SER HB3  H N N 301 
SER HG   H N N 302 
SER HXT  H N N 303 
THR N    N N N 304 
THR CA   C N S 305 
THR C    C N N 306 
THR O    O N N 307 
THR CB   C N R 308 
THR OG1  O N N 309 
THR CG2  C N N 310 
THR OXT  O N N 311 
THR H    H N N 312 
THR H2   H N N 313 
THR HA   H N N 314 
THR HB   H N N 315 
THR HG1  H N N 316 
THR HG21 H N N 317 
THR HG22 H N N 318 
THR HG23 H N N 319 
THR HXT  H N N 320 
TRP N    N N N 321 
TRP CA   C N S 322 
TRP C    C N N 323 
TRP O    O N N 324 
TRP CB   C N N 325 
TRP CG   C Y N 326 
TRP CD1  C Y N 327 
TRP CD2  C Y N 328 
TRP NE1  N Y N 329 
TRP CE2  C Y N 330 
TRP CE3  C Y N 331 
TRP CZ2  C Y N 332 
TRP CZ3  C Y N 333 
TRP CH2  C Y N 334 
TRP OXT  O N N 335 
TRP H    H N N 336 
TRP H2   H N N 337 
TRP HA   H N N 338 
TRP HB2  H N N 339 
TRP HB3  H N N 340 
TRP HD1  H N N 341 
TRP HE1  H N N 342 
TRP HE3  H N N 343 
TRP HZ2  H N N 344 
TRP HZ3  H N N 345 
TRP HH2  H N N 346 
TRP HXT  H N N 347 
TYR N    N N N 348 
TYR CA   C N S 349 
TYR C    C N N 350 
TYR O    O N N 351 
TYR CB   C N N 352 
TYR CG   C Y N 353 
TYR CD1  C Y N 354 
TYR CD2  C Y N 355 
TYR CE1  C Y N 356 
TYR CE2  C Y N 357 
TYR CZ   C Y N 358 
TYR OH   O N N 359 
TYR OXT  O N N 360 
TYR H    H N N 361 
TYR H2   H N N 362 
TYR HA   H N N 363 
TYR HB2  H N N 364 
TYR HB3  H N N 365 
TYR HD1  H N N 366 
TYR HD2  H N N 367 
TYR HE1  H N N 368 
TYR HE2  H N N 369 
TYR HH   H N N 370 
TYR HXT  H N N 371 
VAL N    N N N 372 
VAL CA   C N S 373 
VAL C    C N N 374 
VAL O    O N N 375 
VAL CB   C N N 376 
VAL CG1  C N N 377 
VAL CG2  C N N 378 
VAL OXT  O N N 379 
VAL H    H N N 380 
VAL H2   H N N 381 
VAL HA   H N N 382 
VAL HB   H N N 383 
VAL HG11 H N N 384 
VAL HG12 H N N 385 
VAL HG13 H N N 386 
VAL HG21 H N N 387 
VAL HG22 H N N 388 
VAL HG23 H N N 389 
VAL HXT  H N N 390 
VS4 C8   C N N 391 
VS4 N3   N N N 392 
VS4 C39  C N N 393 
VS4 C40  C N N 394 
VS4 N4   N N N 395 
VS4 C33  C N N 396 
VS4 C49  C N N 397 
VS4 C48  C N N 398 
VS4 O2   O N N 399 
VS4 N1   N N N 400 
VS4 C9   C N S 401 
VS4 C10  C N N 402 
VS4 C11  C Y N 403 
VS4 C12  C Y N 404 
VS4 C13  C Y N 405 
VS4 C14  C Y N 406 
VS4 C15  C Y N 407 
VS4 C16  C Y N 408 
VS4 C17  C N N 409 
VS4 O3   O N N 410 
VS4 N2   N N N 411 
VS4 C18  C N S 412 
VS4 C19  C N N 413 
VS4 C20  C N N 414 
VS4 C21  C Y N 415 
VS4 C22  C Y N 416 
VS4 C23  C Y N 417 
VS4 C24  C Y N 418 
VS4 C25  C Y N 419 
VS4 C26  C Y N 420 
VS4 C28  C N N 421 
VS4 S1   S N N 422 
VS4 N5   N N N 423 
VS4 O6   O N N 424 
VS4 C34  C N N 425 
VS4 C41  C Y N 426 
VS4 C42  C Y N 427 
VS4 C43  C Y N 428 
VS4 C44  C Y N 429 
VS4 C45  C Y N 430 
VS4 C46  C Y N 431 
VS4 O4   O N N 432 
VS4 O5   O N N 433 
VS4 C27  C N N 434 
VS4 H391 H N N 435 
VS4 H392 H N N 436 
VS4 H401 H N N 437 
VS4 H402 H N N 438 
VS4 H331 H N N 439 
VS4 H332 H N N 440 
VS4 H333 H N N 441 
VS4 H491 H N N 442 
VS4 H492 H N N 443 
VS4 H481 H N N 444 
VS4 H482 H N N 445 
VS4 HN11 H N N 446 
VS4 H91  H N N 447 
VS4 H101 H N N 448 
VS4 H102 H N N 449 
VS4 H121 H N N 450 
VS4 H131 H N N 451 
VS4 H141 H N N 452 
VS4 H151 H N N 453 
VS4 H161 H N N 454 
VS4 HN21 H N N 455 
VS4 H181 H N N 456 
VS4 H191 H N N 457 
VS4 H192 H N N 458 
VS4 H201 H N N 459 
VS4 H202 H N N 460 
VS4 H221 H N N 461 
VS4 H231 H N N 462 
VS4 H241 H N N 463 
VS4 H251 H N N 464 
VS4 H261 H N N 465 
VS4 H281 H N N 466 
VS4 H282 H N N 467 
VS4 HN51 H N N 468 
VS4 H341 H N N 469 
VS4 H342 H N N 470 
VS4 H421 H N N 471 
VS4 H431 H N N 472 
VS4 H441 H N N 473 
VS4 H451 H N N 474 
VS4 H461 H N N 475 
VS4 H271 H N N 476 
VS4 H272 H N N 477 
# 
loop_
_chem_comp_bond.comp_id 
_chem_comp_bond.atom_id_1 
_chem_comp_bond.atom_id_2 
_chem_comp_bond.value_order 
_chem_comp_bond.pdbx_aromatic_flag 
_chem_comp_bond.pdbx_stereo_config 
_chem_comp_bond.pdbx_ordinal 
ALA N   CA   sing N N 1   
ALA N   H    sing N N 2   
ALA N   H2   sing N N 3   
ALA CA  C    sing N N 4   
ALA CA  CB   sing N N 5   
ALA CA  HA   sing N N 6   
ALA C   O    doub N N 7   
ALA C   OXT  sing N N 8   
ALA CB  HB1  sing N N 9   
ALA CB  HB2  sing N N 10  
ALA CB  HB3  sing N N 11  
ALA OXT HXT  sing N N 12  
ARG N   CA   sing N N 13  
ARG N   H    sing N N 14  
ARG N   H2   sing N N 15  
ARG CA  C    sing N N 16  
ARG CA  CB   sing N N 17  
ARG CA  HA   sing N N 18  
ARG C   O    doub N N 19  
ARG C   OXT  sing N N 20  
ARG CB  CG   sing N N 21  
ARG CB  HB2  sing N N 22  
ARG CB  HB3  sing N N 23  
ARG CG  CD   sing N N 24  
ARG CG  HG2  sing N N 25  
ARG CG  HG3  sing N N 26  
ARG CD  NE   sing N N 27  
ARG CD  HD2  sing N N 28  
ARG CD  HD3  sing N N 29  
ARG NE  CZ   sing N N 30  
ARG NE  HE   sing N N 31  
ARG CZ  NH1  sing N N 32  
ARG CZ  NH2  doub N N 33  
ARG NH1 HH11 sing N N 34  
ARG NH1 HH12 sing N N 35  
ARG NH2 HH21 sing N N 36  
ARG NH2 HH22 sing N N 37  
ARG OXT HXT  sing N N 38  
ASN N   CA   sing N N 39  
ASN N   H    sing N N 40  
ASN N   H2   sing N N 41  
ASN CA  C    sing N N 42  
ASN CA  CB   sing N N 43  
ASN CA  HA   sing N N 44  
ASN C   O    doub N N 45  
ASN C   OXT  sing N N 46  
ASN CB  CG   sing N N 47  
ASN CB  HB2  sing N N 48  
ASN CB  HB3  sing N N 49  
ASN CG  OD1  doub N N 50  
ASN CG  ND2  sing N N 51  
ASN ND2 HD21 sing N N 52  
ASN ND2 HD22 sing N N 53  
ASN OXT HXT  sing N N 54  
ASP N   CA   sing N N 55  
ASP N   H    sing N N 56  
ASP N   H2   sing N N 57  
ASP CA  C    sing N N 58  
ASP CA  CB   sing N N 59  
ASP CA  HA   sing N N 60  
ASP C   O    doub N N 61  
ASP C   OXT  sing N N 62  
ASP CB  CG   sing N N 63  
ASP CB  HB2  sing N N 64  
ASP CB  HB3  sing N N 65  
ASP CG  OD1  doub N N 66  
ASP CG  OD2  sing N N 67  
ASP OD2 HD2  sing N N 68  
ASP OXT HXT  sing N N 69  
CYS N   CA   sing N N 70  
CYS N   H    sing N N 71  
CYS N   H2   sing N N 72  
CYS CA  C    sing N N 73  
CYS CA  CB   sing N N 74  
CYS CA  HA   sing N N 75  
CYS C   O    doub N N 76  
CYS C   OXT  sing N N 77  
CYS CB  SG   sing N N 78  
CYS CB  HB2  sing N N 79  
CYS CB  HB3  sing N N 80  
CYS SG  HG   sing N N 81  
CYS OXT HXT  sing N N 82  
GLN N   CA   sing N N 83  
GLN N   H    sing N N 84  
GLN N   H2   sing N N 85  
GLN CA  C    sing N N 86  
GLN CA  CB   sing N N 87  
GLN CA  HA   sing N N 88  
GLN C   O    doub N N 89  
GLN C   OXT  sing N N 90  
GLN CB  CG   sing N N 91  
GLN CB  HB2  sing N N 92  
GLN CB  HB3  sing N N 93  
GLN CG  CD   sing N N 94  
GLN CG  HG2  sing N N 95  
GLN CG  HG3  sing N N 96  
GLN CD  OE1  doub N N 97  
GLN CD  NE2  sing N N 98  
GLN NE2 HE21 sing N N 99  
GLN NE2 HE22 sing N N 100 
GLN OXT HXT  sing N N 101 
GLU N   CA   sing N N 102 
GLU N   H    sing N N 103 
GLU N   H2   sing N N 104 
GLU CA  C    sing N N 105 
GLU CA  CB   sing N N 106 
GLU CA  HA   sing N N 107 
GLU C   O    doub N N 108 
GLU C   OXT  sing N N 109 
GLU CB  CG   sing N N 110 
GLU CB  HB2  sing N N 111 
GLU CB  HB3  sing N N 112 
GLU CG  CD   sing N N 113 
GLU CG  HG2  sing N N 114 
GLU CG  HG3  sing N N 115 
GLU CD  OE1  doub N N 116 
GLU CD  OE2  sing N N 117 
GLU OE2 HE2  sing N N 118 
GLU OXT HXT  sing N N 119 
GLY N   CA   sing N N 120 
GLY N   H    sing N N 121 
GLY N   H2   sing N N 122 
GLY CA  C    sing N N 123 
GLY CA  HA2  sing N N 124 
GLY CA  HA3  sing N N 125 
GLY C   O    doub N N 126 
GLY C   OXT  sing N N 127 
GLY OXT HXT  sing N N 128 
HIS N   CA   sing N N 129 
HIS N   H    sing N N 130 
HIS N   H2   sing N N 131 
HIS CA  C    sing N N 132 
HIS CA  CB   sing N N 133 
HIS CA  HA   sing N N 134 
HIS C   O    doub N N 135 
HIS C   OXT  sing N N 136 
HIS CB  CG   sing N N 137 
HIS CB  HB2  sing N N 138 
HIS CB  HB3  sing N N 139 
HIS CG  ND1  sing Y N 140 
HIS CG  CD2  doub Y N 141 
HIS ND1 CE1  doub Y N 142 
HIS ND1 HD1  sing N N 143 
HIS CD2 NE2  sing Y N 144 
HIS CD2 HD2  sing N N 145 
HIS CE1 NE2  sing Y N 146 
HIS CE1 HE1  sing N N 147 
HIS NE2 HE2  sing N N 148 
HIS OXT HXT  sing N N 149 
HOH O   H1   sing N N 150 
HOH O   H2   sing N N 151 
ILE N   CA   sing N N 152 
ILE N   H    sing N N 153 
ILE N   H2   sing N N 154 
ILE CA  C    sing N N 155 
ILE CA  CB   sing N N 156 
ILE CA  HA   sing N N 157 
ILE C   O    doub N N 158 
ILE C   OXT  sing N N 159 
ILE CB  CG1  sing N N 160 
ILE CB  CG2  sing N N 161 
ILE CB  HB   sing N N 162 
ILE CG1 CD1  sing N N 163 
ILE CG1 HG12 sing N N 164 
ILE CG1 HG13 sing N N 165 
ILE CG2 HG21 sing N N 166 
ILE CG2 HG22 sing N N 167 
ILE CG2 HG23 sing N N 168 
ILE CD1 HD11 sing N N 169 
ILE CD1 HD12 sing N N 170 
ILE CD1 HD13 sing N N 171 
ILE OXT HXT  sing N N 172 
LEU N   CA   sing N N 173 
LEU N   H    sing N N 174 
LEU N   H2   sing N N 175 
LEU CA  C    sing N N 176 
LEU CA  CB   sing N N 177 
LEU CA  HA   sing N N 178 
LEU C   O    doub N N 179 
LEU C   OXT  sing N N 180 
LEU CB  CG   sing N N 181 
LEU CB  HB2  sing N N 182 
LEU CB  HB3  sing N N 183 
LEU CG  CD1  sing N N 184 
LEU CG  CD2  sing N N 185 
LEU CG  HG   sing N N 186 
LEU CD1 HD11 sing N N 187 
LEU CD1 HD12 sing N N 188 
LEU CD1 HD13 sing N N 189 
LEU CD2 HD21 sing N N 190 
LEU CD2 HD22 sing N N 191 
LEU CD2 HD23 sing N N 192 
LEU OXT HXT  sing N N 193 
LYS N   CA   sing N N 194 
LYS N   H    sing N N 195 
LYS N   H2   sing N N 196 
LYS CA  C    sing N N 197 
LYS CA  CB   sing N N 198 
LYS CA  HA   sing N N 199 
LYS C   O    doub N N 200 
LYS C   OXT  sing N N 201 
LYS CB  CG   sing N N 202 
LYS CB  HB2  sing N N 203 
LYS CB  HB3  sing N N 204 
LYS CG  CD   sing N N 205 
LYS CG  HG2  sing N N 206 
LYS CG  HG3  sing N N 207 
LYS CD  CE   sing N N 208 
LYS CD  HD2  sing N N 209 
LYS CD  HD3  sing N N 210 
LYS CE  NZ   sing N N 211 
LYS CE  HE2  sing N N 212 
LYS CE  HE3  sing N N 213 
LYS NZ  HZ1  sing N N 214 
LYS NZ  HZ2  sing N N 215 
LYS NZ  HZ3  sing N N 216 
LYS OXT HXT  sing N N 217 
MET N   CA   sing N N 218 
MET N   H    sing N N 219 
MET N   H2   sing N N 220 
MET CA  C    sing N N 221 
MET CA  CB   sing N N 222 
MET CA  HA   sing N N 223 
MET C   O    doub N N 224 
MET C   OXT  sing N N 225 
MET CB  CG   sing N N 226 
MET CB  HB2  sing N N 227 
MET CB  HB3  sing N N 228 
MET CG  SD   sing N N 229 
MET CG  HG2  sing N N 230 
MET CG  HG3  sing N N 231 
MET SD  CE   sing N N 232 
MET CE  HE1  sing N N 233 
MET CE  HE2  sing N N 234 
MET CE  HE3  sing N N 235 
MET OXT HXT  sing N N 236 
PHE N   CA   sing N N 237 
PHE N   H    sing N N 238 
PHE N   H2   sing N N 239 
PHE CA  C    sing N N 240 
PHE CA  CB   sing N N 241 
PHE CA  HA   sing N N 242 
PHE C   O    doub N N 243 
PHE C   OXT  sing N N 244 
PHE CB  CG   sing N N 245 
PHE CB  HB2  sing N N 246 
PHE CB  HB3  sing N N 247 
PHE CG  CD1  doub Y N 248 
PHE CG  CD2  sing Y N 249 
PHE CD1 CE1  sing Y N 250 
PHE CD1 HD1  sing N N 251 
PHE CD2 CE2  doub Y N 252 
PHE CD2 HD2  sing N N 253 
PHE CE1 CZ   doub Y N 254 
PHE CE1 HE1  sing N N 255 
PHE CE2 CZ   sing Y N 256 
PHE CE2 HE2  sing N N 257 
PHE CZ  HZ   sing N N 258 
PHE OXT HXT  sing N N 259 
PRO N   CA   sing N N 260 
PRO N   CD   sing N N 261 
PRO N   H    sing N N 262 
PRO CA  C    sing N N 263 
PRO CA  CB   sing N N 264 
PRO CA  HA   sing N N 265 
PRO C   O    doub N N 266 
PRO C   OXT  sing N N 267 
PRO CB  CG   sing N N 268 
PRO CB  HB2  sing N N 269 
PRO CB  HB3  sing N N 270 
PRO CG  CD   sing N N 271 
PRO CG  HG2  sing N N 272 
PRO CG  HG3  sing N N 273 
PRO CD  HD2  sing N N 274 
PRO CD  HD3  sing N N 275 
PRO OXT HXT  sing N N 276 
SER N   CA   sing N N 277 
SER N   H    sing N N 278 
SER N   H2   sing N N 279 
SER CA  C    sing N N 280 
SER CA  CB   sing N N 281 
SER CA  HA   sing N N 282 
SER C   O    doub N N 283 
SER C   OXT  sing N N 284 
SER CB  OG   sing N N 285 
SER CB  HB2  sing N N 286 
SER CB  HB3  sing N N 287 
SER OG  HG   sing N N 288 
SER OXT HXT  sing N N 289 
THR N   CA   sing N N 290 
THR N   H    sing N N 291 
THR N   H2   sing N N 292 
THR CA  C    sing N N 293 
THR CA  CB   sing N N 294 
THR CA  HA   sing N N 295 
THR C   O    doub N N 296 
THR C   OXT  sing N N 297 
THR CB  OG1  sing N N 298 
THR CB  CG2  sing N N 299 
THR CB  HB   sing N N 300 
THR OG1 HG1  sing N N 301 
THR CG2 HG21 sing N N 302 
THR CG2 HG22 sing N N 303 
THR CG2 HG23 sing N N 304 
THR OXT HXT  sing N N 305 
TRP N   CA   sing N N 306 
TRP N   H    sing N N 307 
TRP N   H2   sing N N 308 
TRP CA  C    sing N N 309 
TRP CA  CB   sing N N 310 
TRP CA  HA   sing N N 311 
TRP C   O    doub N N 312 
TRP C   OXT  sing N N 313 
TRP CB  CG   sing N N 314 
TRP CB  HB2  sing N N 315 
TRP CB  HB3  sing N N 316 
TRP CG  CD1  doub Y N 317 
TRP CG  CD2  sing Y N 318 
TRP CD1 NE1  sing Y N 319 
TRP CD1 HD1  sing N N 320 
TRP CD2 CE2  doub Y N 321 
TRP CD2 CE3  sing Y N 322 
TRP NE1 CE2  sing Y N 323 
TRP NE1 HE1  sing N N 324 
TRP CE2 CZ2  sing Y N 325 
TRP CE3 CZ3  doub Y N 326 
TRP CE3 HE3  sing N N 327 
TRP CZ2 CH2  doub Y N 328 
TRP CZ2 HZ2  sing N N 329 
TRP CZ3 CH2  sing Y N 330 
TRP CZ3 HZ3  sing N N 331 
TRP CH2 HH2  sing N N 332 
TRP OXT HXT  sing N N 333 
TYR N   CA   sing N N 334 
TYR N   H    sing N N 335 
TYR N   H2   sing N N 336 
TYR CA  C    sing N N 337 
TYR CA  CB   sing N N 338 
TYR CA  HA   sing N N 339 
TYR C   O    doub N N 340 
TYR C   OXT  sing N N 341 
TYR CB  CG   sing N N 342 
TYR CB  HB2  sing N N 343 
TYR CB  HB3  sing N N 344 
TYR CG  CD1  doub Y N 345 
TYR CG  CD2  sing Y N 346 
TYR CD1 CE1  sing Y N 347 
TYR CD1 HD1  sing N N 348 
TYR CD2 CE2  doub Y N 349 
TYR CD2 HD2  sing N N 350 
TYR CE1 CZ   doub Y N 351 
TYR CE1 HE1  sing N N 352 
TYR CE2 CZ   sing Y N 353 
TYR CE2 HE2  sing N N 354 
TYR CZ  OH   sing N N 355 
TYR OH  HH   sing N N 356 
TYR OXT HXT  sing N N 357 
VAL N   CA   sing N N 358 
VAL N   H    sing N N 359 
VAL N   H2   sing N N 360 
VAL CA  C    sing N N 361 
VAL CA  CB   sing N N 362 
VAL CA  HA   sing N N 363 
VAL C   O    doub N N 364 
VAL C   OXT  sing N N 365 
VAL CB  CG1  sing N N 366 
VAL CB  CG2  sing N N 367 
VAL CB  HB   sing N N 368 
VAL CG1 HG11 sing N N 369 
VAL CG1 HG12 sing N N 370 
VAL CG1 HG13 sing N N 371 
VAL CG2 HG21 sing N N 372 
VAL CG2 HG22 sing N N 373 
VAL CG2 HG23 sing N N 374 
VAL OXT HXT  sing N N 375 
VS4 C8  N3   sing N N 376 
VS4 C8  O2   doub N N 377 
VS4 C8  N1   sing N N 378 
VS4 N3  C39  sing N N 379 
VS4 N3  C48  sing N N 380 
VS4 C39 C40  sing N N 381 
VS4 C39 H391 sing N N 382 
VS4 C39 H392 sing N N 383 
VS4 C40 N4   sing N N 384 
VS4 C40 H401 sing N N 385 
VS4 C40 H402 sing N N 386 
VS4 N4  C33  sing N N 387 
VS4 N4  C49  sing N N 388 
VS4 C33 H331 sing N N 389 
VS4 C33 H332 sing N N 390 
VS4 C33 H333 sing N N 391 
VS4 C49 C48  sing N N 392 
VS4 C49 H491 sing N N 393 
VS4 C49 H492 sing N N 394 
VS4 C48 H481 sing N N 395 
VS4 C48 H482 sing N N 396 
VS4 N1  C9   sing N N 397 
VS4 N1  HN11 sing N N 398 
VS4 C9  C10  sing N N 399 
VS4 C9  C17  sing N N 400 
VS4 C9  H91  sing N N 401 
VS4 C10 C11  sing N N 402 
VS4 C10 H101 sing N N 403 
VS4 C10 H102 sing N N 404 
VS4 C11 C12  doub Y N 405 
VS4 C11 C16  sing Y N 406 
VS4 C12 C13  sing Y N 407 
VS4 C12 H121 sing N N 408 
VS4 C13 C14  doub Y N 409 
VS4 C13 H131 sing N N 410 
VS4 C14 C15  sing Y N 411 
VS4 C14 H141 sing N N 412 
VS4 C15 C16  doub Y N 413 
VS4 C15 H151 sing N N 414 
VS4 C16 H161 sing N N 415 
VS4 C17 O3   doub N N 416 
VS4 C17 N2   sing N N 417 
VS4 N2  C18  sing N N 418 
VS4 N2  HN21 sing N N 419 
VS4 C18 C19  sing N N 420 
VS4 C18 C27  sing N N 421 
VS4 C18 H181 sing N N 422 
VS4 C19 C20  sing N N 423 
VS4 C19 H191 sing N N 424 
VS4 C19 H192 sing N N 425 
VS4 C20 C21  sing N N 426 
VS4 C20 H201 sing N N 427 
VS4 C20 H202 sing N N 428 
VS4 C21 C22  doub Y N 429 
VS4 C21 C26  sing Y N 430 
VS4 C22 C23  sing Y N 431 
VS4 C22 H221 sing N N 432 
VS4 C23 C24  doub Y N 433 
VS4 C23 H231 sing N N 434 
VS4 C24 C25  sing Y N 435 
VS4 C24 H241 sing N N 436 
VS4 C25 C26  doub Y N 437 
VS4 C25 H251 sing N N 438 
VS4 C26 H261 sing N N 439 
VS4 C28 S1   sing N N 440 
VS4 C28 C27  sing N N 441 
VS4 C28 H281 sing N N 442 
VS4 C28 H282 sing N N 443 
VS4 S1  N5   sing N N 444 
VS4 S1  O4   doub N N 445 
VS4 S1  O5   doub N N 446 
VS4 N5  O6   sing N N 447 
VS4 N5  HN51 sing N N 448 
VS4 O6  C34  sing N N 449 
VS4 C34 C41  sing N N 450 
VS4 C34 H341 sing N N 451 
VS4 C34 H342 sing N N 452 
VS4 C41 C42  doub Y N 453 
VS4 C41 C46  sing Y N 454 
VS4 C42 C43  sing Y N 455 
VS4 C42 H421 sing N N 456 
VS4 C43 C44  doub Y N 457 
VS4 C43 H431 sing N N 458 
VS4 C44 C45  sing Y N 459 
VS4 C44 H441 sing N N 460 
VS4 C45 C46  doub Y N 461 
VS4 C45 H451 sing N N 462 
VS4 C46 H461 sing N N 463 
VS4 C27 H271 sing N N 464 
VS4 C27 H272 sing N N 465 
# 
_atom_sites.entry_id                    1F2C 
_atom_sites.fract_transf_matrix[1][1]   0.01109064 
_atom_sites.fract_transf_matrix[1][2]   0.01951310 
_atom_sites.fract_transf_matrix[1][3]   -0.01701971 
_atom_sites.fract_transf_matrix[2][1]   0.00801502 
_atom_sites.fract_transf_matrix[2][2]   0.00879239 
_atom_sites.fract_transf_matrix[2][3]   0.01530336 
_atom_sites.fract_transf_matrix[3][1]   0.01640631 
_atom_sites.fract_transf_matrix[3][2]   -0.00815708 
_atom_sites.fract_transf_matrix[3][3]   -0.00390611 
_atom_sites.fract_transf_vector[1]      0.281213 
_atom_sites.fract_transf_vector[2]      -0.174158 
_atom_sites.fract_transf_vector[3]      0.251242 
# 
loop_
_atom_type.symbol 
C 
N 
O 
S 
# 
loop_
_atom_site.group_PDB 
_atom_site.id 
_atom_site.type_symbol 
_atom_site.label_atom_id 
_atom_site.label_alt_id 
_atom_site.label_comp_id 
_atom_site.label_asym_id 
_atom_site.label_entity_id 
_atom_site.label_seq_id 
_atom_site.pdbx_PDB_ins_code 
_atom_site.Cartn_x 
_atom_site.Cartn_y 
_atom_site.Cartn_z 
_atom_site.occupancy 
_atom_site.B_iso_or_equiv 
_atom_site.pdbx_formal_charge 
_atom_site.auth_seq_id 
_atom_site.auth_comp_id 
_atom_site.auth_asym_id 
_atom_site.auth_atom_id 
_atom_site.pdbx_PDB_model_num 
ATOM   1    N N   . ALA A 1 1   ? -12.504 17.083  -9.676  1.00 22.82 ? 1   ALA A N   1 
ATOM   2    C CA  . ALA A 1 1   ? -11.269 16.254  -9.824  1.00 20.92 ? 1   ALA A CA  1 
ATOM   3    C C   . ALA A 1 1   ? -11.128 15.777  -11.269 1.00 20.14 ? 1   ALA A C   1 
ATOM   4    O O   . ALA A 1 1   ? -12.109 15.751  -12.018 1.00 21.97 ? 1   ALA A O   1 
ATOM   5    C CB  . ALA A 1 1   ? -11.331 15.054  -8.873  1.00 20.80 ? 1   ALA A CB  1 
ATOM   6    N N   . PRO A 1 2   ? -9.897  15.413  -11.683 1.00 17.29 ? 2   PRO A N   1 
ATOM   7    C CA  . PRO A 1 2   ? -9.627  14.930  -13.043 1.00 13.01 ? 2   PRO A CA  1 
ATOM   8    C C   . PRO A 1 2   ? -10.420 13.656  -13.291 1.00 11.90 ? 2   PRO A C   1 
ATOM   9    O O   . PRO A 1 2   ? -10.627 12.871  -12.368 1.00 10.98 ? 2   PRO A O   1 
ATOM   10   C CB  . PRO A 1 2   ? -8.128  14.640  -13.005 1.00 13.25 ? 2   PRO A CB  1 
ATOM   11   C CG  . PRO A 1 2   ? -7.615  15.617  -11.993 1.00 13.17 ? 2   PRO A CG  1 
ATOM   12   C CD  . PRO A 1 2   ? -8.647  15.519  -10.910 1.00 15.32 ? 2   PRO A CD  1 
ATOM   13   N N   . ALA A 1 3   ? -10.855 13.448  -14.529 1.00 9.44  ? 3   ALA A N   1 
ATOM   14   C CA  . ALA A 1 3   ? -11.644 12.267  -14.873 1.00 9.19  ? 3   ALA A CA  1 
ATOM   15   C C   . ALA A 1 3   ? -10.902 10.948  -14.676 1.00 11.62 ? 3   ALA A C   1 
ATOM   16   O O   . ALA A 1 3   ? -11.513 9.935   -14.346 1.00 10.07 ? 3   ALA A O   1 
ATOM   17   C CB  . ALA A 1 3   ? -12.159 12.368  -16.300 1.00 11.18 ? 3   ALA A CB  1 
ATOM   18   N N   . ALA A 1 4   ? -9.589  10.961  -14.888 1.00 10.62 ? 4   ALA A N   1 
ATOM   19   C CA  . ALA A 1 4   ? -8.789  9.756   -14.734 1.00 10.15 ? 4   ALA A CA  1 
ATOM   20   C C   . ALA A 1 4   ? -7.376  10.083  -14.282 1.00 11.13 ? 4   ALA A C   1 
ATOM   21   O O   . ALA A 1 4   ? -6.792  11.095  -14.682 1.00 10.58 ? 4   ALA A O   1 
ATOM   22   C CB  . ALA A 1 4   ? -8.758  8.965   -16.042 1.00 11.93 ? 4   ALA A CB  1 
ATOM   23   N N   . VAL A 1 5   ? -6.836  9.220   -13.431 1.00 11.70 ? 5   VAL A N   1 
ATOM   24   C CA  . VAL A 1 5   ? -5.492  9.377   -12.898 1.00 10.37 ? 5   VAL A CA  1 
ATOM   25   C C   . VAL A 1 5   ? -4.845  8.001   -12.796 1.00 10.71 ? 5   VAL A C   1 
ATOM   26   O O   . VAL A 1 5   ? -5.508  7.022   -12.468 1.00 11.63 ? 5   VAL A O   1 
ATOM   27   C CB  . VAL A 1 5   ? -5.515  10.007  -11.472 1.00 10.04 ? 5   VAL A CB  1 
ATOM   28   C CG1 . VAL A 1 5   ? -4.105  10.102  -10.908 1.00 9.87  ? 5   VAL A CG1 1 
ATOM   29   C CG2 . VAL A 1 5   ? -6.150  11.389  -11.505 1.00 13.45 ? 5   VAL A CG2 1 
ATOM   30   N N   . ASP A 1 6   ? -3.560  7.928   -13.122 1.00 8.49  ? 6   ASP A N   1 
ATOM   31   C CA  . ASP A 1 6   ? -2.814  6.684   -13.020 1.00 7.65  ? 6   ASP A CA  1 
ATOM   32   C C   . ASP A 1 6   ? -1.370  7.045   -12.678 1.00 6.86  ? 6   ASP A C   1 
ATOM   33   O O   . ASP A 1 6   ? -0.578  7.377   -13.556 1.00 3.72  ? 6   ASP A O   1 
ATOM   34   C CB  . ASP A 1 6   ? -2.884  5.883   -14.323 1.00 7.76  ? 6   ASP A CB  1 
ATOM   35   C CG  . ASP A 1 6   ? -2.232  4.509   -14.207 1.00 7.43  ? 6   ASP A CG  1 
ATOM   36   O OD1 . ASP A 1 6   ? -2.342  3.717   -15.161 1.00 6.87  ? 6   ASP A OD1 1 
ATOM   37   O OD2 . ASP A 1 6   ? -1.599  4.220   -13.170 1.00 6.41  ? 6   ASP A OD2 1 
ATOM   38   N N   . TRP A 1 7   ? -1.040  6.972   -11.393 1.00 7.37  ? 7   TRP A N   1 
ATOM   39   C CA  . TRP A 1 7   ? 0.300   7.304   -10.925 1.00 6.04  ? 7   TRP A CA  1 
ATOM   40   C C   . TRP A 1 7   ? 1.419   6.411   -11.451 1.00 7.87  ? 7   TRP A C   1 
ATOM   41   O O   . TRP A 1 7   ? 2.587   6.798   -11.410 1.00 5.88  ? 7   TRP A O   1 
ATOM   42   C CB  . TRP A 1 7   ? 0.331   7.388   -9.396  1.00 7.80  ? 7   TRP A CB  1 
ATOM   43   C CG  . TRP A 1 7   ? -0.374  8.612   -8.873  1.00 7.98  ? 7   TRP A CG  1 
ATOM   44   C CD1 . TRP A 1 7   ? -1.594  8.663   -8.257  1.00 7.00  ? 7   TRP A CD1 1 
ATOM   45   C CD2 . TRP A 1 7   ? 0.084   9.969   -8.970  1.00 9.16  ? 7   TRP A CD2 1 
ATOM   46   N NE1 . TRP A 1 7   ? -1.927  9.967   -7.971  1.00 7.33  ? 7   TRP A NE1 1 
ATOM   47   C CE2 . TRP A 1 7   ? -0.913  10.790  -8.398  1.00 9.82  ? 7   TRP A CE2 1 
ATOM   48   C CE3 . TRP A 1 7   ? 1.240   10.572  -9.490  1.00 9.55  ? 7   TRP A CE3 1 
ATOM   49   C CZ2 . TRP A 1 7   ? -0.795  12.187  -8.330  1.00 8.54  ? 7   TRP A CZ2 1 
ATOM   50   C CZ3 . TRP A 1 7   ? 1.360   11.966  -9.423  1.00 10.65 ? 7   TRP A CZ3 1 
ATOM   51   C CH2 . TRP A 1 7   ? 0.344   12.753  -8.846  1.00 9.04  ? 7   TRP A CH2 1 
ATOM   52   N N   . ARG A 1 8   ? 1.071   5.229   -11.955 1.00 7.15  ? 8   ARG A N   1 
ATOM   53   C CA  . ARG A 1 8   ? 2.078   4.324   -12.506 1.00 9.54  ? 8   ARG A CA  1 
ATOM   54   C C   . ARG A 1 8   ? 2.656   4.933   -13.773 1.00 11.92 ? 8   ARG A C   1 
ATOM   55   O O   . ARG A 1 8   ? 3.852   4.804   -14.051 1.00 13.23 ? 8   ARG A O   1 
ATOM   56   C CB  . ARG A 1 8   ? 1.466   2.983   -12.881 1.00 11.29 ? 8   ARG A CB  1 
ATOM   57   C CG  . ARG A 1 8   ? 0.792   2.255   -11.761 1.00 13.06 ? 8   ARG A CG  1 
ATOM   58   C CD  . ARG A 1 8   ? 0.116   1.025   -12.315 1.00 16.28 ? 8   ARG A CD  1 
ATOM   59   N NE  . ARG A 1 8   ? -0.975  1.346   -13.235 1.00 15.46 ? 8   ARG A NE  1 
ATOM   60   C CZ  . ARG A 1 8   ? -1.693  0.433   -13.881 1.00 14.82 ? 8   ARG A CZ  1 
ATOM   61   N NH1 . ARG A 1 8   ? -1.434  -0.857  -13.713 1.00 13.85 ? 8   ARG A NH1 1 
ATOM   62   N NH2 . ARG A 1 8   ? -2.681  0.806   -14.684 1.00 11.01 ? 8   ARG A NH2 1 
ATOM   63   N N   . ALA A 1 9   ? 1.781   5.572   -14.549 1.00 13.34 ? 9   ALA A N   1 
ATOM   64   C CA  . ALA A 1 9   ? 2.151   6.200   -15.809 1.00 14.86 ? 9   ALA A CA  1 
ATOM   65   C C   . ALA A 1 9   ? 3.101   7.368   -15.624 1.00 16.06 ? 9   ALA A C   1 
ATOM   66   O O   . ALA A 1 9   ? 3.877   7.696   -16.522 1.00 17.51 ? 9   ALA A O   1 
ATOM   67   C CB  . ALA A 1 9   ? 0.905   6.652   -16.550 1.00 15.41 ? 9   ALA A CB  1 
ATOM   68   N N   . ARG A 1 10  ? 3.051   7.988   -14.452 1.00 16.25 ? 10  ARG A N   1 
ATOM   69   C CA  . ARG A 1 10  ? 3.911   9.123   -14.161 1.00 15.75 ? 10  ARG A CA  1 
ATOM   70   C C   . ARG A 1 10  ? 5.204   8.713   -13.448 1.00 13.76 ? 10  ARG A C   1 
ATOM   71   O O   . ARG A 1 10  ? 5.971   9.562   -12.985 1.00 14.31 ? 10  ARG A O   1 
ATOM   72   C CB  . ARG A 1 10  ? 3.118   10.162  -13.362 1.00 17.91 ? 10  ARG A CB  1 
ATOM   73   C CG  . ARG A 1 10  ? 1.928   10.734  -14.153 1.00 21.08 ? 10  ARG A CG  1 
ATOM   74   C CD  . ARG A 1 10  ? 2.054   12.214  -14.454 1.00 27.96 ? 10  ARG A CD  1 
ATOM   75   N NE  . ARG A 1 10  ? 1.501   12.976  -13.355 1.00 34.01 ? 10  ARG A NE  1 
ATOM   76   C CZ  . ARG A 1 10  ? 1.965   14.164  -12.951 1.00 37.31 ? 10  ARG A CZ  1 
ATOM   77   N NH1 . ARG A 1 10  ? 1.375   14.762  -11.921 1.00 40.03 ? 10  ARG A NH1 1 
ATOM   78   N NH2 . ARG A 1 10  ? 2.942   14.811  -13.605 1.00 39.81 ? 10  ARG A NH2 1 
ATOM   79   N N   . GLY A 1 11  ? 5.433   7.400   -13.383 1.00 12.07 ? 11  GLY A N   1 
ATOM   80   C CA  . GLY A 1 11  ? 6.629   6.851   -12.761 1.00 9.19  ? 11  GLY A CA  1 
ATOM   81   C C   . GLY A 1 11  ? 6.751   7.005   -11.258 1.00 8.37  ? 11  GLY A C   1 
ATOM   82   O O   . GLY A 1 11  ? 7.856   6.966   -10.718 1.00 6.96  ? 11  GLY A O   1 
ATOM   83   N N   . ALA A 1 12  ? 5.622   7.129   -10.574 1.00 6.83  ? 12  ALA A N   1 
ATOM   84   C CA  . ALA A 1 12  ? 5.621   7.308   -9.124  1.00 9.08  ? 12  ALA A CA  1 
ATOM   85   C C   . ALA A 1 12  ? 5.451   6.013   -8.333  1.00 6.75  ? 12  ALA A C   1 
ATOM   86   O O   . ALA A 1 12  ? 5.464   6.028   -7.100  1.00 9.38  ? 12  ALA A O   1 
ATOM   87   C CB  . ALA A 1 12  ? 4.519   8.305   -8.733  1.00 4.62  ? 12  ALA A CB  1 
ATOM   88   N N   . VAL A 1 13  ? 5.318   4.896   -9.038  1.00 5.46  ? 13  VAL A N   1 
ATOM   89   C CA  . VAL A 1 13  ? 5.091   3.609   -8.383  1.00 6.08  ? 13  VAL A CA  1 
ATOM   90   C C   . VAL A 1 13  ? 6.168   2.568   -8.676  1.00 6.62  ? 13  VAL A C   1 
ATOM   91   O O   . VAL A 1 13  ? 6.552   2.361   -9.833  1.00 7.63  ? 13  VAL A O   1 
ATOM   92   C CB  . VAL A 1 13  ? 3.709   3.034   -8.795  1.00 4.98  ? 13  VAL A CB  1 
ATOM   93   C CG1 . VAL A 1 13  ? 3.373   1.801   -7.969  1.00 4.18  ? 13  VAL A CG1 1 
ATOM   94   C CG2 . VAL A 1 13  ? 2.632   4.098   -8.644  1.00 2.00  ? 13  VAL A CG2 1 
ATOM   95   N N   . THR A 1 14  ? 6.662   1.922   -7.624  1.00 5.65  ? 14  THR A N   1 
ATOM   96   C CA  . THR A 1 14  ? 7.680   0.888   -7.783  1.00 6.06  ? 14  THR A CA  1 
ATOM   97   C C   . THR A 1 14  ? 7.047   -0.390  -8.334  1.00 6.42  ? 14  THR A C   1 
ATOM   98   O O   . THR A 1 14  ? 5.823   -0.486  -8.477  1.00 7.37  ? 14  THR A O   1 
ATOM   99   C CB  . THR A 1 14  ? 8.384   0.557   -6.449  1.00 8.35  ? 14  THR A CB  1 
ATOM   100  O OG1 . THR A 1 14  ? 7.434   0.002   -5.529  1.00 10.19 ? 14  THR A OG1 1 
ATOM   101  C CG2 . THR A 1 14  ? 9.008   1.815   -5.846  1.00 8.23  ? 14  THR A CG2 1 
ATOM   102  N N   . ALA A 1 15  ? 7.888   -1.378  -8.612  1.00 5.64  ? 15  ALA A N   1 
ATOM   103  C CA  . ALA A 1 15  ? 7.448   -2.656  -9.148  1.00 6.70  ? 15  ALA A CA  1 
ATOM   104  C C   . ALA A 1 15  ? 6.592   -3.435  -8.147  1.00 6.70  ? 15  ALA A C   1 
ATOM   105  O O   . ALA A 1 15  ? 6.687   -3.224  -6.935  1.00 5.88  ? 15  ALA A O   1 
ATOM   106  C CB  . ALA A 1 15  ? 8.672   -3.491  -9.552  1.00 7.16  ? 15  ALA A CB  1 
ATOM   107  N N   . VAL A 1 16  ? 5.744   -4.314  -8.672  1.00 5.36  ? 16  VAL A N   1 
ATOM   108  C CA  . VAL A 1 16  ? 4.885   -5.158  -7.854  1.00 5.55  ? 16  VAL A CA  1 
ATOM   109  C C   . VAL A 1 16  ? 5.782   -6.175  -7.145  1.00 6.83  ? 16  VAL A C   1 
ATOM   110  O O   . VAL A 1 16  ? 6.654   -6.786  -7.767  1.00 5.97  ? 16  VAL A O   1 
ATOM   111  C CB  . VAL A 1 16  ? 3.835   -5.879  -8.721  1.00 5.26  ? 16  VAL A CB  1 
ATOM   112  C CG1 . VAL A 1 16  ? 3.128   -6.954  -7.916  1.00 5.06  ? 16  VAL A CG1 1 
ATOM   113  C CG2 . VAL A 1 16  ? 2.821   -4.870  -9.241  1.00 6.24  ? 16  VAL A CG2 1 
ATOM   114  N N   . LYS A 1 17  ? 5.580   -6.318  -5.839  1.00 6.06  ? 17  LYS A N   1 
ATOM   115  C CA  . LYS A 1 17  ? 6.375   -7.219  -5.012  1.00 7.55  ? 17  LYS A CA  1 
ATOM   116  C C   . LYS A 1 17  ? 5.700   -8.543  -4.654  1.00 7.61  ? 17  LYS A C   1 
ATOM   117  O O   . LYS A 1 17  ? 4.619   -8.855  -5.147  1.00 7.10  ? 17  LYS A O   1 
ATOM   118  C CB  . LYS A 1 17  ? 6.840   -6.486  -3.749  1.00 7.06  ? 17  LYS A CB  1 
ATOM   119  C CG  . LYS A 1 17  ? 7.566   -5.183  -4.048  1.00 11.98 ? 17  LYS A CG  1 
ATOM   120  C CD  . LYS A 1 17  ? 8.091   -4.519  -2.792  1.00 12.85 ? 17  LYS A CD  1 
ATOM   121  C CE  . LYS A 1 17  ? 8.766   -3.197  -3.118  1.00 12.31 ? 17  LYS A CE  1 
ATOM   122  N NZ  . LYS A 1 17  ? 9.366   -2.569  -1.918  1.00 10.11 ? 17  LYS A NZ  1 
ATOM   123  N N   . ASP A 1 18  ? 6.347   -9.308  -3.779  1.00 9.71  ? 18  ASP A N   1 
ATOM   124  C CA  . ASP A 1 18  ? 5.841   -10.614 -3.367  1.00 10.77 ? 18  ASP A CA  1 
ATOM   125  C C   . ASP A 1 18  ? 5.993   -10.811 -1.862  1.00 9.89  ? 18  ASP A C   1 
ATOM   126  O O   . ASP A 1 18  ? 7.108   -10.911 -1.345  1.00 11.12 ? 18  ASP A O   1 
ATOM   127  C CB  . ASP A 1 18  ? 6.608   -11.708 -4.125  1.00 14.49 ? 18  ASP A CB  1 
ATOM   128  C CG  . ASP A 1 18  ? 6.130   -13.122 -3.801  1.00 15.15 ? 18  ASP A CG  1 
ATOM   129  O OD1 . ASP A 1 18  ? 6.891   -14.060 -4.107  1.00 18.54 ? 18  ASP A OD1 1 
ATOM   130  O OD2 . ASP A 1 18  ? 5.003   -13.303 -3.283  1.00 14.98 ? 18  ASP A OD2 1 
ATOM   131  N N   . GLN A 1 19  ? 4.869   -10.867 -1.157  1.00 8.23  ? 19  GLN A N   1 
ATOM   132  C CA  . GLN A 1 19  ? 4.918   -11.070 0.278   1.00 9.97  ? 19  GLN A CA  1 
ATOM   133  C C   . GLN A 1 19  ? 5.176   -12.538 0.633   1.00 8.66  ? 19  GLN A C   1 
ATOM   134  O O   . GLN A 1 19  ? 5.599   -12.844 1.739   1.00 12.65 ? 19  GLN A O   1 
ATOM   135  C CB  . GLN A 1 19  ? 3.640   -10.545 0.952   1.00 10.51 ? 19  GLN A CB  1 
ATOM   136  C CG  . GLN A 1 19  ? 2.358   -11.221 0.533   1.00 11.66 ? 19  GLN A CG  1 
ATOM   137  C CD  . GLN A 1 19  ? 1.135   -10.588 1.177   1.00 12.19 ? 19  GLN A CD  1 
ATOM   138  O OE1 . GLN A 1 19  ? 0.693   -9.515  0.768   1.00 9.47  ? 19  GLN A OE1 1 
ATOM   139  N NE2 . GLN A 1 19  ? 0.568   -11.265 2.171   1.00 9.64  ? 19  GLN A NE2 1 
ATOM   140  N N   . GLY A 1 20  ? 4.971   -13.443 -0.319  1.00 9.82  ? 20  GLY A N   1 
ATOM   141  C CA  . GLY A 1 20  ? 5.188   -14.857 -0.048  1.00 11.73 ? 20  GLY A CA  1 
ATOM   142  C C   . GLY A 1 20  ? 4.147   -15.452 0.891   1.00 10.34 ? 20  GLY A C   1 
ATOM   143  O O   . GLY A 1 20  ? 2.993   -15.032 0.884   1.00 10.15 ? 20  GLY A O   1 
ATOM   144  N N   . GLN A 1 21  ? 4.563   -16.408 1.721   1.00 15.13 ? 21  GLN A N   1 
ATOM   145  C CA  . GLN A 1 21  ? 3.672   -17.084 2.672   1.00 17.61 ? 21  GLN A CA  1 
ATOM   146  C C   . GLN A 1 21  ? 3.517   -16.345 4.004   1.00 17.45 ? 21  GLN A C   1 
ATOM   147  O O   . GLN A 1 21  ? 3.138   -16.937 5.015   1.00 20.73 ? 21  GLN A O   1 
ATOM   148  C CB  . GLN A 1 21  ? 4.169   -18.510 2.951   1.00 20.33 ? 21  GLN A CB  1 
ATOM   149  C CG  . GLN A 1 21  ? 4.191   -19.423 1.744   1.00 29.42 ? 21  GLN A CG  1 
ATOM   150  C CD  . GLN A 1 21  ? 2.843   -19.503 1.061   1.00 36.83 ? 21  GLN A CD  1 
ATOM   151  O OE1 . GLN A 1 21  ? 2.593   -18.805 0.075   1.00 43.14 ? 21  GLN A OE1 1 
ATOM   152  N NE2 . GLN A 1 21  ? 1.952   -20.335 1.595   1.00 41.54 ? 21  GLN A NE2 1 
ATOM   153  N N   . CYS A 1 22  ? 3.798   -15.050 3.992   1.00 13.84 ? 22  CYS A N   1 
ATOM   154  C CA  . CYS A 1 22  ? 3.713   -14.223 5.187   1.00 10.53 ? 22  CYS A CA  1 
ATOM   155  C C   . CYS A 1 22  ? 2.573   -13.215 5.030   1.00 9.76  ? 22  CYS A C   1 
ATOM   156  O O   . CYS A 1 22  ? 2.436   -12.600 3.973   1.00 9.97  ? 22  CYS A O   1 
ATOM   157  C CB  . CYS A 1 22  ? 5.058   -13.511 5.365   1.00 9.26  ? 22  CYS A CB  1 
ATOM   158  S SG  . CYS A 1 22  ? 5.194   -12.270 6.684   1.00 8.46  ? 22  CYS A SG  1 
ATOM   159  N N   . GLY A 1 23  ? 1.738   -13.081 6.060   1.00 6.99  ? 23  GLY A N   1 
ATOM   160  C CA  . GLY A 1 23  ? 0.625   -12.136 6.012   1.00 7.23  ? 23  GLY A CA  1 
ATOM   161  C C   . GLY A 1 23  ? 1.075   -10.715 6.326   1.00 6.56  ? 23  GLY A C   1 
ATOM   162  O O   . GLY A 1 23  ? 0.522   -10.038 7.197   1.00 8.13  ? 23  GLY A O   1 
ATOM   163  N N   . SER A 1 24  ? 2.080   -10.268 5.579   1.00 8.92  ? 24  SER A N   1 
ATOM   164  C CA  . SER A 1 24  ? 2.684   -8.950  5.736   1.00 7.68  ? 24  SER A CA  1 
ATOM   165  C C   . SER A 1 24  ? 2.104   -7.901  4.797   1.00 7.47  ? 24  SER A C   1 
ATOM   166  O O   . SER A 1 24  ? 2.702   -6.841  4.599   1.00 7.90  ? 24  SER A O   1 
ATOM   167  C CB  . SER A 1 24  ? 4.189   -9.067  5.499   1.00 6.99  ? 24  SER A CB  1 
ATOM   168  O OG  . SER A 1 24  ? 4.432   -9.790  4.303   1.00 4.44  ? 24  SER A OG  1 
ATOM   169  N N   . CYS A 1 25  ? 0.929   -8.179  4.244   1.00 7.27  ? 25  CYS A N   1 
ATOM   170  C CA  . CYS A 1 25  ? 0.272   -7.255  3.325   1.00 4.78  ? 25  CYS A CA  1 
ATOM   171  C C   . CYS A 1 25  ? 0.237   -5.820  3.845   1.00 6.07  ? 25  CYS A C   1 
ATOM   172  O O   . CYS A 1 25  ? 0.420   -4.873  3.078   1.00 8.50  ? 25  CYS A O   1 
ATOM   173  C CB  . CYS A 1 25  ? -1.151  -7.728  3.050   1.00 5.41  ? 25  CYS A CB  1 
ATOM   174  S SG  . CYS A 1 25  ? -2.194  -7.779  4.537   1.00 6.95  ? 25  CYS A SG  1 
ATOM   175  N N   . TRP A 1 26  ? 0.015   -5.667  5.149   1.00 4.60  ? 26  TRP A N   1 
ATOM   176  C CA  . TRP A 1 26  ? -0.053  -4.352  5.788   1.00 3.86  ? 26  TRP A CA  1 
ATOM   177  C C   . TRP A 1 26  ? 1.241   -3.547  5.603   1.00 3.93  ? 26  TRP A C   1 
ATOM   178  O O   . TRP A 1 26  ? 1.208   -2.331  5.417   1.00 3.89  ? 26  TRP A O   1 
ATOM   179  C CB  . TRP A 1 26  ? -0.367  -4.510  7.282   1.00 5.54  ? 26  TRP A CB  1 
ATOM   180  C CG  . TRP A 1 26  ? 0.648   -5.351  8.019   1.00 2.00  ? 26  TRP A CG  1 
ATOM   181  C CD1 . TRP A 1 26  ? 0.732   -6.715  8.029   1.00 2.00  ? 26  TRP A CD1 1 
ATOM   182  C CD2 . TRP A 1 26  ? 1.756   -4.875  8.797   1.00 2.00  ? 26  TRP A CD2 1 
ATOM   183  N NE1 . TRP A 1 26  ? 1.831   -7.116  8.752   1.00 3.58  ? 26  TRP A NE1 1 
ATOM   184  C CE2 . TRP A 1 26  ? 2.476   -6.011  9.234   1.00 2.20  ? 26  TRP A CE2 1 
ATOM   185  C CE3 . TRP A 1 26  ? 2.213   -3.602  9.156   1.00 2.54  ? 26  TRP A CE3 1 
ATOM   186  C CZ2 . TRP A 1 26  ? 3.630   -5.909  10.019  1.00 5.09  ? 26  TRP A CZ2 1 
ATOM   187  C CZ3 . TRP A 1 26  ? 3.364   -3.500  9.937   1.00 3.92  ? 26  TRP A CZ3 1 
ATOM   188  C CH2 . TRP A 1 26  ? 4.060   -4.649  10.359  1.00 4.94  ? 26  TRP A CH2 1 
ATOM   189  N N   . ALA A 1 27  ? 2.373   -4.242  5.660   1.00 4.25  ? 27  ALA A N   1 
ATOM   190  C CA  . ALA A 1 27  ? 3.683   -3.624  5.507   1.00 3.83  ? 27  ALA A CA  1 
ATOM   191  C C   . ALA A 1 27  ? 3.909   -3.202  4.063   1.00 4.29  ? 27  ALA A C   1 
ATOM   192  O O   . ALA A 1 27  ? 4.503   -2.160  3.811   1.00 2.00  ? 27  ALA A O   1 
ATOM   193  C CB  . ALA A 1 27  ? 4.769   -4.578  5.960   1.00 5.13  ? 27  ALA A CB  1 
ATOM   194  N N   . PHE A 1 28  ? 3.439   -4.016  3.120   1.00 5.20  ? 28  PHE A N   1 
ATOM   195  C CA  . PHE A 1 28  ? 3.576   -3.695  1.705   1.00 6.65  ? 28  PHE A CA  1 
ATOM   196  C C   . PHE A 1 28  ? 2.704   -2.501  1.349   1.00 6.80  ? 28  PHE A C   1 
ATOM   197  O O   . PHE A 1 28  ? 3.091   -1.658  0.541   1.00 6.82  ? 28  PHE A O   1 
ATOM   198  C CB  . PHE A 1 28  ? 3.243   -4.907  0.825   1.00 5.09  ? 28  PHE A CB  1 
ATOM   199  C CG  . PHE A 1 28  ? 4.341   -5.930  0.782   1.00 5.68  ? 28  PHE A CG  1 
ATOM   200  C CD1 . PHE A 1 28  ? 4.477   -6.866  1.798   1.00 5.80  ? 28  PHE A CD1 1 
ATOM   201  C CD2 . PHE A 1 28  ? 5.288   -5.911  -0.239  1.00 4.90  ? 28  PHE A CD2 1 
ATOM   202  C CE1 . PHE A 1 28  ? 5.540   -7.767  1.804   1.00 6.74  ? 28  PHE A CE1 1 
ATOM   203  C CE2 . PHE A 1 28  ? 6.353   -6.806  -0.241  1.00 5.21  ? 28  PHE A CE2 1 
ATOM   204  C CZ  . PHE A 1 28  ? 6.481   -7.732  0.782   1.00 6.49  ? 28  PHE A CZ  1 
ATOM   205  N N   . SER A 1 29  ? 1.539   -2.415  1.978   1.00 5.61  ? 29  SER A N   1 
ATOM   206  C CA  . SER A 1 29  ? 0.626   -1.303  1.752   1.00 6.62  ? 29  SER A CA  1 
ATOM   207  C C   . SER A 1 29  ? 1.254   -0.002  2.265   1.00 6.24  ? 29  SER A C   1 
ATOM   208  O O   . SER A 1 29  ? 1.292   0.999   1.551   1.00 7.68  ? 29  SER A O   1 
ATOM   209  C CB  . SER A 1 29  ? -0.702  -1.564  2.463   1.00 3.18  ? 29  SER A CB  1 
ATOM   210  O OG  . SER A 1 29  ? -1.558  -0.446  2.365   1.00 4.42  ? 29  SER A OG  1 
ATOM   211  N N   . ALA A 1 30  ? 1.753   -0.033  3.498   1.00 6.97  ? 30  ALA A N   1 
ATOM   212  C CA  . ALA A 1 30  ? 2.381   1.128   4.123   1.00 5.81  ? 30  ALA A CA  1 
ATOM   213  C C   . ALA A 1 30  ? 3.647   1.590   3.393   1.00 8.11  ? 30  ALA A C   1 
ATOM   214  O O   . ALA A 1 30  ? 3.772   2.767   3.053   1.00 6.62  ? 30  ALA A O   1 
ATOM   215  C CB  . ALA A 1 30  ? 2.698   0.832   5.590   1.00 3.55  ? 30  ALA A CB  1 
ATOM   216  N N   . ILE A 1 31  ? 4.579   0.662   3.165   1.00 7.96  ? 31  ILE A N   1 
ATOM   217  C CA  . ILE A 1 31  ? 5.837   0.970   2.480   1.00 9.19  ? 31  ILE A CA  1 
ATOM   218  C C   . ILE A 1 31  ? 5.608   1.427   1.041   1.00 7.95  ? 31  ILE A C   1 
ATOM   219  O O   . ILE A 1 31  ? 6.273   2.342   0.570   1.00 7.06  ? 31  ILE A O   1 
ATOM   220  C CB  . ILE A 1 31  ? 6.806   -0.235  2.490   1.00 10.32 ? 31  ILE A CB  1 
ATOM   221  C CG1 . ILE A 1 31  ? 7.230   -0.560  3.926   1.00 7.44  ? 31  ILE A CG1 1 
ATOM   222  C CG2 . ILE A 1 31  ? 8.026   0.050   1.626   1.00 9.80  ? 31  ILE A CG2 1 
ATOM   223  C CD1 . ILE A 1 31  ? 7.991   0.553   4.628   1.00 5.83  ? 31  ILE A CD1 1 
ATOM   224  N N   . GLY A 1 32  ? 4.665   0.788   0.355   1.00 5.95  ? 32  GLY A N   1 
ATOM   225  C CA  . GLY A 1 32  ? 4.352   1.156   -1.017  1.00 4.29  ? 32  GLY A CA  1 
ATOM   226  C C   . GLY A 1 32  ? 3.922   2.609   -1.080  1.00 4.84  ? 32  GLY A C   1 
ATOM   227  O O   . GLY A 1 32  ? 4.329   3.344   -1.980  1.00 3.30  ? 32  GLY A O   1 
ATOM   228  N N   . ASN A 1 33  ? 3.118   3.020   -0.103  1.00 2.00  ? 33  ASN A N   1 
ATOM   229  C CA  . ASN A 1 33  ? 2.635   4.393   -0.008  1.00 3.38  ? 33  ASN A CA  1 
ATOM   230  C C   . ASN A 1 33  ? 3.796   5.353   0.261   1.00 3.78  ? 33  ASN A C   1 
ATOM   231  O O   . ASN A 1 33  ? 3.863   6.426   -0.337  1.00 5.10  ? 33  ASN A O   1 
ATOM   232  C CB  . ASN A 1 33  ? 1.576   4.508   1.101   1.00 2.00  ? 33  ASN A CB  1 
ATOM   233  C CG  . ASN A 1 33  ? 1.290   5.943   1.489   1.00 4.64  ? 33  ASN A CG  1 
ATOM   234  O OD1 . ASN A 1 33  ? 1.821   6.434   2.482   1.00 3.44  ? 33  ASN A OD1 1 
ATOM   235  N ND2 . ASN A 1 33  ? 0.474   6.632   0.696   1.00 2.00  ? 33  ASN A ND2 1 
ATOM   236  N N   . VAL A 1 34  ? 4.708   4.959   1.152   1.00 2.70  ? 34  VAL A N   1 
ATOM   237  C CA  . VAL A 1 34  ? 5.876   5.787   1.484   1.00 2.38  ? 34  VAL A CA  1 
ATOM   238  C C   . VAL A 1 34  ? 6.806   5.977   0.276   1.00 2.85  ? 34  VAL A C   1 
ATOM   239  O O   . VAL A 1 34  ? 7.362   7.063   0.082   1.00 3.39  ? 34  VAL A O   1 
ATOM   240  C CB  . VAL A 1 34  ? 6.681   5.200   2.688   1.00 4.11  ? 34  VAL A CB  1 
ATOM   241  C CG1 . VAL A 1 34  ? 7.969   5.998   2.914   1.00 3.49  ? 34  VAL A CG1 1 
ATOM   242  C CG2 . VAL A 1 34  ? 5.827   5.235   3.963   1.00 2.00  ? 34  VAL A CG2 1 
ATOM   243  N N   . GLU A 1 35  ? 6.980   4.918   -0.515  1.00 2.00  ? 35  GLU A N   1 
ATOM   244  C CA  . GLU A 1 35  ? 7.829   4.963   -1.706  1.00 3.13  ? 35  GLU A CA  1 
ATOM   245  C C   . GLU A 1 35  ? 7.292   5.997   -2.690  1.00 3.55  ? 35  GLU A C   1 
ATOM   246  O O   . GLU A 1 35  ? 8.056   6.758   -3.287  1.00 4.41  ? 35  GLU A O   1 
ATOM   247  C CB  . GLU A 1 35  ? 7.876   3.594   -2.389  1.00 4.18  ? 35  GLU A CB  1 
ATOM   248  C CG  . GLU A 1 35  ? 8.584   2.506   -1.587  1.00 4.65  ? 35  GLU A CG  1 
ATOM   249  C CD  . GLU A 1 35  ? 8.408   1.125   -2.189  1.00 2.55  ? 35  GLU A CD  1 
ATOM   250  O OE1 . GLU A 1 35  ? 7.426   0.912   -2.928  1.00 6.08  ? 35  GLU A OE1 1 
ATOM   251  O OE2 . GLU A 1 35  ? 9.251   0.242   -1.931  1.00 6.50  ? 35  GLU A OE2 1 
ATOM   252  N N   . CYS A 1 36  ? 5.973   6.014   -2.860  1.00 2.59  ? 36  CYS A N   1 
ATOM   253  C CA  . CYS A 1 36  ? 5.327   6.960   -3.762  1.00 2.47  ? 36  CYS A CA  1 
ATOM   254  C C   . CYS A 1 36  ? 5.414   8.377   -3.208  1.00 2.21  ? 36  CYS A C   1 
ATOM   255  O O   . CYS A 1 36  ? 5.775   9.304   -3.927  1.00 4.98  ? 36  CYS A O   1 
ATOM   256  C CB  . CYS A 1 36  ? 3.855   6.579   -3.982  1.00 2.00  ? 36  CYS A CB  1 
ATOM   257  S SG  . CYS A 1 36  ? 3.590   4.965   -4.742  1.00 5.09  ? 36  CYS A SG  1 
ATOM   258  N N   . GLN A 1 37  ? 5.083   8.542   -1.930  1.00 3.68  ? 37  GLN A N   1 
ATOM   259  C CA  . GLN A 1 37  ? 5.129   9.854   -1.290  1.00 4.98  ? 37  GLN A CA  1 
ATOM   260  C C   . GLN A 1 37  ? 6.536   10.445  -1.264  1.00 5.78  ? 37  GLN A C   1 
ATOM   261  O O   . GLN A 1 37  ? 6.699   11.658  -1.368  1.00 6.24  ? 37  GLN A O   1 
ATOM   262  C CB  . GLN A 1 37  ? 4.541   9.795   0.124   1.00 3.79  ? 37  GLN A CB  1 
ATOM   263  C CG  . GLN A 1 37  ? 3.027   9.540   0.137   1.00 6.23  ? 37  GLN A CG  1 
ATOM   264  C CD  . GLN A 1 37  ? 2.253   10.537  -0.719  1.00 6.26  ? 37  GLN A CD  1 
ATOM   265  O OE1 . GLN A 1 37  ? 2.484   11.743  -0.645  1.00 9.88  ? 37  GLN A OE1 1 
ATOM   266  N NE2 . GLN A 1 37  ? 1.335   10.034  -1.542  1.00 7.43  ? 37  GLN A NE2 1 
ATOM   267  N N   . TRP A 1 38  ? 7.544   9.586   -1.142  1.00 7.21  ? 38  TRP A N   1 
ATOM   268  C CA  . TRP A 1 38  ? 8.938   10.031  -1.126  1.00 7.41  ? 38  TRP A CA  1 
ATOM   269  C C   . TRP A 1 38  ? 9.352   10.496  -2.525  1.00 6.31  ? 38  TRP A C   1 
ATOM   270  O O   . TRP A 1 38  ? 10.049  11.505  -2.675  1.00 4.85  ? 38  TRP A O   1 
ATOM   271  C CB  . TRP A 1 38  ? 9.848   8.900   -0.645  1.00 6.76  ? 38  TRP A CB  1 
ATOM   272  C CG  . TRP A 1 38  ? 11.298  9.265   -0.561  1.00 7.25  ? 38  TRP A CG  1 
ATOM   273  C CD1 . TRP A 1 38  ? 12.308  8.762   -1.325  1.00 5.79  ? 38  TRP A CD1 1 
ATOM   274  C CD2 . TRP A 1 38  ? 11.913  10.160  0.380   1.00 6.49  ? 38  TRP A CD2 1 
ATOM   275  N NE1 . TRP A 1 38  ? 13.513  9.278   -0.915  1.00 6.27  ? 38  TRP A NE1 1 
ATOM   276  C CE2 . TRP A 1 38  ? 13.301  10.134  0.133   1.00 5.02  ? 38  TRP A CE2 1 
ATOM   277  C CE3 . TRP A 1 38  ? 11.424  10.973  1.413   1.00 7.21  ? 38  TRP A CE3 1 
ATOM   278  C CZ2 . TRP A 1 38  ? 14.214  10.888  0.885   1.00 6.73  ? 38  TRP A CZ2 1 
ATOM   279  C CZ3 . TRP A 1 38  ? 12.336  11.727  2.163   1.00 4.42  ? 38  TRP A CZ3 1 
ATOM   280  C CH2 . TRP A 1 38  ? 13.711  11.674  1.892   1.00 4.58  ? 38  TRP A CH2 1 
ATOM   281  N N   . PHE A 1 39  ? 8.935   9.750   -3.545  1.00 5.48  ? 39  PHE A N   1 
ATOM   282  C CA  . PHE A 1 39  ? 9.234   10.128  -4.921  1.00 6.98  ? 39  PHE A CA  1 
ATOM   283  C C   . PHE A 1 39  ? 8.609   11.487  -5.240  1.00 6.35  ? 39  PHE A C   1 
ATOM   284  O O   . PHE A 1 39  ? 9.283   12.384  -5.748  1.00 7.96  ? 39  PHE A O   1 
ATOM   285  C CB  . PHE A 1 39  ? 8.705   9.087   -5.912  1.00 7.82  ? 39  PHE A CB  1 
ATOM   286  C CG  . PHE A 1 39  ? 8.687   9.574   -7.340  1.00 11.18 ? 39  PHE A CG  1 
ATOM   287  C CD1 . PHE A 1 39  ? 7.504   10.031  -7.921  1.00 6.29  ? 39  PHE A CD1 1 
ATOM   288  C CD2 . PHE A 1 39  ? 9.862   9.630   -8.088  1.00 10.94 ? 39  PHE A CD2 1 
ATOM   289  C CE1 . PHE A 1 39  ? 7.491   10.544  -9.219  1.00 10.30 ? 39  PHE A CE1 1 
ATOM   290  C CE2 . PHE A 1 39  ? 9.858   10.141  -9.393  1.00 12.79 ? 39  PHE A CE2 1 
ATOM   291  C CZ  . PHE A 1 39  ? 8.670   10.599  -9.958  1.00 8.28  ? 39  PHE A CZ  1 
ATOM   292  N N   . LEU A 1 40  ? 7.323   11.632  -4.925  1.00 5.88  ? 40  LEU A N   1 
ATOM   293  C CA  . LEU A 1 40  ? 6.583   12.866  -5.181  1.00 5.39  ? 40  LEU A CA  1 
ATOM   294  C C   . LEU A 1 40  ? 7.118   14.086  -4.425  1.00 5.00  ? 40  LEU A C   1 
ATOM   295  O O   . LEU A 1 40  ? 6.823   15.222  -4.792  1.00 7.99  ? 40  LEU A O   1 
ATOM   296  C CB  . LEU A 1 40  ? 5.090   12.663  -4.891  1.00 3.98  ? 40  LEU A CB  1 
ATOM   297  C CG  . LEU A 1 40  ? 4.370   11.661  -5.797  1.00 7.35  ? 40  LEU A CG  1 
ATOM   298  C CD1 . LEU A 1 40  ? 2.967   11.412  -5.268  1.00 5.88  ? 40  LEU A CD1 1 
ATOM   299  C CD2 . LEU A 1 40  ? 4.328   12.164  -7.233  1.00 2.00  ? 40  LEU A CD2 1 
ATOM   300  N N   . ALA A 1 41  ? 7.901   13.845  -3.376  1.00 5.49  ? 41  ALA A N   1 
ATOM   301  C CA  . ALA A 1 41  ? 8.494   14.926  -2.590  1.00 6.15  ? 41  ALA A CA  1 
ATOM   302  C C   . ALA A 1 41  ? 9.782   15.446  -3.260  1.00 7.61  ? 41  ALA A C   1 
ATOM   303  O O   . ALA A 1 41  ? 10.431  16.356  -2.754  1.00 11.03 ? 41  ALA A O   1 
ATOM   304  C CB  . ALA A 1 41  ? 8.780   14.452  -1.164  1.00 2.89  ? 41  ALA A CB  1 
ATOM   305  N N   . GLY A 1 42  ? 10.165  14.843  -4.383  1.00 7.74  ? 42  GLY A N   1 
ATOM   306  C CA  . GLY A 1 42  ? 11.349  15.299  -5.089  1.00 9.91  ? 42  GLY A CA  1 
ATOM   307  C C   . GLY A 1 42  ? 12.597  14.455  -4.943  1.00 12.13 ? 42  GLY A C   1 
ATOM   308  O O   . GLY A 1 42  ? 13.709  14.973  -5.037  1.00 15.12 ? 42  GLY A O   1 
ATOM   309  N N   . HIS A 1 43  ? 12.426  13.156  -4.725  1.00 12.29 ? 43  HIS A N   1 
ATOM   310  C CA  . HIS A 1 43  ? 13.559  12.243  -4.582  1.00 12.17 ? 43  HIS A CA  1 
ATOM   311  C C   . HIS A 1 43  ? 13.388  11.129  -5.599  1.00 11.26 ? 43  HIS A C   1 
ATOM   312  O O   . HIS A 1 43  ? 12.281  10.869  -6.053  1.00 10.70 ? 43  HIS A O   1 
ATOM   313  C CB  . HIS A 1 43  ? 13.594  11.645  -3.170  1.00 10.42 ? 43  HIS A CB  1 
ATOM   314  C CG  . HIS A 1 43  ? 13.479  12.666  -2.081  1.00 10.88 ? 43  HIS A CG  1 
ATOM   315  N ND1 . HIS A 1 43  ? 14.567  13.337  -1.569  1.00 12.52 ? 43  HIS A ND1 1 
ATOM   316  C CD2 . HIS A 1 43  ? 12.396  13.155  -1.433  1.00 9.06  ? 43  HIS A CD2 1 
ATOM   317  C CE1 . HIS A 1 43  ? 14.161  14.201  -0.655  1.00 13.79 ? 43  HIS A CE1 1 
ATOM   318  N NE2 . HIS A 1 43  ? 12.847  14.109  -0.554  1.00 13.92 ? 43  HIS A NE2 1 
ATOM   319  N N   . PRO A 1 44  ? 14.491  10.503  -6.027  1.00 13.97 ? 44  PRO A N   1 
ATOM   320  C CA  . PRO A 1 44  ? 14.343  9.421   -7.006  1.00 15.52 ? 44  PRO A CA  1 
ATOM   321  C C   . PRO A 1 44  ? 13.547  8.251   -6.423  1.00 14.50 ? 44  PRO A C   1 
ATOM   322  O O   . PRO A 1 44  ? 13.555  8.035   -5.212  1.00 15.50 ? 44  PRO A O   1 
ATOM   323  C CB  . PRO A 1 44  ? 15.798  9.044   -7.326  1.00 15.45 ? 44  PRO A CB  1 
ATOM   324  C CG  . PRO A 1 44  ? 16.565  9.492   -6.106  1.00 15.65 ? 44  PRO A CG  1 
ATOM   325  C CD  . PRO A 1 44  ? 15.910  10.799  -5.768  1.00 15.79 ? 44  PRO A CD  1 
ATOM   326  N N   . LEU A 1 45  ? 12.814  7.545   -7.280  1.00 14.08 ? 45  LEU A N   1 
ATOM   327  C CA  . LEU A 1 45  ? 12.007  6.400   -6.854  1.00 12.41 ? 45  LEU A CA  1 
ATOM   328  C C   . LEU A 1 45  ? 12.941  5.333   -6.275  1.00 12.72 ? 45  LEU A C   1 
ATOM   329  O O   . LEU A 1 45  ? 13.825  4.821   -6.968  1.00 9.05  ? 45  LEU A O   1 
ATOM   330  C CB  . LEU A 1 45  ? 11.217  5.841   -8.042  1.00 11.24 ? 45  LEU A CB  1 
ATOM   331  C CG  . LEU A 1 45  ? 10.133  4.806   -7.757  1.00 11.47 ? 45  LEU A CG  1 
ATOM   332  C CD1 . LEU A 1 45  ? 9.004   5.461   -6.998  1.00 10.99 ? 45  LEU A CD1 1 
ATOM   333  C CD2 . LEU A 1 45  ? 9.626   4.230   -9.064  1.00 12.18 ? 45  LEU A CD2 1 
ATOM   334  N N   . THR A 1 46  ? 12.738  5.018   -4.999  1.00 10.08 ? 46  THR A N   1 
ATOM   335  C CA  . THR A 1 46  ? 13.576  4.056   -4.290  1.00 11.26 ? 46  THR A CA  1 
ATOM   336  C C   . THR A 1 46  ? 12.754  2.949   -3.642  1.00 10.53 ? 46  THR A C   1 
ATOM   337  O O   . THR A 1 46  ? 11.707  3.213   -3.047  1.00 11.64 ? 46  THR A O   1 
ATOM   338  C CB  . THR A 1 46  ? 14.358  4.770   -3.157  1.00 12.65 ? 46  THR A CB  1 
ATOM   339  O OG1 . THR A 1 46  ? 14.966  5.963   -3.668  1.00 14.89 ? 46  THR A OG1 1 
ATOM   340  C CG2 . THR A 1 46  ? 15.433  3.864   -2.588  1.00 13.23 ? 46  THR A CG2 1 
ATOM   341  N N   . ASN A 1 47  ? 13.224  1.712   -3.770  1.00 10.21 ? 47  ASN A N   1 
ATOM   342  C CA  . ASN A 1 47  ? 12.550  0.574   -3.150  1.00 11.26 ? 47  ASN A CA  1 
ATOM   343  C C   . ASN A 1 47  ? 12.896  0.589   -1.670  1.00 10.03 ? 47  ASN A C   1 
ATOM   344  O O   . ASN A 1 47  ? 14.072  0.603   -1.305  1.00 7.93  ? 47  ASN A O   1 
ATOM   345  C CB  . ASN A 1 47  ? 13.003  -0.737  -3.781  1.00 13.13 ? 47  ASN A CB  1 
ATOM   346  C CG  . ASN A 1 47  ? 12.208  -1.088  -5.022  1.00 19.11 ? 47  ASN A CG  1 
ATOM   347  O OD1 . ASN A 1 47  ? 12.069  -0.277  -5.927  1.00 24.80 ? 47  ASN A OD1 1 
ATOM   348  N ND2 . ASN A 1 47  ? 11.672  -2.300  -5.062  1.00 25.91 ? 47  ASN A ND2 1 
ATOM   349  N N   . LEU A 1 48  ? 11.868  0.644   -0.830  1.00 10.09 ? 48  LEU A N   1 
ATOM   350  C CA  . LEU A 1 48  ? 12.045  0.681   0.619   1.00 8.97  ? 48  LEU A CA  1 
ATOM   351  C C   . LEU A 1 48  ? 11.762  -0.676  1.269   1.00 7.68  ? 48  LEU A C   1 
ATOM   352  O O   . LEU A 1 48  ? 11.188  -1.565  0.645   1.00 7.52  ? 48  LEU A O   1 
ATOM   353  C CB  . LEU A 1 48  ? 11.189  1.795   1.231   1.00 6.14  ? 48  LEU A CB  1 
ATOM   354  C CG  . LEU A 1 48  ? 11.519  3.205   0.719   1.00 7.83  ? 48  LEU A CG  1 
ATOM   355  C CD1 . LEU A 1 48  ? 10.541  4.221   1.284   1.00 2.74  ? 48  LEU A CD1 1 
ATOM   356  C CD2 . LEU A 1 48  ? 12.938  3.582   1.097   1.00 6.46  ? 48  LEU A CD2 1 
ATOM   357  N N   . SER A 1 49  ? 12.113  -0.796  2.546   1.00 7.49  ? 49  SER A N   1 
ATOM   358  C CA  . SER A 1 49  ? 12.003  -2.055  3.280   1.00 7.82  ? 49  SER A CA  1 
ATOM   359  C C   . SER A 1 49  ? 10.737  -2.431  4.059   1.00 6.17  ? 49  SER A C   1 
ATOM   360  O O   . SER A 1 49  ? 10.427  -1.823  5.083   1.00 4.70  ? 49  SER A O   1 
ATOM   361  C CB  . SER A 1 49  ? 13.211  -2.171  4.214   1.00 4.42  ? 49  SER A CB  1 
ATOM   362  O OG  . SER A 1 49  ? 13.198  -3.392  4.926   1.00 7.79  ? 49  SER A OG  1 
ATOM   363  N N   . GLU A 1 50  ? 10.045  -3.471  3.592   1.00 5.83  ? 50  GLU A N   1 
ATOM   364  C CA  . GLU A 1 50  ? 8.861   -3.989  4.282   1.00 8.36  ? 50  GLU A CA  1 
ATOM   365  C C   . GLU A 1 50  ? 9.359   -4.780  5.489   1.00 7.79  ? 50  GLU A C   1 
ATOM   366  O O   . GLU A 1 50  ? 8.752   -4.750  6.558   1.00 8.66  ? 50  GLU A O   1 
ATOM   367  C CB  . GLU A 1 50  ? 8.045   -4.934  3.390   1.00 5.79  ? 50  GLU A CB  1 
ATOM   368  C CG  . GLU A 1 50  ? 7.250   -4.264  2.284   1.00 7.21  ? 50  GLU A CG  1 
ATOM   369  C CD  . GLU A 1 50  ? 8.097   -3.857  1.086   1.00 9.17  ? 50  GLU A CD  1 
ATOM   370  O OE1 . GLU A 1 50  ? 9.218   -4.378  0.910   1.00 9.69  ? 50  GLU A OE1 1 
ATOM   371  O OE2 . GLU A 1 50  ? 7.619   -3.023  0.300   1.00 11.29 ? 50  GLU A OE2 1 
ATOM   372  N N   . GLN A 1 51  ? 10.491  -5.463  5.309   1.00 7.71  ? 51  GLN A N   1 
ATOM   373  C CA  . GLN A 1 51  ? 11.086  -6.275  6.360   1.00 6.82  ? 51  GLN A CA  1 
ATOM   374  C C   . GLN A 1 51  ? 11.348  -5.503  7.642   1.00 7.13  ? 51  GLN A C   1 
ATOM   375  O O   . GLN A 1 51  ? 11.298  -6.068  8.736   1.00 10.00 ? 51  GLN A O   1 
ATOM   376  C CB  . GLN A 1 51  ? 12.384  -6.918  5.880   1.00 5.94  ? 51  GLN A CB  1 
ATOM   377  C CG  . GLN A 1 51  ? 12.853  -8.030  6.792   1.00 8.46  ? 51  GLN A CG  1 
ATOM   378  C CD  . GLN A 1 51  ? 11.804  -9.113  6.942   1.00 6.61  ? 51  GLN A CD  1 
ATOM   379  O OE1 . GLN A 1 51  ? 11.442  -9.770  5.972   1.00 10.62 ? 51  GLN A OE1 1 
ATOM   380  N NE2 . GLN A 1 51  ? 11.287  -9.278  8.151   1.00 8.72  ? 51  GLN A NE2 1 
ATOM   381  N N   . MET A 1 52  ? 11.667  -4.222  7.503   1.00 6.28  ? 52  MET A N   1 
ATOM   382  C CA  . MET A 1 52  ? 11.911  -3.370  8.656   1.00 6.46  ? 52  MET A CA  1 
ATOM   383  C C   . MET A 1 52  ? 10.666  -3.373  9.545   1.00 7.90  ? 52  MET A C   1 
ATOM   384  O O   . MET A 1 52  ? 10.764  -3.503  10.764  1.00 8.88  ? 52  MET A O   1 
ATOM   385  C CB  . MET A 1 52  ? 12.220  -1.939  8.205   1.00 6.74  ? 52  MET A CB  1 
ATOM   386  C CG  . MET A 1 52  ? 12.356  -0.945  9.347   1.00 8.62  ? 52  MET A CG  1 
ATOM   387  S SD  . MET A 1 52  ? 12.341  0.770   8.787   1.00 14.02 ? 52  MET A SD  1 
ATOM   388  C CE  . MET A 1 52  ? 10.611  0.946   8.291   1.00 10.31 ? 52  MET A CE  1 
ATOM   389  N N   . LEU A 1 53  ? 9.499   -3.234  8.919   1.00 7.06  ? 53  LEU A N   1 
ATOM   390  C CA  . LEU A 1 53  ? 8.230   -3.232  9.638   1.00 7.34  ? 53  LEU A CA  1 
ATOM   391  C C   . LEU A 1 53  ? 7.883   -4.604  10.205  1.00 7.88  ? 53  LEU A C   1 
ATOM   392  O O   . LEU A 1 53  ? 7.545   -4.730  11.382  1.00 9.47  ? 53  LEU A O   1 
ATOM   393  C CB  . LEU A 1 53  ? 7.092   -2.759  8.726   1.00 4.70  ? 53  LEU A CB  1 
ATOM   394  C CG  . LEU A 1 53  ? 7.052   -1.279  8.342   1.00 4.81  ? 53  LEU A CG  1 
ATOM   395  C CD1 . LEU A 1 53  ? 5.849   -1.006  7.454   1.00 3.51  ? 53  LEU A CD1 1 
ATOM   396  C CD2 . LEU A 1 53  ? 6.995   -0.415  9.595   1.00 4.56  ? 53  LEU A CD2 1 
ATOM   397  N N   . VAL A 1 54  ? 7.969   -5.631  9.364   1.00 10.69 ? 54  VAL A N   1 
ATOM   398  C CA  . VAL A 1 54  ? 7.647   -6.991  9.780   1.00 9.38  ? 54  VAL A CA  1 
ATOM   399  C C   . VAL A 1 54  ? 8.475   -7.429  10.994  1.00 12.20 ? 54  VAL A C   1 
ATOM   400  O O   . VAL A 1 54  ? 7.924   -7.964  11.954  1.00 12.79 ? 54  VAL A O   1 
ATOM   401  C CB  . VAL A 1 54  ? 7.830   -7.996  8.612   1.00 8.96  ? 54  VAL A CB  1 
ATOM   402  C CG1 . VAL A 1 54  ? 7.449   -9.413  9.051   1.00 5.76  ? 54  VAL A CG1 1 
ATOM   403  C CG2 . VAL A 1 54  ? 6.976   -7.577  7.425   1.00 7.89  ? 54  VAL A CG2 1 
ATOM   404  N N   . SER A 1 55  ? 9.775   -7.139  10.968  1.00 11.49 ? 55  SER A N   1 
ATOM   405  C CA  . SER A 1 55  ? 10.687  -7.506  12.054  1.00 11.87 ? 55  SER A CA  1 
ATOM   406  C C   . SER A 1 55  ? 10.721  -6.561  13.252  1.00 13.06 ? 55  SER A C   1 
ATOM   407  O O   . SER A 1 55  ? 10.724  -7.009  14.396  1.00 12.58 ? 55  SER A O   1 
ATOM   408  C CB  . SER A 1 55  ? 12.124  -7.634  11.529  1.00 10.60 ? 55  SER A CB  1 
ATOM   409  O OG  . SER A 1 55  ? 12.280  -8.754  10.686  1.00 12.57 ? 55  SER A OG  1 
ATOM   410  N N   . CYS A 1 56  ? 10.747  -5.257  12.988  1.00 12.12 ? 56  CYS A N   1 
ATOM   411  C CA  . CYS A 1 56  ? 10.869  -4.265  14.050  1.00 12.13 ? 56  CYS A CA  1 
ATOM   412  C C   . CYS A 1 56  ? 9.629   -3.600  14.621  1.00 13.44 ? 56  CYS A C   1 
ATOM   413  O O   . CYS A 1 56  ? 9.670   -3.102  15.746  1.00 15.43 ? 56  CYS A O   1 
ATOM   414  C CB  . CYS A 1 56  ? 11.864  -3.192  13.620  1.00 13.92 ? 56  CYS A CB  1 
ATOM   415  S SG  . CYS A 1 56  ? 13.447  -3.883  13.050  1.00 13.14 ? 56  CYS A SG  1 
ATOM   416  N N   . ASP A 1 57  ? 8.552   -3.553  13.846  1.00 12.24 ? 57  ASP A N   1 
ATOM   417  C CA  . ASP A 1 57  ? 7.307   -2.931  14.288  1.00 13.01 ? 57  ASP A CA  1 
ATOM   418  C C   . ASP A 1 57  ? 6.582   -3.792  15.330  1.00 13.29 ? 57  ASP A C   1 
ATOM   419  O O   . ASP A 1 57  ? 5.694   -4.576  14.994  1.00 11.98 ? 57  ASP A O   1 
ATOM   420  C CB  . ASP A 1 57  ? 6.419   -2.680  13.067  1.00 13.03 ? 57  ASP A CB  1 
ATOM   421  C CG  . ASP A 1 57  ? 5.146   -1.932  13.396  1.00 10.50 ? 57  ASP A CG  1 
ATOM   422  O OD1 . ASP A 1 57  ? 4.879   -1.627  14.576  1.00 10.39 ? 57  ASP A OD1 1 
ATOM   423  O OD2 . ASP A 1 57  ? 4.402   -1.649  12.443  1.00 9.04  ? 57  ASP A OD2 1 
ATOM   424  N N   . LYS A 1 58  ? 6.925   -3.576  16.600  1.00 16.46 ? 58  LYS A N   1 
ATOM   425  C CA  . LYS A 1 58  ? 6.350   -4.328  17.718  1.00 18.00 ? 58  LYS A CA  1 
ATOM   426  C C   . LYS A 1 58  ? 4.898   -4.007  18.056  1.00 17.36 ? 58  LYS A C   1 
ATOM   427  O O   . LYS A 1 58  ? 4.285   -4.728  18.840  1.00 16.85 ? 58  LYS A O   1 
ATOM   428  C CB  . LYS A 1 58  ? 7.211   -4.169  18.975  1.00 22.68 ? 58  LYS A CB  1 
ATOM   429  C CG  . LYS A 1 58  ? 8.650   -4.650  18.819  1.00 26.28 ? 58  LYS A CG  1 
ATOM   430  C CD  . LYS A 1 58  ? 8.744   -6.157  18.645  1.00 29.88 ? 58  LYS A CD  1 
ATOM   431  C CE  . LYS A 1 58  ? 10.194  -6.581  18.455  1.00 34.70 ? 58  LYS A CE  1 
ATOM   432  N NZ  . LYS A 1 58  ? 10.372  -8.062  18.447  1.00 37.17 ? 58  LYS A NZ  1 
ATOM   433  N N   . THR A 1 59  ? 4.363   -2.917  17.511  1.00 14.78 ? 59  THR A N   1 
ATOM   434  C CA  . THR A 1 59  ? 2.964   -2.563  17.758  1.00 14.75 ? 59  THR A CA  1 
ATOM   435  C C   . THR A 1 59  ? 2.073   -3.365  16.804  1.00 14.51 ? 59  THR A C   1 
ATOM   436  O O   . THR A 1 59  ? 0.847   -3.363  16.926  1.00 15.68 ? 59  THR A O   1 
ATOM   437  C CB  . THR A 1 59  ? 2.684   -1.050  17.571  1.00 16.47 ? 59  THR A CB  1 
ATOM   438  O OG1 . THR A 1 59  ? 2.954   -0.674  16.216  1.00 19.55 ? 59  THR A OG1 1 
ATOM   439  C CG2 . THR A 1 59  ? 3.540   -0.213  18.514  1.00 17.17 ? 59  THR A CG2 1 
ATOM   440  N N   . ASP A 1 60  ? 2.706   -4.033  15.845  1.00 11.88 ? 60  ASP A N   1 
ATOM   441  C CA  . ASP A 1 60  ? 1.995   -4.858  14.884  1.00 11.75 ? 60  ASP A CA  1 
ATOM   442  C C   . ASP A 1 60  ? 2.382   -6.327  15.046  1.00 13.08 ? 60  ASP A C   1 
ATOM   443  O O   . ASP A 1 60  ? 3.238   -6.650  15.872  1.00 12.80 ? 60  ASP A O   1 
ATOM   444  C CB  . ASP A 1 60  ? 2.196   -4.331  13.466  1.00 7.57  ? 60  ASP A CB  1 
ATOM   445  C CG  . ASP A 1 60  ? 1.370   -3.079  13.208  1.00 11.13 ? 60  ASP A CG  1 
ATOM   446  O OD1 . ASP A 1 60  ? 0.130   -3.165  13.284  1.00 14.10 ? 60  ASP A OD1 1 
ATOM   447  O OD2 . ASP A 1 60  ? 1.940   -1.996  12.983  1.00 8.68  ? 60  ASP A OD2 1 
ATOM   448  N N   . SER A 1 61  ? 1.764   -7.211  14.263  1.00 12.39 ? 61  SER A N   1 
ATOM   449  C CA  . SER A 1 61  ? 2.007   -8.648  14.410  1.00 9.99  ? 61  SER A CA  1 
ATOM   450  C C   . SER A 1 61  ? 2.748   -9.419  13.318  1.00 9.98  ? 61  SER A C   1 
ATOM   451  O O   . SER A 1 61  ? 2.413   -10.572 13.048  1.00 9.84  ? 61  SER A O   1 
ATOM   452  C CB  . SER A 1 61  ? 0.682   -9.350  14.709  1.00 8.35  ? 61  SER A CB  1 
ATOM   453  O OG  . SER A 1 61  ? 0.044   -8.752  15.819  1.00 12.11 ? 61  SER A OG  1 
ATOM   454  N N   . GLY A 1 62  ? 3.774   -8.808  12.732  1.00 9.35  ? 62  GLY A N   1 
ATOM   455  C CA  . GLY A 1 62  ? 4.566   -9.474  11.706  1.00 9.43  ? 62  GLY A CA  1 
ATOM   456  C C   . GLY A 1 62  ? 3.794   -10.197 10.618  1.00 10.76 ? 62  GLY A C   1 
ATOM   457  O O   . GLY A 1 62  ? 2.999   -9.584  9.904   1.00 12.13 ? 62  GLY A O   1 
ATOM   458  N N   . CYS A 1 63  ? 4.039   -11.498 10.482  1.00 7.01  ? 63  CYS A N   1 
ATOM   459  C CA  . CYS A 1 63  ? 3.358   -12.307 9.474   1.00 5.76  ? 63  CYS A CA  1 
ATOM   460  C C   . CYS A 1 63  ? 1.910   -12.636 9.832   1.00 5.47  ? 63  CYS A C   1 
ATOM   461  O O   . CYS A 1 63  ? 1.213   -13.304 9.067   1.00 10.19 ? 63  CYS A O   1 
ATOM   462  C CB  . CYS A 1 63  ? 4.130   -13.600 9.189   1.00 5.66  ? 63  CYS A CB  1 
ATOM   463  S SG  . CYS A 1 63  ? 5.714   -13.343 8.330   1.00 9.94  ? 63  CYS A SG  1 
ATOM   464  N N   . SER A 1 64  ? 1.456   -12.157 10.985  0.50 3.12  ? 64  SER A N   1 
ATOM   465  C CA  . SER A 1 64  ? 0.088   -12.397 11.415  0.50 2.00  ? 64  SER A CA  1 
ATOM   466  C C   . SER A 1 64  ? -0.796  -11.159 11.304  0.50 2.00  ? 64  SER A C   1 
ATOM   467  O O   . SER A 1 64  ? -1.866  -11.102 11.897  0.50 2.00  ? 64  SER A O   1 
ATOM   468  C CB  . SER A 1 64  ? 0.055   -12.973 12.829  0.50 2.00  ? 64  SER A CB  1 
ATOM   469  O OG  . SER A 1 64  ? 0.601   -14.280 12.839  0.50 2.00  ? 64  SER A OG  1 
ATOM   470  N N   . GLY A 1 65  ? -0.333  -10.165 10.552  1.00 5.94  ? 65  GLY A N   1 
ATOM   471  C CA  . GLY A 1 65  ? -1.124  -8.962  10.349  1.00 4.34  ? 65  GLY A CA  1 
ATOM   472  C C   . GLY A 1 65  ? -0.724  -7.701  11.080  1.00 6.91  ? 65  GLY A C   1 
ATOM   473  O O   . GLY A 1 65  ? 0.105   -7.712  11.991  1.00 7.94  ? 65  GLY A O   1 
ATOM   474  N N   . GLY A 1 66  ? -1.354  -6.604  10.678  1.00 4.59  ? 66  GLY A N   1 
ATOM   475  C CA  . GLY A 1 66  ? -1.081  -5.314  11.273  1.00 4.16  ? 66  GLY A CA  1 
ATOM   476  C C   . GLY A 1 66  ? -1.926  -4.238  10.621  1.00 2.49  ? 66  GLY A C   1 
ATOM   477  O O   . GLY A 1 66  ? -2.765  -4.522  9.768   1.00 4.72  ? 66  GLY A O   1 
ATOM   478  N N   . LEU A 1 67  ? -1.724  -2.999  11.039  1.00 4.04  ? 67  LEU A N   1 
ATOM   479  C CA  . LEU A 1 67  ? -2.479  -1.881  10.491  1.00 6.33  ? 67  LEU A CA  1 
ATOM   480  C C   . LEU A 1 67  ? -1.492  -0.887  9.900   1.00 7.71  ? 67  LEU A C   1 
ATOM   481  O O   . LEU A 1 67  ? -0.430  -0.652  10.476  1.00 5.32  ? 67  LEU A O   1 
ATOM   482  C CB  . LEU A 1 67  ? -3.296  -1.196  11.596  1.00 11.09 ? 67  LEU A CB  1 
ATOM   483  C CG  . LEU A 1 67  ? -4.251  -2.033  12.462  1.00 9.78  ? 67  LEU A CG  1 
ATOM   484  C CD1 . LEU A 1 67  ? -4.808  -1.169  13.580  1.00 14.63 ? 67  LEU A CD1 1 
ATOM   485  C CD2 . LEU A 1 67  ? -5.384  -2.593  11.632  1.00 7.03  ? 67  LEU A CD2 1 
ATOM   486  N N   . MET A 1 68  ? -1.831  -0.323  8.744   1.00 7.23  ? 68  MET A N   1 
ATOM   487  C CA  . MET A 1 68  ? -0.958  0.655   8.100   1.00 7.05  ? 68  MET A CA  1 
ATOM   488  C C   . MET A 1 68  ? -0.763  1.891   8.976   1.00 6.76  ? 68  MET A C   1 
ATOM   489  O O   . MET A 1 68  ? 0.331   2.446   9.032   1.00 8.25  ? 68  MET A O   1 
ATOM   490  C CB  . MET A 1 68  ? -1.508  1.060   6.729   1.00 6.65  ? 68  MET A CB  1 
ATOM   491  C CG  . MET A 1 68  ? -1.402  -0.030  5.670   1.00 7.09  ? 68  MET A CG  1 
ATOM   492  S SD  . MET A 1 68  ? -2.621  -1.343  5.848   1.00 10.77 ? 68  MET A SD  1 
ATOM   493  C CE  . MET A 1 68  ? -3.971  -0.614  4.895   1.00 2.39  ? 68  MET A CE  1 
ATOM   494  N N   . ASN A 1 69  ? -1.821  2.301   9.673   1.00 5.90  ? 69  ASN A N   1 
ATOM   495  C CA  . ASN A 1 69  ? -1.760  3.460   10.556  1.00 8.07  ? 69  ASN A CA  1 
ATOM   496  C C   . ASN A 1 69  ? -0.813  3.244   11.734  1.00 8.96  ? 69  ASN A C   1 
ATOM   497  O O   . ASN A 1 69  ? -0.180  4.191   12.199  1.00 7.48  ? 69  ASN A O   1 
ATOM   498  C CB  . ASN A 1 69  ? -3.158  3.848   11.044  1.00 7.77  ? 69  ASN A CB  1 
ATOM   499  C CG  . ASN A 1 69  ? -3.987  4.503   9.958   1.00 13.08 ? 69  ASN A CG  1 
ATOM   500  O OD1 . ASN A 1 69  ? -3.444  5.131   9.048   1.00 15.49 ? 69  ASN A OD1 1 
ATOM   501  N ND2 . ASN A 1 69  ? -5.307  4.363   10.043  1.00 11.63 ? 69  ASN A ND2 1 
ATOM   502  N N   . ASN A 1 70  ? -0.747  2.007   12.227  1.00 9.87  ? 70  ASN A N   1 
ATOM   503  C CA  . ASN A 1 70  ? 0.158   1.656   13.324  1.00 9.25  ? 70  ASN A CA  1 
ATOM   504  C C   . ASN A 1 70  ? 1.591   1.733   12.789  1.00 9.04  ? 70  ASN A C   1 
ATOM   505  O O   . ASN A 1 70  ? 2.494   2.222   13.466  1.00 7.93  ? 70  ASN A O   1 
ATOM   506  C CB  . ASN A 1 70  ? -0.110  0.223   13.816  1.00 10.47 ? 70  ASN A CB  1 
ATOM   507  C CG  . ASN A 1 70  ? -1.292  0.125   14.772  1.00 14.02 ? 70  ASN A CG  1 
ATOM   508  O OD1 . ASN A 1 70  ? -2.078  1.060   14.912  1.00 13.39 ? 70  ASN A OD1 1 
ATOM   509  N ND2 . ASN A 1 70  ? -1.418  -1.022  15.436  1.00 8.41  ? 70  ASN A ND2 1 
ATOM   510  N N   . ALA A 1 71  ? 1.788   1.233   11.568  1.00 9.13  ? 71  ALA A N   1 
ATOM   511  C CA  . ALA A 1 71  ? 3.096   1.240   10.919  1.00 8.23  ? 71  ALA A CA  1 
ATOM   512  C C   . ALA A 1 71  ? 3.607   2.669   10.720  1.00 7.18  ? 71  ALA A C   1 
ATOM   513  O O   . ALA A 1 71  ? 4.778   2.954   10.974  1.00 4.80  ? 71  ALA A O   1 
ATOM   514  C CB  . ALA A 1 71  ? 3.023   0.508   9.583   1.00 10.24 ? 71  ALA A CB  1 
ATOM   515  N N   . PHE A 1 72  ? 2.724   3.562   10.280  1.00 6.24  ? 72  PHE A N   1 
ATOM   516  C CA  . PHE A 1 72  ? 3.080   4.966   10.067  1.00 8.48  ? 72  PHE A CA  1 
ATOM   517  C C   . PHE A 1 72  ? 3.523   5.595   11.388  1.00 10.52 ? 72  PHE A C   1 
ATOM   518  O O   . PHE A 1 72  ? 4.516   6.327   11.437  1.00 10.47 ? 72  PHE A O   1 
ATOM   519  C CB  . PHE A 1 72  ? 1.887   5.752   9.512   1.00 5.31  ? 72  PHE A CB  1 
ATOM   520  C CG  . PHE A 1 72  ? 1.522   5.402   8.093   1.00 4.22  ? 72  PHE A CG  1 
ATOM   521  C CD1 . PHE A 1 72  ? 2.498   5.010   7.178   1.00 5.52  ? 72  PHE A CD1 1 
ATOM   522  C CD2 . PHE A 1 72  ? 0.202   5.482   7.668   1.00 2.37  ? 72  PHE A CD2 1 
ATOM   523  C CE1 . PHE A 1 72  ? 2.160   4.694   5.864   1.00 3.73  ? 72  PHE A CE1 1 
ATOM   524  C CE2 . PHE A 1 72  ? -0.150  5.170   6.359   1.00 5.67  ? 72  PHE A CE2 1 
ATOM   525  C CZ  . PHE A 1 72  ? 0.829   4.778   5.452   1.00 2.94  ? 72  PHE A CZ  1 
ATOM   526  N N   . GLU A 1 73  ? 2.787   5.291   12.455  1.00 12.06 ? 73  GLU A N   1 
ATOM   527  C CA  . GLU A 1 73  ? 3.091   5.819   13.781  1.00 14.87 ? 73  GLU A CA  1 
ATOM   528  C C   . GLU A 1 73  ? 4.370   5.254   14.381  1.00 12.76 ? 73  GLU A C   1 
ATOM   529  O O   . GLU A 1 73  ? 5.101   5.974   15.056  1.00 10.06 ? 73  GLU A O   1 
ATOM   530  C CB  . GLU A 1 73  ? 1.921   5.591   14.735  1.00 20.15 ? 73  GLU A CB  1 
ATOM   531  C CG  . GLU A 1 73  ? 0.725   6.470   14.429  1.00 34.30 ? 73  GLU A CG  1 
ATOM   532  C CD  . GLU A 1 73  ? -0.410  6.304   15.420  1.00 44.09 ? 73  GLU A CD  1 
ATOM   533  O OE1 . GLU A 1 73  ? -0.318  5.432   16.313  1.00 49.54 ? 73  GLU A OE1 1 
ATOM   534  O OE2 . GLU A 1 73  ? -1.404  7.052   15.303  1.00 48.94 ? 73  GLU A OE2 1 
ATOM   535  N N   . TRP A 1 74  ? 4.625   3.966   14.151  1.00 10.27 ? 74  TRP A N   1 
ATOM   536  C CA  . TRP A 1 74  ? 5.830   3.319   14.662  1.00 9.41  ? 74  TRP A CA  1 
ATOM   537  C C   . TRP A 1 74  ? 7.060   3.950   14.019  1.00 9.48  ? 74  TRP A C   1 
ATOM   538  O O   . TRP A 1 74  ? 8.059   4.204   14.685  1.00 9.20  ? 74  TRP A O   1 
ATOM   539  C CB  . TRP A 1 74  ? 5.816   1.812   14.366  1.00 10.42 ? 74  TRP A CB  1 
ATOM   540  C CG  . TRP A 1 74  ? 7.071   1.116   14.835  1.00 11.99 ? 74  TRP A CG  1 
ATOM   541  C CD1 . TRP A 1 74  ? 7.320   0.635   16.088  1.00 8.96  ? 74  TRP A CD1 1 
ATOM   542  C CD2 . TRP A 1 74  ? 8.277   0.913   14.082  1.00 9.62  ? 74  TRP A CD2 1 
ATOM   543  N NE1 . TRP A 1 74  ? 8.609   0.163   16.168  1.00 8.97  ? 74  TRP A NE1 1 
ATOM   544  C CE2 . TRP A 1 74  ? 9.218   0.321   14.953  1.00 12.28 ? 74  TRP A CE2 1 
ATOM   545  C CE3 . TRP A 1 74  ? 8.654   1.184   12.761  1.00 9.87  ? 74  TRP A CE3 1 
ATOM   546  C CZ2 . TRP A 1 74  ? 10.519  -0.005  14.546  1.00 13.43 ? 74  TRP A CZ2 1 
ATOM   547  C CZ3 . TRP A 1 74  ? 9.949   0.862   12.356  1.00 10.80 ? 74  TRP A CZ3 1 
ATOM   548  C CH2 . TRP A 1 74  ? 10.864  0.275   13.248  1.00 11.93 ? 74  TRP A CH2 1 
ATOM   549  N N   . ILE A 1 75  ? 6.985   4.182   12.711  1.00 9.77  ? 75  ILE A N   1 
ATOM   550  C CA  . ILE A 1 75  ? 8.088   4.793   11.984  1.00 10.82 ? 75  ILE A CA  1 
ATOM   551  C C   . ILE A 1 75  ? 8.448   6.146   12.587  1.00 11.80 ? 75  ILE A C   1 
ATOM   552  O O   . ILE A 1 75  ? 9.606   6.391   12.903  1.00 12.37 ? 75  ILE A O   1 
ATOM   553  C CB  . ILE A 1 75  ? 7.750   4.967   10.484  1.00 8.01  ? 75  ILE A CB  1 
ATOM   554  C CG1 . ILE A 1 75  ? 7.712   3.600   9.792   1.00 8.33  ? 75  ILE A CG1 1 
ATOM   555  C CG2 . ILE A 1 75  ? 8.779   5.858   9.808   1.00 10.38 ? 75  ILE A CG2 1 
ATOM   556  C CD1 . ILE A 1 75  ? 7.145   3.636   8.385   1.00 6.96  ? 75  ILE A CD1 1 
ATOM   557  N N   . VAL A 1 76  ? 7.449   6.993   12.800  1.00 14.26 ? 76  VAL A N   1 
ATOM   558  C CA  . VAL A 1 76  ? 7.679   8.324   13.353  1.00 17.45 ? 76  VAL A CA  1 
ATOM   559  C C   . VAL A 1 76  ? 8.085   8.363   14.828  1.00 18.92 ? 76  VAL A C   1 
ATOM   560  O O   . VAL A 1 76  ? 9.052   9.030   15.195  1.00 20.00 ? 76  VAL A O   1 
ATOM   561  C CB  . VAL A 1 76  ? 6.445   9.232   13.133  1.00 18.35 ? 76  VAL A CB  1 
ATOM   562  C CG1 . VAL A 1 76  ? 6.657   10.596  13.781  1.00 18.36 ? 76  VAL A CG1 1 
ATOM   563  C CG2 . VAL A 1 76  ? 6.186   9.397   11.646  1.00 17.42 ? 76  VAL A CG2 1 
ATOM   564  N N   . GLN A 1 77  ? 7.365   7.625   15.663  1.00 20.69 ? 77  GLN A N   1 
ATOM   565  C CA  . GLN A 1 77  ? 7.631   7.612   17.095  1.00 23.41 ? 77  GLN A CA  1 
ATOM   566  C C   . GLN A 1 77  ? 8.745   6.708   17.606  1.00 22.20 ? 77  GLN A C   1 
ATOM   567  O O   . GLN A 1 77  ? 9.394   7.039   18.596  1.00 23.38 ? 77  GLN A O   1 
ATOM   568  C CB  . GLN A 1 77  ? 6.347   7.303   17.860  1.00 27.41 ? 77  GLN A CB  1 
ATOM   569  C CG  . GLN A 1 77  ? 5.237   8.311   17.633  1.00 33.91 ? 77  GLN A CG  1 
ATOM   570  C CD  . GLN A 1 77  ? 3.979   7.989   18.419  1.00 39.95 ? 77  GLN A CD  1 
ATOM   571  O OE1 . GLN A 1 77  ? 3.023   8.762   18.409  1.00 43.85 ? 77  GLN A OE1 1 
ATOM   572  N NE2 . GLN A 1 77  ? 3.972   6.845   19.105  1.00 44.31 ? 77  GLN A NE2 1 
ATOM   573  N N   . GLU A 1 78  ? 8.969   5.574   16.950  1.00 20.02 ? 78  GLU A N   1 
ATOM   574  C CA  . GLU A 1 78  ? 9.995   4.638   17.396  1.00 20.89 ? 78  GLU A CA  1 
ATOM   575  C C   . GLU A 1 78  ? 11.254  4.596   16.546  1.00 19.91 ? 78  GLU A C   1 
ATOM   576  O O   . GLU A 1 78  ? 12.333  4.269   17.049  1.00 19.54 ? 78  GLU A O   1 
ATOM   577  C CB  . GLU A 1 78  ? 9.419   3.221   17.488  1.00 24.37 ? 78  GLU A CB  1 
ATOM   578  C CG  . GLU A 1 78  ? 8.211   3.070   18.409  1.00 30.76 ? 78  GLU A CG  1 
ATOM   579  C CD  . GLU A 1 78  ? 8.530   3.337   19.870  1.00 34.00 ? 78  GLU A CD  1 
ATOM   580  O OE1 . GLU A 1 78  ? 9.606   2.908   20.346  1.00 35.06 ? 78  GLU A OE1 1 
ATOM   581  O OE2 . GLU A 1 78  ? 7.693   3.977   20.543  1.00 38.40 ? 78  GLU A OE2 1 
ATOM   582  N N   . ASN A 1 79  A 11.130  4.922   15.262  1.00 16.28 ? 78  ASN A N   1 
ATOM   583  C CA  . ASN A 1 79  A 12.284  4.866   14.373  1.00 15.70 ? 78  ASN A CA  1 
ATOM   584  C C   . ASN A 1 79  A 12.789  6.220   13.880  1.00 16.80 ? 78  ASN A C   1 
ATOM   585  O O   . ASN A 1 79  A 13.529  6.290   12.894  1.00 17.16 ? 78  ASN A O   1 
ATOM   586  C CB  . ASN A 1 79  A 11.983  3.942   13.186  1.00 12.28 ? 78  ASN A CB  1 
ATOM   587  C CG  . ASN A 1 79  A 13.232  3.283   12.630  1.00 15.15 ? 78  ASN A CG  1 
ATOM   588  O OD1 . ASN A 1 79  A 13.436  3.228   11.416  1.00 19.31 ? 78  ASN A OD1 1 
ATOM   589  N ND2 . ASN A 1 79  A 14.079  2.784   13.517  1.00 12.85 ? 78  ASN A ND2 1 
ATOM   590  N N   . ASN A 1 80  B 12.414  7.287   14.583  1.00 17.37 ? 78  ASN A N   1 
ATOM   591  C CA  . ASN A 1 80  B 12.823  8.649   14.226  1.00 19.03 ? 78  ASN A CA  1 
ATOM   592  C C   . ASN A 1 80  B 12.409  9.022   12.801  1.00 17.28 ? 78  ASN A C   1 
ATOM   593  O O   . ASN A 1 80  B 13.097  9.781   12.123  1.00 17.76 ? 78  ASN A O   1 
ATOM   594  C CB  . ASN A 1 80  B 14.338  8.826   14.409  1.00 23.95 ? 78  ASN A CB  1 
ATOM   595  C CG  . ASN A 1 80  B 14.772  8.703   15.865  1.00 31.79 ? 78  ASN A CG  1 
ATOM   596  O OD1 . ASN A 1 80  B 14.115  9.227   16.764  1.00 36.12 ? 78  ASN A OD1 1 
ATOM   597  N ND2 . ASN A 1 80  B 15.888  8.022   16.100  1.00 34.47 ? 78  ASN A ND2 1 
ATOM   598  N N   . GLY A 1 81  C 11.278  8.474   12.362  1.00 14.87 ? 78  GLY A N   1 
ATOM   599  C CA  . GLY A 1 81  C 10.762  8.736   11.028  1.00 13.79 ? 78  GLY A CA  1 
ATOM   600  C C   . GLY A 1 81  C 11.506  8.059   9.888   1.00 12.35 ? 78  GLY A C   1 
ATOM   601  O O   . GLY A 1 81  C 11.126  8.212   8.730   1.00 12.19 ? 78  GLY A O   1 
ATOM   602  N N   . ALA A 1 82  ? 12.516  7.257   10.215  1.00 10.46 ? 79  ALA A N   1 
ATOM   603  C CA  . ALA A 1 82  ? 13.331  6.586   9.208   1.00 9.53  ? 79  ALA A CA  1 
ATOM   604  C C   . ALA A 1 82  ? 12.759  5.299   8.616   1.00 9.96  ? 79  ALA A C   1 
ATOM   605  O O   . ALA A 1 82  ? 12.231  4.449   9.328   1.00 10.84 ? 79  ALA A O   1 
ATOM   606  C CB  . ALA A 1 82  ? 14.725  6.325   9.762   1.00 8.26  ? 79  ALA A CB  1 
ATOM   607  N N   . VAL A 1 83  ? 12.882  5.181   7.298   1.00 6.73  ? 80  VAL A N   1 
ATOM   608  C CA  . VAL A 1 83  ? 12.437  4.010   6.550   1.00 8.77  ? 80  VAL A CA  1 
ATOM   609  C C   . VAL A 1 83  ? 13.664  3.554   5.755   1.00 6.76  ? 80  VAL A C   1 
ATOM   610  O O   . VAL A 1 83  ? 14.180  4.298   4.921   1.00 7.15  ? 80  VAL A O   1 
ATOM   611  C CB  . VAL A 1 83  ? 11.279  4.364   5.566   1.00 6.59  ? 80  VAL A CB  1 
ATOM   612  C CG1 . VAL A 1 83  ? 10.856  3.143   4.770   1.00 6.99  ? 80  VAL A CG1 1 
ATOM   613  C CG2 . VAL A 1 83  ? 10.095  4.907   6.331   1.00 9.58  ? 80  VAL A CG2 1 
ATOM   614  N N   . TYR A 1 84  ? 14.155  2.354   6.050   1.00 7.61  ? 81  TYR A N   1 
ATOM   615  C CA  . TYR A 1 84  ? 15.333  1.809   5.376   1.00 7.36  ? 81  TYR A CA  1 
ATOM   616  C C   . TYR A 1 84  ? 15.088  1.392   3.930   1.00 7.52  ? 81  TYR A C   1 
ATOM   617  O O   . TYR A 1 84  ? 13.952  1.127   3.528   1.00 5.22  ? 81  TYR A O   1 
ATOM   618  C CB  . TYR A 1 84  ? 15.887  0.611   6.154   1.00 10.87 ? 81  TYR A CB  1 
ATOM   619  C CG  . TYR A 1 84  ? 16.239  0.920   7.590   1.00 14.45 ? 81  TYR A CG  1 
ATOM   620  C CD1 . TYR A 1 84  ? 15.864  0.058   8.619   1.00 14.99 ? 81  TYR A CD1 1 
ATOM   621  C CD2 . TYR A 1 84  ? 16.937  2.078   7.921   1.00 14.20 ? 81  TYR A CD2 1 
ATOM   622  C CE1 . TYR A 1 84  ? 16.177  0.344   9.947   1.00 16.03 ? 81  TYR A CE1 1 
ATOM   623  C CE2 . TYR A 1 84  ? 17.255  2.373   9.242   1.00 17.42 ? 81  TYR A CE2 1 
ATOM   624  C CZ  . TYR A 1 84  ? 16.874  1.505   10.249  1.00 18.35 ? 81  TYR A CZ  1 
ATOM   625  O OH  . TYR A 1 84  ? 17.192  1.809   11.553  1.00 20.81 ? 81  TYR A OH  1 
ATOM   626  N N   . THR A 1 85  ? 16.168  1.326   3.154   1.00 6.24  ? 82  THR A N   1 
ATOM   627  C CA  . THR A 1 85  ? 16.090  0.918   1.757   1.00 7.51  ? 82  THR A CA  1 
ATOM   628  C C   . THR A 1 85  ? 15.955  -0.602  1.719   1.00 7.04  ? 82  THR A C   1 
ATOM   629  O O   . THR A 1 85  ? 16.413  -1.288  2.626   1.00 5.58  ? 82  THR A O   1 
ATOM   630  C CB  . THR A 1 85  ? 17.366  1.311   0.972   1.00 10.26 ? 82  THR A CB  1 
ATOM   631  O OG1 . THR A 1 85  ? 18.496  0.605   1.506   1.00 9.05  ? 82  THR A OG1 1 
ATOM   632  C CG2 . THR A 1 85  ? 17.614  2.800   1.057   1.00 4.94  ? 82  THR A CG2 1 
ATOM   633  N N   . GLU A 1 86  ? 15.343  -1.121  0.659   1.00 9.54  ? 83  GLU A N   1 
ATOM   634  C CA  . GLU A 1 86  ? 15.153  -2.561  0.513   1.00 9.86  ? 83  GLU A CA  1 
ATOM   635  C C   . GLU A 1 86  ? 16.491  -3.267  0.345   1.00 8.92  ? 83  GLU A C   1 
ATOM   636  O O   . GLU A 1 86  ? 16.710  -4.335  0.914   1.00 9.78  ? 83  GLU A O   1 
ATOM   637  C CB  . GLU A 1 86  ? 14.236  -2.863  -0.681  1.00 12.11 ? 83  GLU A CB  1 
ATOM   638  C CG  . GLU A 1 86  ? 13.742  -4.308  -0.745  1.00 16.93 ? 83  GLU A CG  1 
ATOM   639  C CD  . GLU A 1 86  ? 12.688  -4.540  -1.826  1.00 22.41 ? 83  GLU A CD  1 
ATOM   640  O OE1 . GLU A 1 86  ? 12.407  -5.714  -2.153  1.00 26.57 ? 83  GLU A OE1 1 
ATOM   641  O OE2 . GLU A 1 86  ? 12.128  -3.558  -2.350  1.00 24.40 ? 83  GLU A OE2 1 
ATOM   642  N N   . ASP A 1 87  ? 17.398  -2.660  -0.411  0.50 4.01  ? 84  ASP A N   1 
ATOM   643  C CA  . ASP A 1 87  ? 18.708  -3.252  -0.635  0.50 3.26  ? 84  ASP A CA  1 
ATOM   644  C C   . ASP A 1 87  ? 19.501  -3.436  0.655   0.50 2.00  ? 84  ASP A C   1 
ATOM   645  O O   . ASP A 1 87  ? 20.289  -4.371  0.765   0.50 2.00  ? 84  ASP A O   1 
ATOM   646  C CB  . ASP A 1 87  ? 19.512  -2.417  -1.636  0.50 4.27  ? 84  ASP A CB  1 
ATOM   647  C CG  . ASP A 1 87  ? 18.873  -2.385  -3.014  0.50 6.36  ? 84  ASP A CG  1 
ATOM   648  O OD1 . ASP A 1 87  ? 18.383  -3.436  -3.477  0.50 7.34  ? 84  ASP A OD1 1 
ATOM   649  O OD2 . ASP A 1 87  ? 18.862  -1.301  -3.635  0.50 8.85  ? 84  ASP A OD2 1 
ATOM   650  N N   . SER A 1 88  ? 19.284  -2.561  1.634   1.00 4.40  ? 85  SER A N   1 
ATOM   651  C CA  . SER A 1 88  ? 20.000  -2.668  2.902   1.00 6.35  ? 85  SER A CA  1 
ATOM   652  C C   . SER A 1 88  ? 19.270  -3.546  3.922   1.00 8.23  ? 85  SER A C   1 
ATOM   653  O O   . SER A 1 88  ? 19.874  -4.003  4.886   1.00 9.26  ? 85  SER A O   1 
ATOM   654  C CB  . SER A 1 88  ? 20.270  -1.289  3.496   1.00 6.22  ? 85  SER A CB  1 
ATOM   655  O OG  . SER A 1 88  ? 19.073  -0.680  3.948   1.00 14.04 ? 85  SER A OG  1 
ATOM   656  N N   . TYR A 1 89  ? 17.971  -3.756  3.719   1.00 9.18  ? 86  TYR A N   1 
ATOM   657  C CA  . TYR A 1 89  ? 17.162  -4.591  4.616   1.00 9.00  ? 86  TYR A CA  1 
ATOM   658  C C   . TYR A 1 89  ? 16.186  -5.388  3.735   1.00 8.75  ? 86  TYR A C   1 
ATOM   659  O O   . TYR A 1 89  ? 14.986  -5.100  3.688   1.00 10.18 ? 86  TYR A O   1 
ATOM   660  C CB  . TYR A 1 89  ? 16.402  -3.708  5.617   1.00 5.51  ? 86  TYR A CB  1 
ATOM   661  C CG  . TYR A 1 89  ? 16.067  -4.373  6.941   1.00 6.52  ? 86  TYR A CG  1 
ATOM   662  C CD1 . TYR A 1 89  ? 15.872  -3.604  8.095   1.00 7.40  ? 86  TYR A CD1 1 
ATOM   663  C CD2 . TYR A 1 89  ? 15.986  -5.762  7.059   1.00 8.44  ? 86  TYR A CD2 1 
ATOM   664  C CE1 . TYR A 1 89  ? 15.610  -4.202  9.325   1.00 7.27  ? 86  TYR A CE1 1 
ATOM   665  C CE2 . TYR A 1 89  ? 15.722  -6.365  8.287   1.00 9.20  ? 86  TYR A CE2 1 
ATOM   666  C CZ  . TYR A 1 89  ? 15.541  -5.578  9.415   1.00 8.67  ? 86  TYR A CZ  1 
ATOM   667  O OH  . TYR A 1 89  ? 15.303  -6.169  10.638  1.00 13.83 ? 86  TYR A OH  1 
ATOM   668  N N   . PRO A 1 90  ? 16.699  -6.413  3.035   1.00 8.86  ? 87  PRO A N   1 
ATOM   669  C CA  . PRO A 1 90  ? 15.930  -7.277  2.135   1.00 8.56  ? 87  PRO A CA  1 
ATOM   670  C C   . PRO A 1 90  ? 14.809  -8.039  2.814   1.00 10.40 ? 87  PRO A C   1 
ATOM   671  O O   . PRO A 1 90  ? 14.869  -8.323  4.015   1.00 10.94 ? 87  PRO A O   1 
ATOM   672  C CB  . PRO A 1 90  ? 16.986  -8.251  1.607   1.00 11.71 ? 87  PRO A CB  1 
ATOM   673  C CG  . PRO A 1 90  ? 18.270  -7.529  1.790   1.00 13.43 ? 87  PRO A CG  1 
ATOM   674  C CD  . PRO A 1 90  ? 18.087  -6.891  3.129   1.00 10.14 ? 87  PRO A CD  1 
ATOM   675  N N   . TYR A 1 91  ? 13.779  -8.352  2.030   1.00 9.95  ? 88  TYR A N   1 
ATOM   676  C CA  . TYR A 1 91  ? 12.632  -9.108  2.514   1.00 9.31  ? 88  TYR A CA  1 
ATOM   677  C C   . TYR A 1 91  ? 13.108  -10.541 2.701   1.00 10.43 ? 88  TYR A C   1 
ATOM   678  O O   . TYR A 1 91  ? 13.715  -11.120 1.801   1.00 11.77 ? 88  TYR A O   1 
ATOM   679  C CB  . TYR A 1 91  ? 11.507  -9.081  1.483   1.00 7.30  ? 88  TYR A CB  1 
ATOM   680  C CG  . TYR A 1 91  ? 10.204  -9.639  1.993   1.00 7.85  ? 88  TYR A CG  1 
ATOM   681  C CD1 . TYR A 1 91  ? 9.526   -9.013  3.038   1.00 6.66  ? 88  TYR A CD1 1 
ATOM   682  C CD2 . TYR A 1 91  ? 9.638   -10.784 1.428   1.00 5.19  ? 88  TYR A CD2 1 
ATOM   683  C CE1 . TYR A 1 91  ? 8.316   -9.505  3.511   1.00 5.09  ? 88  TYR A CE1 1 
ATOM   684  C CE2 . TYR A 1 91  ? 8.421   -11.289 1.893   1.00 6.28  ? 88  TYR A CE2 1 
ATOM   685  C CZ  . TYR A 1 91  ? 7.770   -10.637 2.933   1.00 5.05  ? 88  TYR A CZ  1 
ATOM   686  O OH  . TYR A 1 91  ? 6.562   -11.088 3.393   1.00 5.80  ? 88  TYR A OH  1 
ATOM   687  N N   . ALA A 1 92  ? 12.836  -11.107 3.870   1.00 10.53 ? 89  ALA A N   1 
ATOM   688  C CA  . ALA A 1 92  ? 13.263  -12.466 4.163   1.00 11.85 ? 89  ALA A CA  1 
ATOM   689  C C   . ALA A 1 92  ? 12.190  -13.260 4.893   1.00 13.18 ? 89  ALA A C   1 
ATOM   690  O O   . ALA A 1 92  ? 12.497  -14.255 5.560   1.00 14.36 ? 89  ALA A O   1 
ATOM   691  C CB  . ALA A 1 92  ? 14.543  -12.431 4.991   1.00 14.51 ? 89  ALA A CB  1 
ATOM   692  N N   . SER A 1 93  A 10.935  -12.833 4.755   1.00 11.29 ? 89  SER A N   1 
ATOM   693  C CA  . SER A 1 93  A 9.813   -13.506 5.405   1.00 10.19 ? 89  SER A CA  1 
ATOM   694  C C   . SER A 1 93  A 8.943   -14.318 4.447   1.00 11.51 ? 89  SER A C   1 
ATOM   695  O O   . SER A 1 93  A 7.860   -14.764 4.818   1.00 13.83 ? 89  SER A O   1 
ATOM   696  C CB  . SER A 1 93  A 8.946   -12.484 6.139   1.00 8.51  ? 89  SER A CB  1 
ATOM   697  O OG  . SER A 1 93  A 9.702   -11.790 7.111   1.00 7.27  ? 89  SER A OG  1 
ATOM   698  N N   . GLY A 1 94  B 9.445   -14.555 3.239   1.00 12.44 ? 89  GLY A N   1 
ATOM   699  C CA  . GLY A 1 94  B 8.697   -15.303 2.240   1.00 17.68 ? 89  GLY A CA  1 
ATOM   700  C C   . GLY A 1 94  B 8.263   -16.711 2.612   1.00 21.98 ? 89  GLY A C   1 
ATOM   701  O O   . GLY A 1 94  B 7.368   -17.270 1.974   1.00 21.58 ? 89  GLY A O   1 
ATOM   702  N N   . GLU A 1 95  C 8.903   -17.292 3.623   1.00 26.29 ? 89  GLU A N   1 
ATOM   703  C CA  . GLU A 1 95  C 8.583   -18.645 4.080   1.00 31.58 ? 89  GLU A CA  1 
ATOM   704  C C   . GLU A 1 95  C 7.501   -18.647 5.146   1.00 31.83 ? 89  GLU A C   1 
ATOM   705  O O   . GLU A 1 95  C 6.840   -19.666 5.368   1.00 34.02 ? 89  GLU A O   1 
ATOM   706  C CB  . GLU A 1 95  C 9.828   -19.330 4.645   1.00 37.86 ? 89  GLU A CB  1 
ATOM   707  C CG  . GLU A 1 95  C 10.905  -19.634 3.616   1.00 45.96 ? 89  GLU A CG  1 
ATOM   708  C CD  . GLU A 1 95  C 10.428  -20.591 2.537   1.00 50.74 ? 89  GLU A CD  1 
ATOM   709  O OE1 . GLU A 1 95  C 9.942   -21.693 2.878   1.00 55.07 ? 89  GLU A OE1 1 
ATOM   710  O OE2 . GLU A 1 95  C 10.541  -20.237 1.344   1.00 52.98 ? 89  GLU A OE2 1 
ATOM   711  N N   . GLY A 1 96  ? 7.354   -17.513 5.829   1.00 30.19 ? 90  GLY A N   1 
ATOM   712  C CA  . GLY A 1 96  ? 6.359   -17.391 6.877   1.00 28.74 ? 90  GLY A CA  1 
ATOM   713  C C   . GLY A 1 96  ? 6.982   -17.070 8.220   1.00 27.49 ? 90  GLY A C   1 
ATOM   714  O O   . GLY A 1 96  ? 6.277   -16.795 9.193   1.00 29.98 ? 90  GLY A O   1 
ATOM   715  N N   . ILE A 1 97  ? 8.310   -17.103 8.277   0.65 25.49 ? 91  ILE A N   1 
ATOM   716  C CA  . ILE A 1 97  ? 9.025   -16.815 9.512   0.65 24.42 ? 91  ILE A CA  1 
ATOM   717  C C   . ILE A 1 97  ? 9.880   -15.562 9.379   0.65 24.48 ? 91  ILE A C   1 
ATOM   718  O O   . ILE A 1 97  ? 10.801  -15.504 8.566   0.65 24.15 ? 91  ILE A O   1 
ATOM   719  C CB  . ILE A 1 97  ? 9.918   -17.995 9.932   0.65 23.71 ? 91  ILE A CB  1 
ATOM   720  C CG1 . ILE A 1 97  ? 9.074   -19.264 10.072  0.65 23.29 ? 91  ILE A CG1 1 
ATOM   721  C CG2 . ILE A 1 97  ? 10.611  -17.682 11.250  0.65 23.24 ? 91  ILE A CG2 1 
ATOM   722  C CD1 . ILE A 1 97  ? 9.882   -20.517 10.312  0.65 23.30 ? 91  ILE A CD1 1 
ATOM   723  N N   . SER A 1 98  ? 9.558   -14.559 10.184  1.00 25.57 ? 92  SER A N   1 
ATOM   724  C CA  . SER A 1 98  ? 10.286  -13.300 10.179  1.00 25.73 ? 92  SER A CA  1 
ATOM   725  C C   . SER A 1 98  ? 11.531  -13.367 11.067  1.00 26.15 ? 92  SER A C   1 
ATOM   726  O O   . SER A 1 98  ? 11.482  -13.873 12.192  1.00 25.46 ? 92  SER A O   1 
ATOM   727  C CB  . SER A 1 98  ? 9.373   -12.170 10.654  1.00 26.44 ? 92  SER A CB  1 
ATOM   728  O OG  . SER A 1 98  ? 10.073  -10.941 10.714  1.00 33.24 ? 92  SER A OG  1 
ATOM   729  N N   . PRO A 1 99  ? 12.681  -12.907 10.542  1.00 25.59 ? 93  PRO A N   1 
ATOM   730  C CA  . PRO A 1 99  ? 13.933  -12.911 11.301  1.00 24.70 ? 93  PRO A CA  1 
ATOM   731  C C   . PRO A 1 99  ? 13.914  -11.778 12.322  1.00 24.83 ? 93  PRO A C   1 
ATOM   732  O O   . PRO A 1 99  ? 13.097  -10.860 12.222  1.00 23.60 ? 93  PRO A O   1 
ATOM   733  C CB  . PRO A 1 99  ? 14.983  -12.667 10.217  1.00 23.85 ? 93  PRO A CB  1 
ATOM   734  C CG  . PRO A 1 99  ? 14.266  -11.812 9.245   1.00 26.48 ? 93  PRO A CG  1 
ATOM   735  C CD  . PRO A 1 99  ? 12.918  -12.490 9.150   1.00 25.63 ? 93  PRO A CD  1 
ATOM   736  N N   . PRO A 1 100 ? 14.801  -11.835 13.328  1.00 25.36 ? 94  PRO A N   1 
ATOM   737  C CA  . PRO A 1 100 ? 14.858  -10.791 14.358  1.00 25.01 ? 94  PRO A CA  1 
ATOM   738  C C   . PRO A 1 100 ? 15.125  -9.393  13.793  1.00 24.79 ? 94  PRO A C   1 
ATOM   739  O O   . PRO A 1 100 ? 15.603  -9.237  12.666  1.00 27.62 ? 94  PRO A O   1 
ATOM   740  C CB  . PRO A 1 100 ? 16.010  -11.261 15.249  1.00 25.16 ? 94  PRO A CB  1 
ATOM   741  C CG  . PRO A 1 100 ? 15.931  -12.749 15.131  1.00 27.54 ? 94  PRO A CG  1 
ATOM   742  C CD  . PRO A 1 100 ? 15.730  -12.933 13.649  1.00 25.87 ? 94  PRO A CD  1 
ATOM   743  N N   . CYS A 1 101 ? 14.799  -8.383  14.587  1.00 20.93 ? 95  CYS A N   1 
ATOM   744  C CA  . CYS A 1 101 ? 14.994  -7.000  14.192  1.00 19.72 ? 95  CYS A CA  1 
ATOM   745  C C   . CYS A 1 101 ? 16.419  -6.511  14.416  1.00 21.14 ? 95  CYS A C   1 
ATOM   746  O O   . CYS A 1 101 ? 16.916  -6.529  15.539  1.00 19.93 ? 95  CYS A O   1 
ATOM   747  C CB  . CYS A 1 101 ? 14.043  -6.105  14.976  1.00 16.08 ? 95  CYS A CB  1 
ATOM   748  S SG  . CYS A 1 101 ? 14.396  -4.337  14.784  1.00 16.83 ? 95  CYS A SG  1 
ATOM   749  N N   . THR A 1 102 ? 17.072  -6.083  13.341  1.00 21.13 ? 96  THR A N   1 
ATOM   750  C CA  . THR A 1 102 ? 18.422  -5.543  13.433  1.00 23.30 ? 96  THR A CA  1 
ATOM   751  C C   . THR A 1 102 ? 18.335  -4.058  13.097  1.00 25.91 ? 96  THR A C   1 
ATOM   752  O O   . THR A 1 102 ? 17.734  -3.674  12.089  1.00 24.95 ? 96  THR A O   1 
ATOM   753  C CB  . THR A 1 102 ? 19.412  -6.269  12.495  1.00 23.40 ? 96  THR A CB  1 
ATOM   754  O OG1 . THR A 1 102 ? 18.914  -6.273  11.151  1.00 25.89 ? 96  THR A OG1 1 
ATOM   755  C CG2 . THR A 1 102 ? 19.613  -7.699  12.956  1.00 24.22 ? 96  THR A CG2 1 
ATOM   756  N N   . THR A 1 103 ? 18.884  -3.227  13.976  1.00 28.83 ? 97  THR A N   1 
ATOM   757  C CA  . THR A 1 103 ? 18.849  -1.778  13.798  1.00 33.00 ? 97  THR A CA  1 
ATOM   758  C C   . THR A 1 103 ? 20.080  -1.151  13.134  1.00 34.96 ? 97  THR A C   1 
ATOM   759  O O   . THR A 1 103 ? 20.094  0.053   12.873  1.00 35.63 ? 97  THR A O   1 
ATOM   760  C CB  . THR A 1 103 ? 18.600  -1.064  15.146  1.00 34.90 ? 97  THR A CB  1 
ATOM   761  O OG1 . THR A 1 103 ? 19.534  -1.542  16.125  1.00 39.26 ? 97  THR A OG1 1 
ATOM   762  C CG2 . THR A 1 103 ? 17.182  -1.316  15.630  1.00 34.66 ? 97  THR A CG2 1 
ATOM   763  N N   . SER A 1 104 ? 21.096  -1.957  12.839  1.00 35.25 ? 98  SER A N   1 
ATOM   764  C CA  . SER A 1 104 ? 22.310  -1.433  12.222  1.00 34.81 ? 98  SER A CA  1 
ATOM   765  C C   . SER A 1 104 ? 22.706  -2.120  10.923  1.00 33.20 ? 98  SER A C   1 
ATOM   766  O O   . SER A 1 104 ? 22.289  -3.248  10.648  1.00 34.63 ? 98  SER A O   1 
ATOM   767  C CB  . SER A 1 104 ? 23.472  -1.488  13.211  1.00 37.60 ? 98  SER A CB  1 
ATOM   768  O OG  . SER A 1 104 ? 23.326  -0.506  14.221  1.00 37.02 ? 98  SER A OG  1 
ATOM   769  N N   . GLY A 1 105 ? 23.543  -1.433  10.148  1.00 29.51 ? 99  GLY A N   1 
ATOM   770  C CA  . GLY A 1 105 ? 23.996  -1.957  8.873   1.00 24.68 ? 99  GLY A CA  1 
ATOM   771  C C   . GLY A 1 105 ? 22.962  -1.704  7.799   1.00 20.81 ? 99  GLY A C   1 
ATOM   772  O O   . GLY A 1 105 ? 22.947  -2.376  6.764   1.00 22.81 ? 99  GLY A O   1 
ATOM   773  N N   . HIS A 1 106 ? 22.070  -0.754  8.066   1.00 16.95 ? 100 HIS A N   1 
ATOM   774  C CA  . HIS A 1 106 ? 21.015  -0.402  7.122   1.00 15.26 ? 100 HIS A CA  1 
ATOM   775  C C   . HIS A 1 106 ? 21.201  1.022   6.614   1.00 14.53 ? 100 HIS A C   1 
ATOM   776  O O   . HIS A 1 106 ? 21.974  1.803   7.172   1.00 14.31 ? 100 HIS A O   1 
ATOM   777  C CB  . HIS A 1 106 ? 19.631  -0.580  7.761   1.00 11.26 ? 100 HIS A CB  1 
ATOM   778  C CG  . HIS A 1 106 ? 19.401  -1.949  8.320   1.00 12.75 ? 100 HIS A CG  1 
ATOM   779  N ND1 . HIS A 1 106 ? 19.621  -3.097  7.590   1.00 12.35 ? 100 HIS A ND1 1 
ATOM   780  C CD2 . HIS A 1 106 ? 19.028  -2.356  9.555   1.00 10.85 ? 100 HIS A CD2 1 
ATOM   781  C CE1 . HIS A 1 106 ? 19.402  -4.151  8.353   1.00 9.85  ? 100 HIS A CE1 1 
ATOM   782  N NE2 . HIS A 1 106 ? 19.039  -3.730  9.548   1.00 9.85  ? 100 HIS A NE2 1 
ATOM   783  N N   . THR A 1 107 ? 20.503  1.340   5.530   1.00 13.94 ? 101 THR A N   1 
ATOM   784  C CA  . THR A 1 107 ? 20.585  2.655   4.913   1.00 12.44 ? 101 THR A CA  1 
ATOM   785  C C   . THR A 1 107 ? 19.212  3.310   4.950   1.00 12.87 ? 101 THR A C   1 
ATOM   786  O O   . THR A 1 107 ? 18.214  2.676   4.622   1.00 10.69 ? 101 THR A O   1 
ATOM   787  C CB  . THR A 1 107 ? 21.034  2.531   3.437   1.00 10.14 ? 101 THR A CB  1 
ATOM   788  O OG1 . THR A 1 107 ? 22.280  1.829   3.372   1.00 6.64  ? 101 THR A OG1 1 
ATOM   789  C CG2 . THR A 1 107 ? 21.187  3.906   2.793   1.00 10.09 ? 101 THR A CG2 1 
ATOM   790  N N   . VAL A 1 108 ? 19.158  4.558   5.403   1.00 11.61 ? 102 VAL A N   1 
ATOM   791  C CA  . VAL A 1 108 ? 17.899  5.289   5.449   1.00 11.63 ? 102 VAL A CA  1 
ATOM   792  C C   . VAL A 1 108 ? 17.558  5.750   4.033   1.00 13.68 ? 102 VAL A C   1 
ATOM   793  O O   . VAL A 1 108 ? 18.302  6.524   3.423   1.00 11.82 ? 102 VAL A O   1 
ATOM   794  C CB  . VAL A 1 108 ? 17.991  6.525   6.370   1.00 14.07 ? 102 VAL A CB  1 
ATOM   795  C CG1 . VAL A 1 108 ? 16.680  7.299   6.347   1.00 13.24 ? 102 VAL A CG1 1 
ATOM   796  C CG2 . VAL A 1 108 ? 18.339  6.103   7.788   1.00 16.89 ? 102 VAL A CG2 1 
ATOM   797  N N   . GLY A 1 109 ? 16.438  5.264   3.509   1.00 12.33 ? 103 GLY A N   1 
ATOM   798  C CA  . GLY A 1 109 ? 16.029  5.644   2.167   1.00 12.94 ? 103 GLY A CA  1 
ATOM   799  C C   . GLY A 1 109 ? 15.025  6.777   2.119   1.00 11.13 ? 103 GLY A C   1 
ATOM   800  O O   . GLY A 1 109 ? 14.974  7.533   1.155   1.00 12.62 ? 103 GLY A O   1 
ATOM   801  N N   . ALA A 1 110 ? 14.212  6.893   3.160   1.00 11.13 ? 105 ALA A N   1 
ATOM   802  C CA  . ALA A 1 110 ? 13.203  7.936   3.218   1.00 10.95 ? 105 ALA A CA  1 
ATOM   803  C C   . ALA A 1 110 ? 12.888  8.270   4.663   1.00 12.08 ? 105 ALA A C   1 
ATOM   804  O O   . ALA A 1 110 ? 13.183  7.491   5.569   1.00 13.43 ? 105 ALA A O   1 
ATOM   805  C CB  . ALA A 1 110 ? 11.932  7.475   2.508   1.00 10.38 ? 105 ALA A CB  1 
ATOM   806  N N   . THR A 1 111 ? 12.301  9.441   4.869   1.00 11.53 ? 106 THR A N   1 
ATOM   807  C CA  . THR A 1 111 ? 11.910  9.879   6.199   1.00 11.34 ? 106 THR A CA  1 
ATOM   808  C C   . THR A 1 111 ? 10.533  10.523  6.113   1.00 11.35 ? 106 THR A C   1 
ATOM   809  O O   . THR A 1 111 ? 10.259  11.301  5.192   1.00 9.82  ? 106 THR A O   1 
ATOM   810  C CB  . THR A 1 111 ? 12.912  10.895  6.805   1.00 13.68 ? 106 THR A CB  1 
ATOM   811  O OG1 . THR A 1 111 ? 13.145  11.951  5.869   1.00 18.36 ? 106 THR A OG1 1 
ATOM   812  C CG2 . THR A 1 111 ? 14.237  10.226  7.153   1.00 9.89  ? 106 THR A CG2 1 
ATOM   813  N N   . ILE A 1 112 ? 9.651   10.141  7.033   1.00 8.31  ? 107 ILE A N   1 
ATOM   814  C CA  . ILE A 1 112 ? 8.306   10.702  7.082   1.00 9.95  ? 107 ILE A CA  1 
ATOM   815  C C   . ILE A 1 112 ? 8.127   11.451  8.400   1.00 10.13 ? 107 ILE A C   1 
ATOM   816  O O   . ILE A 1 112 ? 8.829   11.193  9.376   1.00 8.18  ? 107 ILE A O   1 
ATOM   817  C CB  . ILE A 1 112 ? 7.195   9.624   6.930   1.00 11.53 ? 107 ILE A CB  1 
ATOM   818  C CG1 . ILE A 1 112 ? 7.253   8.603   8.074   1.00 13.26 ? 107 ILE A CG1 1 
ATOM   819  C CG2 . ILE A 1 112 ? 7.302   8.945   5.565   1.00 13.55 ? 107 ILE A CG2 1 
ATOM   820  C CD1 . ILE A 1 112 ? 6.026   7.684   8.144   1.00 13.75 ? 107 ILE A CD1 1 
ATOM   821  N N   . THR A 1 113 ? 7.207   12.403  8.407   1.00 11.12 ? 108 THR A N   1 
ATOM   822  C CA  . THR A 1 113 ? 6.948   13.203  9.596   1.00 15.24 ? 108 THR A CA  1 
ATOM   823  C C   . THR A 1 113 ? 5.646   12.830  10.304  1.00 15.87 ? 108 THR A C   1 
ATOM   824  O O   . THR A 1 113 ? 5.415   13.228  11.446  1.00 18.26 ? 108 THR A O   1 
ATOM   825  C CB  . THR A 1 113 ? 6.938   14.699  9.250   1.00 16.25 ? 108 THR A CB  1 
ATOM   826  O OG1 . THR A 1 113 ? 6.006   14.941  8.185   1.00 19.19 ? 108 THR A OG1 1 
ATOM   827  C CG2 . THR A 1 113 ? 8.327   15.142  8.812   1.00 18.03 ? 108 THR A CG2 1 
ATOM   828  N N   . GLY A 1 114 ? 4.806   12.058  9.625   1.00 14.99 ? 109 GLY A N   1 
ATOM   829  C CA  . GLY A 1 114 ? 3.546   11.637  10.207  1.00 12.83 ? 109 GLY A CA  1 
ATOM   830  C C   . GLY A 1 114 ? 2.686   10.993  9.146   1.00 12.92 ? 109 GLY A C   1 
ATOM   831  O O   . GLY A 1 114 ? 3.204   10.446  8.172   1.00 12.63 ? 109 GLY A O   1 
ATOM   832  N N   . HIS A 1 115 ? 1.374   11.048  9.338   1.00 10.71 ? 110 HIS A N   1 
ATOM   833  C CA  . HIS A 1 115 ? 0.442   10.479  8.376   1.00 10.36 ? 110 HIS A CA  1 
ATOM   834  C C   . HIS A 1 115 ? -0.917  11.150  8.508   1.00 11.54 ? 110 HIS A C   1 
ATOM   835  O O   . HIS A 1 115 ? -1.219  11.776  9.526   1.00 9.60  ? 110 HIS A O   1 
ATOM   836  C CB  . HIS A 1 115 ? 0.313   8.959   8.566   1.00 9.47  ? 110 HIS A CB  1 
ATOM   837  C CG  . HIS A 1 115 ? -0.536  8.556   9.727   1.00 9.50  ? 110 HIS A CG  1 
ATOM   838  N ND1 . HIS A 1 115 ? -0.082  8.569   11.032  1.00 11.73 ? 110 HIS A ND1 1 
ATOM   839  C CD2 . HIS A 1 115 ? -1.816  8.107   9.789   1.00 7.82  ? 110 HIS A CD2 1 
ATOM   840  C CE1 . HIS A 1 115 ? -1.034  8.151   11.838  1.00 10.07 ? 110 HIS A CE1 1 
ATOM   841  N NE2 . HIS A 1 115 ? -2.101  7.863   11.105  1.00 10.06 ? 110 HIS A NE2 1 
ATOM   842  N N   . VAL A 1 116 ? -1.714  11.062  7.451   1.00 11.96 ? 111 VAL A N   1 
ATOM   843  C CA  . VAL A 1 116 ? -3.046  11.641  7.452   1.00 11.94 ? 111 VAL A CA  1 
ATOM   844  C C   . VAL A 1 116 ? -4.043  10.537  7.137   1.00 11.68 ? 111 VAL A C   1 
ATOM   845  O O   . VAL A 1 116 ? -3.787  9.671   6.302   1.00 10.75 ? 111 VAL A O   1 
ATOM   846  C CB  . VAL A 1 116 ? -3.205  12.777  6.400   1.00 13.75 ? 111 VAL A CB  1 
ATOM   847  C CG1 . VAL A 1 116 ? -2.322  13.963  6.758   1.00 17.85 ? 111 VAL A CG1 1 
ATOM   848  C CG2 . VAL A 1 116 ? -2.863  12.272  5.010   1.00 15.34 ? 111 VAL A CG2 1 
ATOM   849  N N   . GLU A 1 117 ? -5.154  10.538  7.859   1.00 11.00 ? 112 GLU A N   1 
ATOM   850  C CA  . GLU A 1 117 ? -6.200  9.558   7.641   1.00 13.02 ? 112 GLU A CA  1 
ATOM   851  C C   . GLU A 1 117 ? -7.294  10.269  6.867   1.00 13.49 ? 112 GLU A C   1 
ATOM   852  O O   . GLU A 1 117 ? -7.733  11.352  7.246   1.00 16.66 ? 112 GLU A O   1 
ATOM   853  C CB  . GLU A 1 117 ? -6.714  9.024   8.978   1.00 14.87 ? 112 GLU A CB  1 
ATOM   854  C CG  . GLU A 1 117 ? -5.630  8.325   9.784   1.00 18.02 ? 112 GLU A CG  1 
ATOM   855  C CD  . GLU A 1 117 ? -6.105  7.834   11.139  1.00 21.07 ? 112 GLU A CD  1 
ATOM   856  O OE1 . GLU A 1 117 ? -5.244  7.368   11.919  1.00 22.78 ? 112 GLU A OE1 1 
ATOM   857  O OE2 . GLU A 1 117 ? -7.322  7.909   11.424  1.00 23.16 ? 112 GLU A OE2 1 
ATOM   858  N N   . LEU A 1 118 ? -7.698  9.677   5.752   1.00 12.89 ? 113 LEU A N   1 
ATOM   859  C CA  . LEU A 1 118 ? -8.717  10.270  4.900   1.00 12.03 ? 113 LEU A CA  1 
ATOM   860  C C   . LEU A 1 118 ? -10.145 9.906   5.298   1.00 10.46 ? 113 LEU A C   1 
ATOM   861  O O   . LEU A 1 118 ? -10.377 8.914   5.996   1.00 8.24  ? 113 LEU A O   1 
ATOM   862  C CB  . LEU A 1 118 ? -8.458  9.881   3.440   1.00 12.96 ? 113 LEU A CB  1 
ATOM   863  C CG  . LEU A 1 118 ? -7.075  10.261  2.904   1.00 16.62 ? 113 LEU A CG  1 
ATOM   864  C CD1 . LEU A 1 118 ? -6.986  9.952   1.416   1.00 16.89 ? 113 LEU A CD1 1 
ATOM   865  C CD2 . LEU A 1 118 ? -6.809  11.741  3.157   1.00 18.02 ? 113 LEU A CD2 1 
ATOM   866  N N   . PRO A 1 119 ? -11.119 10.737  4.888   1.00 11.85 ? 114 PRO A N   1 
ATOM   867  C CA  . PRO A 1 119 ? -12.530 10.492  5.200   1.00 12.33 ? 114 PRO A CA  1 
ATOM   868  C C   . PRO A 1 119 ? -13.022 9.240   4.495   1.00 12.55 ? 114 PRO A C   1 
ATOM   869  O O   . PRO A 1 119 ? -12.483 8.840   3.456   1.00 11.40 ? 114 PRO A O   1 
ATOM   870  C CB  . PRO A 1 119 ? -13.223 11.728  4.636   1.00 12.11 ? 114 PRO A CB  1 
ATOM   871  C CG  . PRO A 1 119 ? -12.177 12.785  4.758   1.00 14.69 ? 114 PRO A CG  1 
ATOM   872  C CD  . PRO A 1 119 ? -10.953 12.062  4.270   1.00 12.12 ? 114 PRO A CD  1 
ATOM   873  N N   . GLN A 1 120 ? -14.034 8.612   5.074   1.00 14.19 ? 115 GLN A N   1 
ATOM   874  C CA  . GLN A 1 120 ? -14.611 7.407   4.506   1.00 16.14 ? 115 GLN A CA  1 
ATOM   875  C C   . GLN A 1 120 ? -15.601 7.826   3.426   1.00 16.84 ? 115 GLN A C   1 
ATOM   876  O O   . GLN A 1 120 ? -16.815 7.739   3.594   1.00 15.76 ? 115 GLN A O   1 
ATOM   877  C CB  . GLN A 1 120 ? -15.258 6.587   5.620   1.00 16.62 ? 115 GLN A CB  1 
ATOM   878  C CG  . GLN A 1 120 ? -14.250 6.235   6.708   1.00 20.34 ? 115 GLN A CG  1 
ATOM   879  C CD  . GLN A 1 120 ? -14.888 5.716   7.970   1.00 23.77 ? 115 GLN A CD  1 
ATOM   880  O OE1 . GLN A 1 120 ? -15.602 6.442   8.653   1.00 27.91 ? 115 GLN A OE1 1 
ATOM   881  N NE2 . GLN A 1 120 ? -14.619 4.458   8.298   1.00 24.36 ? 115 GLN A NE2 1 
ATOM   882  N N   . ASP A 1 121 ? -15.043 8.326   2.325   1.00 16.84 ? 116 ASP A N   1 
ATOM   883  C CA  . ASP A 1 121 ? -15.813 8.803   1.182   1.00 14.79 ? 116 ASP A CA  1 
ATOM   884  C C   . ASP A 1 121 ? -14.918 8.642   -0.041  1.00 13.76 ? 116 ASP A C   1 
ATOM   885  O O   . ASP A 1 121 ? -13.816 9.192   -0.082  1.00 13.07 ? 116 ASP A O   1 
ATOM   886  C CB  . ASP A 1 121 ? -16.171 10.281  1.385   1.00 19.18 ? 116 ASP A CB  1 
ATOM   887  C CG  . ASP A 1 121 ? -17.075 10.823  0.294   1.00 23.33 ? 116 ASP A CG  1 
ATOM   888  O OD1 . ASP A 1 121 ? -16.559 11.208  -0.775  1.00 22.90 ? 116 ASP A OD1 1 
ATOM   889  O OD2 . ASP A 1 121 ? -18.306 10.865  0.507   1.00 27.22 ? 116 ASP A OD2 1 
ATOM   890  N N   . GLU A 1 122 ? -15.397 7.896   -1.033  1.00 9.09  ? 117 GLU A N   1 
ATOM   891  C CA  . GLU A 1 122 ? -14.629 7.638   -2.245  1.00 12.04 ? 117 GLU A CA  1 
ATOM   892  C C   . GLU A 1 122 ? -14.297 8.835   -3.130  1.00 14.15 ? 117 GLU A C   1 
ATOM   893  O O   . GLU A 1 122 ? -13.249 8.848   -3.776  1.00 11.35 ? 117 GLU A O   1 
ATOM   894  C CB  . GLU A 1 122 ? -15.309 6.563   -3.074  1.00 13.19 ? 117 GLU A CB  1 
ATOM   895  C CG  . GLU A 1 122 ? -15.209 5.188   -2.463  1.00 12.09 ? 117 GLU A CG  1 
ATOM   896  C CD  . GLU A 1 122 ? -15.938 4.163   -3.287  1.00 12.64 ? 117 GLU A CD  1 
ATOM   897  O OE1 . GLU A 1 122 ? -15.330 3.632   -4.234  1.00 10.71 ? 117 GLU A OE1 1 
ATOM   898  O OE2 . GLU A 1 122 ? -17.128 3.908   -3.005  1.00 11.45 ? 117 GLU A OE2 1 
ATOM   899  N N   . ALA A 1 123 ? -15.203 9.809   -3.202  1.00 12.85 ? 118 ALA A N   1 
ATOM   900  C CA  . ALA A 1 123 ? -14.970 10.998  -4.013  1.00 13.32 ? 118 ALA A CA  1 
ATOM   901  C C   . ALA A 1 123 ? -13.885 11.865  -3.380  1.00 13.11 ? 118 ALA A C   1 
ATOM   902  O O   . ALA A 1 123 ? -13.090 12.475  -4.089  1.00 16.09 ? 118 ALA A O   1 
ATOM   903  C CB  . ALA A 1 123 ? -16.268 11.799  -4.194  1.00 12.04 ? 118 ALA A CB  1 
ATOM   904  N N   . GLN A 1 124 ? -13.847 11.914  -2.049  1.00 12.66 ? 119 GLN A N   1 
ATOM   905  C CA  . GLN A 1 124 ? -12.837 12.702  -1.350  1.00 13.55 ? 119 GLN A CA  1 
ATOM   906  C C   . GLN A 1 124 ? -11.476 12.009  -1.368  1.00 11.12 ? 119 GLN A C   1 
ATOM   907  O O   . GLN A 1 124 ? -10.439 12.670  -1.345  1.00 10.48 ? 119 GLN A O   1 
ATOM   908  C CB  . GLN A 1 124 ? -13.261 13.005  0.088   1.00 18.07 ? 119 GLN A CB  1 
ATOM   909  C CG  . GLN A 1 124 ? -14.278 14.133  0.205   1.00 27.35 ? 119 GLN A CG  1 
ATOM   910  C CD  . GLN A 1 124 ? -14.510 14.581  1.640   1.00 33.04 ? 119 GLN A CD  1 
ATOM   911  O OE1 . GLN A 1 124 ? -14.851 15.735  1.891   1.00 41.17 ? 119 GLN A OE1 1 
ATOM   912  N NE2 . GLN A 1 124 ? -14.321 13.674  2.586   1.00 36.99 ? 119 GLN A NE2 1 
ATOM   913  N N   . ILE A 1 125 ? -11.481 10.679  -1.377  1.00 7.85  ? 120 ILE A N   1 
ATOM   914  C CA  . ILE A 1 125 ? -10.236 9.924   -1.435  1.00 7.28  ? 120 ILE A CA  1 
ATOM   915  C C   . ILE A 1 125 ? -9.659  10.121  -2.830  1.00 6.18  ? 120 ILE A C   1 
ATOM   916  O O   . ILE A 1 125 ? -8.457  10.308  -2.985  1.00 2.94  ? 120 ILE A O   1 
ATOM   917  C CB  . ILE A 1 125 ? -10.459 8.412   -1.206  1.00 8.92  ? 120 ILE A CB  1 
ATOM   918  C CG1 . ILE A 1 125 ? -10.891 8.148   0.241   1.00 9.41  ? 120 ILE A CG1 1 
ATOM   919  C CG2 . ILE A 1 125 ? -9.180  7.639   -1.517  1.00 11.23 ? 120 ILE A CG2 1 
ATOM   920  C CD1 . ILE A 1 125 ? -11.207 6.695   0.519   1.00 8.76  ? 120 ILE A CD1 1 
ATOM   921  N N   . ALA A 1 126 ? -10.530 10.070  -3.839  1.00 4.05  ? 121 ALA A N   1 
ATOM   922  C CA  . ALA A 1 126 ? -10.114 10.255  -5.226  1.00 7.05  ? 121 ALA A CA  1 
ATOM   923  C C   . ALA A 1 126 ? -9.549  11.665  -5.439  1.00 6.60  ? 121 ALA A C   1 
ATOM   924  O O   . ALA A 1 126 ? -8.563  11.842  -6.155  1.00 6.33  ? 121 ALA A O   1 
ATOM   925  C CB  . ALA A 1 126 ? -11.285 9.999   -6.169  1.00 3.50  ? 121 ALA A CB  1 
ATOM   926  N N   . ALA A 1 127 ? -10.169 12.658  -4.802  1.00 6.59  ? 122 ALA A N   1 
ATOM   927  C CA  . ALA A 1 127 ? -9.730  14.051  -4.913  1.00 9.22  ? 122 ALA A CA  1 
ATOM   928  C C   . ALA A 1 127 ? -8.340  14.234  -4.305  1.00 7.80  ? 122 ALA A C   1 
ATOM   929  O O   . ALA A 1 127 ? -7.490  14.922  -4.875  1.00 8.08  ? 122 ALA A O   1 
ATOM   930  C CB  . ALA A 1 127 ? -10.735 14.980  -4.230  1.00 8.67  ? 122 ALA A CB  1 
ATOM   931  N N   . TRP A 1 128 ? -8.113  13.596  -3.160  1.00 4.85  ? 123 TRP A N   1 
ATOM   932  C CA  . TRP A 1 128 ? -6.831  13.670  -2.466  1.00 3.81  ? 123 TRP A CA  1 
ATOM   933  C C   . TRP A 1 128 ? -5.744  12.960  -3.276  1.00 4.85  ? 123 TRP A C   1 
ATOM   934  O O   . TRP A 1 128 ? -4.629  13.457  -3.402  1.00 4.95  ? 123 TRP A O   1 
ATOM   935  C CB  . TRP A 1 128 ? -6.950  13.031  -1.077  1.00 4.00  ? 123 TRP A CB  1 
ATOM   936  C CG  . TRP A 1 128 ? -5.801  13.337  -0.160  1.00 4.77  ? 123 TRP A CG  1 
ATOM   937  C CD1 . TRP A 1 128 ? -5.753  14.315  0.792   1.00 2.00  ? 123 TRP A CD1 1 
ATOM   938  C CD2 . TRP A 1 128 ? -4.541  12.660  -0.104  1.00 4.77  ? 123 TRP A CD2 1 
ATOM   939  N NE1 . TRP A 1 128 ? -4.540  14.290  1.433   1.00 5.44  ? 123 TRP A NE1 1 
ATOM   940  C CE2 . TRP A 1 128 ? -3.775  13.285  0.904   1.00 5.00  ? 123 TRP A CE2 1 
ATOM   941  C CE3 . TRP A 1 128 ? -3.980  11.583  -0.810  1.00 5.01  ? 123 TRP A CE3 1 
ATOM   942  C CZ2 . TRP A 1 128 ? -2.478  12.874  1.223   1.00 5.10  ? 123 TRP A CZ2 1 
ATOM   943  C CZ3 . TRP A 1 128 ? -2.689  11.177  -0.493  1.00 2.15  ? 123 TRP A CZ3 1 
ATOM   944  C CH2 . TRP A 1 128 ? -1.954  11.823  0.517   1.00 3.37  ? 123 TRP A CH2 1 
ATOM   945  N N   . LEU A 1 129 ? -6.076  11.795  -3.823  1.00 4.36  ? 124 LEU A N   1 
ATOM   946  C CA  . LEU A 1 129 ? -5.135  11.013  -4.611  1.00 5.69  ? 124 LEU A CA  1 
ATOM   947  C C   . LEU A 1 129 ? -4.727  11.757  -5.880  1.00 6.57  ? 124 LEU A C   1 
ATOM   948  O O   . LEU A 1 129 ? -3.568  11.722  -6.281  1.00 8.16  ? 124 LEU A O   1 
ATOM   949  C CB  . LEU A 1 129 ? -5.755  9.660   -4.958  1.00 5.16  ? 124 LEU A CB  1 
ATOM   950  C CG  . LEU A 1 129 ? -4.948  8.680   -5.808  1.00 7.86  ? 124 LEU A CG  1 
ATOM   951  C CD1 . LEU A 1 129 ? -5.236  7.260   -5.362  1.00 5.95  ? 124 LEU A CD1 1 
ATOM   952  C CD2 . LEU A 1 129 ? -5.278  8.869   -7.289  1.00 11.13 ? 124 LEU A CD2 1 
ATOM   953  N N   . ALA A 1 130 ? -5.686  12.444  -6.492  1.00 5.93  ? 125 ALA A N   1 
ATOM   954  C CA  . ALA A 1 130 ? -5.437  13.199  -7.714  1.00 6.82  ? 125 ALA A CA  1 
ATOM   955  C C   . ALA A 1 130 ? -4.410  14.302  -7.502  1.00 8.38  ? 125 ALA A C   1 
ATOM   956  O O   . ALA A 1 130 ? -3.662  14.647  -8.413  1.00 10.05 ? 125 ALA A O   1 
ATOM   957  C CB  . ALA A 1 130 ? -6.733  13.787  -8.236  1.00 3.30  ? 125 ALA A CB  1 
ATOM   958  N N   . VAL A 1 131 ? -4.351  14.830  -6.286  1.00 6.05  ? 126 VAL A N   1 
ATOM   959  C CA  . VAL A 1 131 ? -3.425  15.902  -5.968  1.00 6.32  ? 126 VAL A CA  1 
ATOM   960  C C   . VAL A 1 131 ? -2.162  15.444  -5.242  1.00 8.17  ? 126 VAL A C   1 
ATOM   961  O O   . VAL A 1 131 ? -1.056  15.866  -5.578  1.00 6.43  ? 126 VAL A O   1 
ATOM   962  C CB  . VAL A 1 131 ? -4.118  16.985  -5.102  1.00 8.08  ? 126 VAL A CB  1 
ATOM   963  C CG1 . VAL A 1 131 ? -3.138  18.095  -4.721  1.00 10.59 ? 126 VAL A CG1 1 
ATOM   964  C CG2 . VAL A 1 131 ? -5.316  17.562  -5.852  1.00 10.84 ? 126 VAL A CG2 1 
ATOM   965  N N   . ASN A 1 132 ? -2.330  14.550  -4.276  1.00 8.35  ? 127 ASN A N   1 
ATOM   966  C CA  . ASN A 1 132 ? -1.218  14.094  -3.454  1.00 7.90  ? 127 ASN A CA  1 
ATOM   967  C C   . ASN A 1 132 ? -0.579  12.738  -3.733  1.00 7.29  ? 127 ASN A C   1 
ATOM   968  O O   . ASN A 1 132 ? 0.448   12.415  -3.135  1.00 8.72  ? 127 ASN A O   1 
ATOM   969  C CB  . ASN A 1 132 ? -1.611  14.192  -1.983  1.00 9.38  ? 127 ASN A CB  1 
ATOM   970  C CG  . ASN A 1 132 ? -2.148  15.556  -1.615  1.00 9.86  ? 127 ASN A CG  1 
ATOM   971  O OD1 . ASN A 1 132 ? -3.351  15.731  -1.420  1.00 11.10 ? 127 ASN A OD1 1 
ATOM   972  N ND2 . ASN A 1 132 ? -1.260  16.536  -1.538  1.00 3.52  ? 127 ASN A ND2 1 
ATOM   973  N N   . GLY A 1 133 ? -1.194  11.927  -4.589  1.00 4.31  ? 128 GLY A N   1 
ATOM   974  C CA  . GLY A 1 133 ? -0.611  10.633  -4.913  1.00 7.32  ? 128 GLY A CA  1 
ATOM   975  C C   . GLY A 1 133 ? -1.284  9.402   -4.323  1.00 6.24  ? 128 GLY A C   1 
ATOM   976  O O   . GLY A 1 133 ? -2.323  9.511   -3.675  1.00 5.50  ? 128 GLY A O   1 
ATOM   977  N N   . PRO A 1 134 ? -0.695  8.208   -4.532  1.00 5.04  ? 129 PRO A N   1 
ATOM   978  C CA  . PRO A 1 134 ? -1.194  6.916   -4.045  1.00 5.84  ? 129 PRO A CA  1 
ATOM   979  C C   . PRO A 1 134 ? -1.563  6.893   -2.560  1.00 6.44  ? 129 PRO A C   1 
ATOM   980  O O   . PRO A 1 134 ? -0.892  7.505   -1.725  1.00 6.37  ? 129 PRO A O   1 
ATOM   981  C CB  . PRO A 1 134 ? -0.039  5.963   -4.369  1.00 6.65  ? 129 PRO A CB  1 
ATOM   982  C CG  . PRO A 1 134 ? 0.501   6.543   -5.652  1.00 4.91  ? 129 PRO A CG  1 
ATOM   983  C CD  . PRO A 1 134 ? 0.545   8.025   -5.313  1.00 6.64  ? 129 PRO A CD  1 
ATOM   984  N N   . VAL A 1 135 ? -2.618  6.148   -2.249  1.00 5.43  ? 130 VAL A N   1 
ATOM   985  C CA  . VAL A 1 135 ? -3.147  6.037   -0.895  1.00 7.11  ? 130 VAL A CA  1 
ATOM   986  C C   . VAL A 1 135 ? -3.207  4.591   -0.411  1.00 3.87  ? 130 VAL A C   1 
ATOM   987  O O   . VAL A 1 135 ? -3.631  3.706   -1.149  1.00 6.15  ? 130 VAL A O   1 
ATOM   988  C CB  . VAL A 1 135 ? -4.595  6.610   -0.857  1.00 6.82  ? 130 VAL A CB  1 
ATOM   989  C CG1 . VAL A 1 135 ? -5.187  6.501   0.536   1.00 9.47  ? 130 VAL A CG1 1 
ATOM   990  C CG2 . VAL A 1 135 ? -4.603  8.047   -1.328  1.00 10.66 ? 130 VAL A CG2 1 
ATOM   991  N N   . ALA A 1 136 ? -2.777  4.356   0.825   1.00 5.33  ? 131 ALA A N   1 
ATOM   992  C CA  . ALA A 1 136 ? -2.833  3.016   1.412   1.00 2.82  ? 131 ALA A CA  1 
ATOM   993  C C   . ALA A 1 136 ? -4.271  2.779   1.875   1.00 4.92  ? 131 ALA A C   1 
ATOM   994  O O   . ALA A 1 136 ? -4.872  3.647   2.520   1.00 5.45  ? 131 ALA A O   1 
ATOM   995  C CB  . ALA A 1 136 ? -1.877  2.912   2.589   1.00 2.00  ? 131 ALA A CB  1 
ATOM   996  N N   . VAL A 1 137 ? -4.832  1.623   1.525   1.00 2.48  ? 132 VAL A N   1 
ATOM   997  C CA  . VAL A 1 137 ? -6.206  1.300   1.896   1.00 3.67  ? 132 VAL A CA  1 
ATOM   998  C C   . VAL A 1 137 ? -6.385  -0.148  2.336   1.00 6.34  ? 132 VAL A C   1 
ATOM   999  O O   . VAL A 1 137 ? -5.688  -1.047  1.866   1.00 5.10  ? 132 VAL A O   1 
ATOM   1000 C CB  . VAL A 1 137 ? -7.211  1.561   0.725   1.00 3.49  ? 132 VAL A CB  1 
ATOM   1001 C CG1 . VAL A 1 137 ? -7.269  3.028   0.383   1.00 4.93  ? 132 VAL A CG1 1 
ATOM   1002 C CG2 . VAL A 1 137 ? -6.835  0.747   -0.507  1.00 4.44  ? 132 VAL A CG2 1 
ATOM   1003 N N   . ALA A 1 138 ? -7.313  -0.359  3.262   1.00 6.08  ? 133 ALA A N   1 
ATOM   1004 C CA  . ALA A 1 138 ? -7.623  -1.699  3.738   1.00 6.49  ? 133 ALA A CA  1 
ATOM   1005 C C   . ALA A 1 138 ? -8.859  -2.136  2.964   1.00 8.55  ? 133 ALA A C   1 
ATOM   1006 O O   . ALA A 1 138 ? -9.723  -1.314  2.644   1.00 10.87 ? 133 ALA A O   1 
ATOM   1007 C CB  . ALA A 1 138 ? -7.913  -1.683  5.235   1.00 5.96  ? 133 ALA A CB  1 
ATOM   1008 N N   . VAL A 1 139 ? -8.911  -3.412  2.607   1.00 6.51  ? 134 VAL A N   1 
ATOM   1009 C CA  . VAL A 1 139 ? -10.043 -3.948  1.868   1.00 6.48  ? 134 VAL A CA  1 
ATOM   1010 C C   . VAL A 1 139 ? -10.322 -5.368  2.327   1.00 7.67  ? 134 VAL A C   1 
ATOM   1011 O O   . VAL A 1 139 ? -9.581  -5.930  3.140   1.00 7.41  ? 134 VAL A O   1 
ATOM   1012 C CB  . VAL A 1 139 ? -9.747  -4.030  0.345   1.00 7.59  ? 134 VAL A CB  1 
ATOM   1013 C CG1 . VAL A 1 139 ? -9.518  -2.638  -0.247  1.00 9.82  ? 134 VAL A CG1 1 
ATOM   1014 C CG2 . VAL A 1 139 ? -8.549  -4.934  0.092   1.00 9.20  ? 134 VAL A CG2 1 
ATOM   1015 N N   . ASP A 1 140 ? -11.414 -5.931  1.822   1.00 8.04  ? 135 ASP A N   1 
ATOM   1016 C CA  . ASP A 1 140 ? -11.746 -7.313  2.110   1.00 7.75  ? 135 ASP A CA  1 
ATOM   1017 C C   . ASP A 1 140 ? -11.284 -8.021  0.839   1.00 8.24  ? 135 ASP A C   1 
ATOM   1018 O O   . ASP A 1 140 ? -11.794 -7.748  -0.242  1.00 8.42  ? 135 ASP A O   1 
ATOM   1019 C CB  . ASP A 1 140 ? -13.252 -7.499  2.300   1.00 10.16 ? 135 ASP A CB  1 
ATOM   1020 C CG  . ASP A 1 140 ? -13.611 -8.894  2.793   1.00 6.25  ? 135 ASP A CG  1 
ATOM   1021 O OD1 . ASP A 1 140 ? -14.735 -9.071  3.287   1.00 8.75  ? 135 ASP A OD1 1 
ATOM   1022 O OD2 . ASP A 1 140 ? -12.776 -9.811  2.696   1.00 8.99  ? 135 ASP A OD2 1 
ATOM   1023 N N   . ALA A 1 141 ? -10.283 -8.886  0.966   1.00 7.75  ? 136 ALA A N   1 
ATOM   1024 C CA  . ALA A 1 141 ? -9.755  -9.598  -0.186  1.00 7.56  ? 136 ALA A CA  1 
ATOM   1025 C C   . ALA A 1 141 ? -10.141 -11.073 -0.238  1.00 9.53  ? 136 ALA A C   1 
ATOM   1026 O O   . ALA A 1 141 ? -9.441  -11.882 -0.850  1.00 9.87  ? 136 ALA A O   1 
ATOM   1027 C CB  . ALA A 1 141 ? -8.251  -9.439  -0.243  1.00 5.78  ? 136 ALA A CB  1 
ATOM   1028 N N   . SER A 1 142 ? -11.261 -11.416 0.392   1.00 12.77 ? 139 SER A N   1 
ATOM   1029 C CA  . SER A 1 142 ? -11.754 -12.798 0.412   1.00 15.66 ? 139 SER A CA  1 
ATOM   1030 C C   . SER A 1 142 ? -12.002 -13.364 -0.980  1.00 15.47 ? 139 SER A C   1 
ATOM   1031 O O   . SER A 1 142 ? -11.637 -14.502 -1.264  1.00 18.62 ? 139 SER A O   1 
ATOM   1032 C CB  . SER A 1 142 ? -13.064 -12.889 1.200   1.00 13.90 ? 139 SER A CB  1 
ATOM   1033 O OG  . SER A 1 142 ? -12.850 -12.619 2.564   1.00 18.43 ? 139 SER A OG  1 
ATOM   1034 N N   . SER A 1 143 ? -12.651 -12.571 -1.828  1.00 17.26 ? 140 SER A N   1 
ATOM   1035 C CA  . SER A 1 143 ? -12.988 -12.973 -3.193  1.00 18.90 ? 140 SER A CA  1 
ATOM   1036 C C   . SER A 1 143 ? -11.880 -12.713 -4.217  1.00 19.93 ? 140 SER A C   1 
ATOM   1037 O O   . SER A 1 143 ? -12.024 -13.049 -5.396  1.00 22.90 ? 140 SER A O   1 
ATOM   1038 C CB  . SER A 1 143 ? -14.260 -12.244 -3.627  1.00 18.83 ? 140 SER A CB  1 
ATOM   1039 O OG  . SER A 1 143 ? -14.102 -10.844 -3.479  1.00 21.51 ? 140 SER A OG  1 
ATOM   1040 N N   . TRP A 1 144 ? -10.769 -12.150 -3.762  1.00 17.54 ? 141 TRP A N   1 
ATOM   1041 C CA  . TRP A 1 144 ? -9.648  -11.817 -4.636  1.00 17.01 ? 141 TRP A CA  1 
ATOM   1042 C C   . TRP A 1 144 ? -8.798  -12.984 -5.131  1.00 19.24 ? 141 TRP A C   1 
ATOM   1043 O O   . TRP A 1 144 ? -8.061  -12.846 -6.110  1.00 19.01 ? 141 TRP A O   1 
ATOM   1044 C CB  . TRP A 1 144 ? -8.745  -10.799 -3.942  1.00 12.90 ? 141 TRP A CB  1 
ATOM   1045 C CG  . TRP A 1 144 ? -9.330  -9.423  -3.832  1.00 11.54 ? 141 TRP A CG  1 
ATOM   1046 C CD1 . TRP A 1 144 ? -10.655 -9.085  -3.814  1.00 11.41 ? 141 TRP A CD1 1 
ATOM   1047 C CD2 . TRP A 1 144 ? -8.601  -8.197  -3.730  1.00 10.73 ? 141 TRP A CD2 1 
ATOM   1048 N NE1 . TRP A 1 144 ? -10.792 -7.721  -3.706  1.00 8.45  ? 141 TRP A NE1 1 
ATOM   1049 C CE2 . TRP A 1 144 ? -9.549  -7.152  -3.654  1.00 12.32 ? 141 TRP A CE2 1 
ATOM   1050 C CE3 . TRP A 1 144 ? -7.235  -7.880  -3.698  1.00 9.58  ? 141 TRP A CE3 1 
ATOM   1051 C CZ2 . TRP A 1 144 ? -9.172  -5.806  -3.548  1.00 10.61 ? 141 TRP A CZ2 1 
ATOM   1052 C CZ3 . TRP A 1 144 ? -6.864  -6.543  -3.593  1.00 9.20  ? 141 TRP A CZ3 1 
ATOM   1053 C CH2 . TRP A 1 144 ? -7.830  -5.524  -3.520  1.00 8.80  ? 141 TRP A CH2 1 
ATOM   1054 N N   . MET A 1 145 ? -8.876  -14.124 -4.452  1.00 22.38 ? 142 MET A N   1 
ATOM   1055 C CA  . MET A 1 145 ? -8.088  -15.294 -4.839  1.00 29.09 ? 142 MET A CA  1 
ATOM   1056 C C   . MET A 1 145 ? -8.407  -15.832 -6.228  1.00 29.68 ? 142 MET A C   1 
ATOM   1057 O O   . MET A 1 145 ? -7.545  -16.414 -6.892  1.00 30.20 ? 142 MET A O   1 
ATOM   1058 C CB  . MET A 1 145 ? -8.238  -16.400 -3.797  1.00 35.61 ? 142 MET A CB  1 
ATOM   1059 C CG  . MET A 1 145 ? -7.058  -16.491 -2.855  1.00 43.86 ? 142 MET A CG  1 
ATOM   1060 S SD  . MET A 1 145 ? -6.621  -14.897 -2.141  1.00 55.05 ? 142 MET A SD  1 
ATOM   1061 C CE  . MET A 1 145 ? -5.794  -15.399 -0.649  1.00 53.79 ? 142 MET A CE  1 
ATOM   1062 N N   . THR A 1 146 ? -9.639  -15.611 -6.672  1.00 29.92 ? 143 THR A N   1 
ATOM   1063 C CA  . THR A 1 146 ? -10.092 -16.072 -7.978  1.00 30.64 ? 143 THR A CA  1 
ATOM   1064 C C   . THR A 1 146 ? -10.067 -14.991 -9.064  1.00 30.03 ? 143 THR A C   1 
ATOM   1065 O O   . THR A 1 146 ? -10.509 -15.232 -10.192 1.00 29.82 ? 143 THR A O   1 
ATOM   1066 C CB  . THR A 1 146 ? -11.510 -16.646 -7.897  1.00 31.41 ? 143 THR A CB  1 
ATOM   1067 O OG1 . THR A 1 146 ? -12.302 -15.834 -7.021  1.00 33.90 ? 143 THR A OG1 1 
ATOM   1068 C CG2 . THR A 1 146 ? -11.470 -18.078 -7.374  1.00 34.29 ? 143 THR A CG2 1 
ATOM   1069 N N   . TYR A 1 147 ? -9.568  -13.806 -8.724  1.00 27.29 ? 144 TYR A N   1 
ATOM   1070 C CA  . TYR A 1 147 ? -9.495  -12.707 -9.681  1.00 23.70 ? 144 TYR A CA  1 
ATOM   1071 C C   . TYR A 1 147 ? -8.434  -12.962 -10.753 1.00 24.13 ? 144 TYR A C   1 
ATOM   1072 O O   . TYR A 1 147 ? -7.273  -13.241 -10.445 1.00 25.82 ? 144 TYR A O   1 
ATOM   1073 C CB  . TYR A 1 147 ? -9.213  -11.388 -8.957  1.00 19.09 ? 144 TYR A CB  1 
ATOM   1074 C CG  . TYR A 1 147 ? -9.070  -10.202 -9.885  1.00 14.63 ? 144 TYR A CG  1 
ATOM   1075 C CD1 . TYR A 1 147 ? -7.813  -9.693  -10.201 1.00 14.00 ? 144 TYR A CD1 1 
ATOM   1076 C CD2 . TYR A 1 147 ? -10.192 -9.582  -10.439 1.00 11.32 ? 144 TYR A CD2 1 
ATOM   1077 C CE1 . TYR A 1 147 ? -7.670  -8.600  -11.048 1.00 11.96 ? 144 TYR A CE1 1 
ATOM   1078 C CE2 . TYR A 1 147 ? -10.062 -8.484  -11.288 1.00 12.99 ? 144 TYR A CE2 1 
ATOM   1079 C CZ  . TYR A 1 147 ? -8.796  -7.996  -11.585 1.00 12.80 ? 144 TYR A CZ  1 
ATOM   1080 O OH  . TYR A 1 147 ? -8.651  -6.907  -12.415 1.00 14.30 ? 144 TYR A OH  1 
ATOM   1081 N N   . THR A 1 148 ? -8.843  -12.856 -12.015 1.00 23.05 ? 145 THR A N   1 
ATOM   1082 C CA  . THR A 1 148 ? -7.943  -13.073 -13.143 1.00 23.71 ? 145 THR A CA  1 
ATOM   1083 C C   . THR A 1 148 ? -7.774  -11.813 -13.999 1.00 24.62 ? 145 THR A C   1 
ATOM   1084 O O   . THR A 1 148 ? -6.747  -11.634 -14.652 1.00 27.85 ? 145 THR A O   1 
ATOM   1085 C CB  . THR A 1 148 ? -8.439  -14.237 -14.036 1.00 23.52 ? 145 THR A CB  1 
ATOM   1086 O OG1 . THR A 1 148 ? -9.797  -13.998 -14.427 1.00 22.28 ? 145 THR A OG1 1 
ATOM   1087 C CG2 . THR A 1 148 ? -8.358  -15.567 -13.285 1.00 25.56 ? 145 THR A CG2 1 
ATOM   1088 N N   . GLY A 1 149 ? -8.781  -10.942 -13.988 1.00 21.77 ? 146 GLY A N   1 
ATOM   1089 C CA  . GLY A 1 149 ? -8.717  -9.720  -14.769 1.00 19.33 ? 146 GLY A CA  1 
ATOM   1090 C C   . GLY A 1 149 ? -10.079 -9.067  -14.916 1.00 19.24 ? 146 GLY A C   1 
ATOM   1091 O O   . GLY A 1 149 ? -11.098 -9.642  -14.525 1.00 17.20 ? 146 GLY A O   1 
ATOM   1092 N N   . GLY A 1 150 ? -10.092 -7.860  -15.479 1.00 14.18 ? 147 GLY A N   1 
ATOM   1093 C CA  . GLY A 1 150 ? -11.327 -7.124  -15.675 1.00 11.35 ? 147 GLY A CA  1 
ATOM   1094 C C   . GLY A 1 150 ? -11.704 -6.287  -14.471 1.00 11.27 ? 147 GLY A C   1 
ATOM   1095 O O   . GLY A 1 150 ? -10.989 -6.269  -13.467 1.00 11.41 ? 147 GLY A O   1 
ATOM   1096 N N   . VAL A 1 151 ? -12.810 -5.557  -14.585 1.00 11.12 ? 148 VAL A N   1 
ATOM   1097 C CA  . VAL A 1 151 ? -13.282 -4.724  -13.486 1.00 10.42 ? 148 VAL A CA  1 
ATOM   1098 C C   . VAL A 1 151 ? -14.204 -5.525  -12.579 1.00 12.96 ? 148 VAL A C   1 
ATOM   1099 O O   . VAL A 1 151 ? -15.256 -6.000  -13.013 1.00 11.73 ? 148 VAL A O   1 
ATOM   1100 C CB  . VAL A 1 151 ? -14.023 -3.467  -13.987 1.00 9.33  ? 148 VAL A CB  1 
ATOM   1101 C CG1 . VAL A 1 151 ? -14.609 -2.685  -12.807 1.00 8.47  ? 148 VAL A CG1 1 
ATOM   1102 C CG2 . VAL A 1 151 ? -13.069 -2.577  -14.773 1.00 11.36 ? 148 VAL A CG2 1 
ATOM   1103 N N   . MET A 1 152 ? -13.794 -5.682  -11.322 1.00 12.43 ? 149 MET A N   1 
ATOM   1104 C CA  . MET A 1 152 ? -14.579 -6.422  -10.338 1.00 15.35 ? 149 MET A CA  1 
ATOM   1105 C C   . MET A 1 152 ? -15.755 -5.556  -9.886  1.00 16.18 ? 149 MET A C   1 
ATOM   1106 O O   . MET A 1 152 ? -15.576 -4.578  -9.162  1.00 15.93 ? 149 MET A O   1 
ATOM   1107 C CB  . MET A 1 152 ? -13.704 -6.820  -9.142  1.00 15.11 ? 149 MET A CB  1 
ATOM   1108 C CG  . MET A 1 152 ? -14.399 -7.710  -8.124  1.00 15.94 ? 149 MET A CG  1 
ATOM   1109 S SD  . MET A 1 152 ? -13.331 -8.190  -6.750  1.00 15.39 ? 149 MET A SD  1 
ATOM   1110 C CE  . MET A 1 152 ? -12.571 -9.674  -7.412  1.00 14.69 ? 149 MET A CE  1 
ATOM   1111 N N   . THR A 1 153 ? -16.952 -5.907  -10.350 1.00 19.46 ? 151 THR A N   1 
ATOM   1112 C CA  . THR A 1 153 ? -18.168 -5.163  -10.018 1.00 20.56 ? 151 THR A CA  1 
ATOM   1113 C C   . THR A 1 153 ? -18.927 -5.782  -8.850  1.00 23.02 ? 151 THR A C   1 
ATOM   1114 O O   . THR A 1 153 ? -19.893 -5.205  -8.347  1.00 24.49 ? 151 THR A O   1 
ATOM   1115 C CB  . THR A 1 153 ? -19.119 -5.100  -11.221 1.00 21.02 ? 151 THR A CB  1 
ATOM   1116 O OG1 . THR A 1 153 ? -19.519 -6.432  -11.575 1.00 19.47 ? 151 THR A OG1 1 
ATOM   1117 C CG2 . THR A 1 153 ? -18.430 -4.442  -12.413 1.00 23.27 ? 151 THR A CG2 1 
ATOM   1118 N N   . SER A 1 154 ? -18.484 -6.957  -8.421  1.00 23.06 ? 152 SER A N   1 
ATOM   1119 C CA  . SER A 1 154 ? -19.128 -7.658  -7.317  1.00 24.95 ? 152 SER A CA  1 
ATOM   1120 C C   . SER A 1 154 ? -18.039 -8.203  -6.391  1.00 25.65 ? 152 SER A C   1 
ATOM   1121 O O   . SER A 1 154 ? -17.364 -9.183  -6.721  1.00 29.54 ? 152 SER A O   1 
ATOM   1122 C CB  . SER A 1 154 ? -19.983 -8.800  -7.873  1.00 27.39 ? 152 SER A CB  1 
ATOM   1123 O OG  . SER A 1 154 ? -20.879 -9.290  -6.897  1.00 34.75 ? 152 SER A OG  1 
ATOM   1124 N N   . CYS A 1 155 ? -17.865 -7.563  -5.237  1.00 21.96 ? 153 CYS A N   1 
ATOM   1125 C CA  . CYS A 1 155 ? -16.835 -7.972  -4.282  1.00 18.36 ? 153 CYS A CA  1 
ATOM   1126 C C   . CYS A 1 155 ? -17.388 -8.209  -2.885  1.00 15.36 ? 153 CYS A C   1 
ATOM   1127 O O   . CYS A 1 155 ? -18.143 -7.390  -2.365  1.00 16.47 ? 153 CYS A O   1 
ATOM   1128 C CB  . CYS A 1 155 ? -15.748 -6.899  -4.216  1.00 14.77 ? 153 CYS A CB  1 
ATOM   1129 S SG  . CYS A 1 155 ? -14.388 -7.168  -3.035  1.00 11.59 ? 153 CYS A SG  1 
ATOM   1130 N N   . VAL A 1 156 ? -17.014 -9.337  -2.288  1.00 12.70 ? 154 VAL A N   1 
ATOM   1131 C CA  . VAL A 1 156 ? -17.449 -9.674  -0.938  1.00 10.88 ? 154 VAL A CA  1 
ATOM   1132 C C   . VAL A 1 156 ? -16.891 -8.608  -0.005  1.00 9.58  ? 154 VAL A C   1 
ATOM   1133 O O   . VAL A 1 156 ? -15.680 -8.476  0.144   1.00 8.00  ? 154 VAL A O   1 
ATOM   1134 C CB  . VAL A 1 156 ? -16.935 -11.063 -0.525  1.00 10.82 ? 154 VAL A CB  1 
ATOM   1135 C CG1 . VAL A 1 156 ? -17.260 -11.341 0.929   1.00 11.59 ? 154 VAL A CG1 1 
ATOM   1136 C CG2 . VAL A 1 156 ? -17.546 -12.124 -1.424  1.00 12.21 ? 154 VAL A CG2 1 
ATOM   1137 N N   . SER A 1 157 ? -17.786 -7.831  0.595   1.00 9.86  ? 155 SER A N   1 
ATOM   1138 C CA  . SER A 1 157 ? -17.395 -6.747  1.491   1.00 10.74 ? 155 SER A CA  1 
ATOM   1139 C C   . SER A 1 157 ? -17.959 -6.964  2.895   1.00 11.34 ? 155 SER A C   1 
ATOM   1140 O O   . SER A 1 157 ? -18.943 -6.335  3.290   1.00 12.24 ? 155 SER A O   1 
ATOM   1141 C CB  . SER A 1 157 ? -17.906 -5.423  0.920   1.00 11.06 ? 155 SER A CB  1 
ATOM   1142 O OG  . SER A 1 157 ? -17.636 -5.351  -0.469  1.00 13.63 ? 155 SER A OG  1 
ATOM   1143 N N   . GLU A 1 158 ? -17.301 -7.824  3.661   0.65 8.02  ? 156 GLU A N   1 
ATOM   1144 C CA  . GLU A 1 158 ? -17.758 -8.140  5.004   0.65 5.36  ? 156 GLU A CA  1 
ATOM   1145 C C   . GLU A 1 158 ? -16.790 -7.774  6.120   0.65 3.87  ? 156 GLU A C   1 
ATOM   1146 O O   . GLU A 1 158 ? -17.213 -7.353  7.196   0.65 3.17  ? 156 GLU A O   1 
ATOM   1147 C CB  . GLU A 1 158 ? -18.069 -9.638  5.096   0.65 6.96  ? 156 GLU A CB  1 
ATOM   1148 C CG  . GLU A 1 158 ? -19.098 -10.139 4.085   0.65 8.48  ? 156 GLU A CG  1 
ATOM   1149 C CD  . GLU A 1 158 ? -19.186 -11.658 4.030   0.65 11.41 ? 156 GLU A CD  1 
ATOM   1150 O OE1 . GLU A 1 158 ? -18.196 -12.330 4.384   0.65 13.30 ? 156 GLU A OE1 1 
ATOM   1151 O OE2 . GLU A 1 158 ? -20.235 -12.187 3.606   0.65 13.46 ? 156 GLU A OE2 1 
ATOM   1152 N N   . GLN A 1 159 A -15.495 -7.886  5.846   0.50 2.00  ? 156 GLN A N   1 
ATOM   1153 C CA  . GLN A 1 159 A -14.484 -7.633  6.861   0.50 2.78  ? 156 GLN A CA  1 
ATOM   1154 C C   . GLN A 1 159 A -13.145 -7.169  6.284   0.50 4.28  ? 156 GLN A C   1 
ATOM   1155 O O   . GLN A 1 159 A -12.660 -7.726  5.305   0.50 2.63  ? 156 GLN A O   1 
ATOM   1156 C CB  . GLN A 1 159 A -14.305 -8.941  7.643   0.50 5.74  ? 156 GLN A CB  1 
ATOM   1157 C CG  . GLN A 1 159 A -13.185 -9.015  8.650   0.50 7.93  ? 156 GLN A CG  1 
ATOM   1158 C CD  . GLN A 1 159 A -13.001 -10.439 9.170   0.50 11.26 ? 156 GLN A CD  1 
ATOM   1159 O OE1 . GLN A 1 159 A -12.522 -11.317 8.448   0.50 8.42  ? 156 GLN A OE1 1 
ATOM   1160 N NE2 . GLN A 1 159 A -13.413 -10.680 10.413  0.50 10.20 ? 156 GLN A NE2 1 
ATOM   1161 N N   . LEU A 1 160 ? -12.561 -6.141  6.895   1.00 7.82  ? 157 LEU A N   1 
ATOM   1162 C CA  . LEU A 1 160 ? -11.260 -5.611  6.467   1.00 9.40  ? 157 LEU A CA  1 
ATOM   1163 C C   . LEU A 1 160 ? -10.188 -6.610  6.901   1.00 11.08 ? 157 LEU A C   1 
ATOM   1164 O O   . LEU A 1 160 ? -10.040 -6.885  8.094   1.00 13.11 ? 157 LEU A O   1 
ATOM   1165 C CB  . LEU A 1 160 ? -10.998 -4.233  7.096   1.00 10.67 ? 157 LEU A CB  1 
ATOM   1166 C CG  . LEU A 1 160 ? -11.894 -3.047  6.705   1.00 9.50  ? 157 LEU A CG  1 
ATOM   1167 C CD1 . LEU A 1 160 ? -11.489 -1.809  7.497   1.00 8.37  ? 157 LEU A CD1 1 
ATOM   1168 C CD2 . LEU A 1 160 ? -11.799 -2.773  5.219   1.00 7.57  ? 157 LEU A CD2 1 
ATOM   1169 N N   . ASP A 1 161 ? -9.427  -7.129  5.940   1.00 9.24  ? 158 ASP A N   1 
ATOM   1170 C CA  . ASP A 1 161 ? -8.410  -8.141  6.229   1.00 9.59  ? 158 ASP A CA  1 
ATOM   1171 C C   . ASP A 1 161 ? -7.193  -8.127  5.309   1.00 7.94  ? 158 ASP A C   1 
ATOM   1172 O O   . ASP A 1 161 ? -6.393  -9.060  5.328   1.00 8.49  ? 158 ASP A O   1 
ATOM   1173 C CB  . ASP A 1 161 ? -9.056  -9.535  6.153   1.00 9.11  ? 158 ASP A CB  1 
ATOM   1174 C CG  . ASP A 1 161 ? -9.919  -9.713  4.906   1.00 13.29 ? 158 ASP A CG  1 
ATOM   1175 O OD1 . ASP A 1 161 ? -11.083 -10.141 5.039   1.00 18.49 ? 158 ASP A OD1 1 
ATOM   1176 O OD2 . ASP A 1 161 ? -9.446  -9.414  3.791   1.00 12.58 ? 158 ASP A OD2 1 
ATOM   1177 N N   . HIS A 1 162 ? -7.055  -7.080  4.502   1.00 8.60  ? 159 HIS A N   1 
ATOM   1178 C CA  . HIS A 1 162 ? -5.940  -6.993  3.568   1.00 6.38  ? 159 HIS A CA  1 
ATOM   1179 C C   . HIS A 1 162 ? -5.557  -5.533  3.325   1.00 7.20  ? 159 HIS A C   1 
ATOM   1180 O O   . HIS A 1 162 ? -6.410  -4.647  3.353   1.00 7.26  ? 159 HIS A O   1 
ATOM   1181 C CB  . HIS A 1 162 ? -6.352  -7.663  2.256   1.00 5.98  ? 159 HIS A CB  1 
ATOM   1182 C CG  . HIS A 1 162 ? -5.274  -7.700  1.219   1.00 9.04  ? 159 HIS A CG  1 
ATOM   1183 N ND1 . HIS A 1 162 ? -3.961  -7.984  1.519   1.00 10.50 ? 159 HIS A ND1 1 
ATOM   1184 C CD2 . HIS A 1 162 ? -5.328  -7.534  -0.123  1.00 7.52  ? 159 HIS A CD2 1 
ATOM   1185 C CE1 . HIS A 1 162 ? -3.250  -7.997  0.404   1.00 12.17 ? 159 HIS A CE1 1 
ATOM   1186 N NE2 . HIS A 1 162 ? -4.056  -7.726  -0.605  1.00 9.99  ? 159 HIS A NE2 1 
ATOM   1187 N N   . GLY A 1 163 ? -4.268  -5.286  3.117   1.00 4.76  ? 160 GLY A N   1 
ATOM   1188 C CA  . GLY A 1 163 ? -3.807  -3.934  2.865   1.00 5.38  ? 160 GLY A CA  1 
ATOM   1189 C C   . GLY A 1 163 ? -3.265  -3.809  1.456   1.00 5.09  ? 160 GLY A C   1 
ATOM   1190 O O   . GLY A 1 163 ? -2.450  -4.633  1.038   1.00 4.18  ? 160 GLY A O   1 
ATOM   1191 N N   . VAL A 1 164 ? -3.721  -2.791  0.723   1.00 3.40  ? 161 VAL A N   1 
ATOM   1192 C CA  . VAL A 1 164 ? -3.282  -2.558  -0.652  1.00 2.12  ? 161 VAL A CA  1 
ATOM   1193 C C   . VAL A 1 164 ? -2.949  -1.085  -0.920  1.00 4.76  ? 161 VAL A C   1 
ATOM   1194 O O   . VAL A 1 164 ? -2.953  -0.256  -0.008  1.00 4.51  ? 161 VAL A O   1 
ATOM   1195 C CB  . VAL A 1 164 ? -4.335  -3.048  -1.684  1.00 3.47  ? 161 VAL A CB  1 
ATOM   1196 C CG1 . VAL A 1 164 ? -4.418  -4.557  -1.675  1.00 4.03  ? 161 VAL A CG1 1 
ATOM   1197 C CG2 . VAL A 1 164 ? -5.699  -2.454  -1.385  1.00 2.77  ? 161 VAL A CG2 1 
ATOM   1198 N N   . LEU A 1 165 ? -2.663  -0.760  -2.173  1.00 5.33  ? 162 LEU A N   1 
ATOM   1199 C CA  . LEU A 1 165 ? -2.315  0.609   -2.526  1.00 4.33  ? 162 LEU A CA  1 
ATOM   1200 C C   . LEU A 1 165 ? -3.110  1.149   -3.715  1.00 5.38  ? 162 LEU A C   1 
ATOM   1201 O O   . LEU A 1 165 ? -3.058  0.590   -4.813  1.00 5.55  ? 162 LEU A O   1 
ATOM   1202 C CB  . LEU A 1 165 ? -0.819  0.688   -2.832  1.00 5.99  ? 162 LEU A CB  1 
ATOM   1203 C CG  . LEU A 1 165 ? -0.229  2.060   -3.172  1.00 5.34  ? 162 LEU A CG  1 
ATOM   1204 C CD1 . LEU A 1 165 ? -0.230  2.948   -1.929  1.00 5.11  ? 162 LEU A CD1 1 
ATOM   1205 C CD2 . LEU A 1 165 ? 1.183   1.887   -3.695  1.00 2.00  ? 162 LEU A CD2 1 
ATOM   1206 N N   . LEU A 1 166 ? -3.867  2.220   -3.485  1.00 4.84  ? 163 LEU A N   1 
ATOM   1207 C CA  . LEU A 1 166 ? -4.642  2.858   -4.546  1.00 6.33  ? 163 LEU A CA  1 
ATOM   1208 C C   . LEU A 1 166 ? -3.687  3.714   -5.369  1.00 6.86  ? 163 LEU A C   1 
ATOM   1209 O O   . LEU A 1 166 ? -3.057  4.622   -4.830  1.00 2.00  ? 163 LEU A O   1 
ATOM   1210 C CB  . LEU A 1 166 ? -5.727  3.772   -3.973  1.00 8.99  ? 163 LEU A CB  1 
ATOM   1211 C CG  . LEU A 1 166 ? -7.042  3.191   -3.459  1.00 11.88 ? 163 LEU A CG  1 
ATOM   1212 C CD1 . LEU A 1 166 ? -7.929  4.334   -3.006  1.00 8.33  ? 163 LEU A CD1 1 
ATOM   1213 C CD2 . LEU A 1 166 ? -7.733  2.391   -4.553  1.00 9.53  ? 163 LEU A CD2 1 
ATOM   1214 N N   . VAL A 1 167 ? -3.577  3.425   -6.664  1.00 5.74  ? 164 VAL A N   1 
ATOM   1215 C CA  . VAL A 1 167 ? -2.683  4.193   -7.526  1.00 7.21  ? 164 VAL A CA  1 
ATOM   1216 C C   . VAL A 1 167 ? -3.415  5.008   -8.587  1.00 7.07  ? 164 VAL A C   1 
ATOM   1217 O O   . VAL A 1 167 ? -2.787  5.741   -9.348  1.00 8.80  ? 164 VAL A O   1 
ATOM   1218 C CB  . VAL A 1 167 ? -1.595  3.298   -8.194  1.00 3.53  ? 164 VAL A CB  1 
ATOM   1219 C CG1 . VAL A 1 167 ? -0.776  2.584   -7.133  1.00 5.94  ? 164 VAL A CG1 1 
ATOM   1220 C CG2 . VAL A 1 167 ? -2.214  2.303   -9.137  1.00 5.93  ? 164 VAL A CG2 1 
ATOM   1221 N N   . GLY A 1 168 ? -4.741  4.904   -8.625  1.00 5.62  ? 165 GLY A N   1 
ATOM   1222 C CA  . GLY A 1 168 ? -5.490  5.664   -9.606  1.00 3.62  ? 165 GLY A CA  1 
ATOM   1223 C C   . GLY A 1 168 ? -6.943  5.278   -9.739  1.00 6.38  ? 165 GLY A C   1 
ATOM   1224 O O   . GLY A 1 168 ? -7.451  4.471   -8.962  1.00 7.89  ? 165 GLY A O   1 
ATOM   1225 N N   . TYR A 1 169 ? -7.608  5.877   -10.727 1.00 4.58  ? 166 TYR A N   1 
ATOM   1226 C CA  . TYR A 1 169 ? -9.014  5.628   -11.007 1.00 5.30  ? 166 TYR A CA  1 
ATOM   1227 C C   . TYR A 1 169 ? -9.380  6.128   -12.401 1.00 4.79  ? 166 TYR A C   1 
ATOM   1228 O O   . TYR A 1 169 ? -8.624  6.874   -13.019 1.00 5.20  ? 166 TYR A O   1 
ATOM   1229 C CB  . TYR A 1 169 ? -9.901  6.327   -9.969  1.00 4.65  ? 166 TYR A CB  1 
ATOM   1230 C CG  . TYR A 1 169 ? -9.807  7.837   -9.989  1.00 6.75  ? 166 TYR A CG  1 
ATOM   1231 C CD1 . TYR A 1 169 ? -10.623 8.598   -10.826 1.00 5.74  ? 166 TYR A CD1 1 
ATOM   1232 C CD2 . TYR A 1 169 ? -8.893  8.503   -9.176  1.00 7.16  ? 166 TYR A CD2 1 
ATOM   1233 C CE1 . TYR A 1 169 ? -10.531 9.991   -10.851 1.00 10.07 ? 166 TYR A CE1 1 
ATOM   1234 C CE2 . TYR A 1 169 ? -8.789  9.893   -9.194  1.00 7.84  ? 166 TYR A CE2 1 
ATOM   1235 C CZ  . TYR A 1 169 ? -9.613  10.632  -10.033 1.00 11.33 ? 166 TYR A CZ  1 
ATOM   1236 O OH  . TYR A 1 169 ? -9.530  12.008  -10.036 1.00 9.38  ? 166 TYR A OH  1 
ATOM   1237 N N   . ASN A 1 170 ? -10.541 5.708   -12.886 0.50 2.00  ? 167 ASN A N   1 
ATOM   1238 C CA  . ASN A 1 170 ? -11.029 6.125   -14.189 0.50 2.00  ? 167 ASN A CA  1 
ATOM   1239 C C   . ASN A 1 170 ? -12.536 6.290   -14.060 0.50 2.22  ? 167 ASN A C   1 
ATOM   1240 O O   . ASN A 1 170 ? -13.277 5.316   -13.976 0.50 2.00  ? 167 ASN A O   1 
ATOM   1241 C CB  . ASN A 1 170 ? -10.686 5.085   -15.261 0.50 2.00  ? 167 ASN A CB  1 
ATOM   1242 C CG  . ASN A 1 170 ? -11.051 5.542   -16.667 0.50 2.00  ? 167 ASN A CG  1 
ATOM   1243 O OD1 . ASN A 1 170 ? -11.850 6.454   -16.851 0.50 2.00  ? 167 ASN A OD1 1 
ATOM   1244 N ND2 . ASN A 1 170 ? -10.460 4.901   -17.667 0.50 2.00  ? 167 ASN A ND2 1 
ATOM   1245 N N   . ASP A 1 171 A -12.970 7.542   -14.008 1.00 4.74  ? 167 ASP A N   1 
ATOM   1246 C CA  . ASP A 1 171 A -14.386 7.882   -13.875 1.00 9.07  ? 167 ASP A CA  1 
ATOM   1247 C C   . ASP A 1 171 A -15.148 7.917   -15.192 1.00 11.26 ? 167 ASP A C   1 
ATOM   1248 O O   . ASP A 1 171 A -16.377 7.943   -15.195 1.00 11.78 ? 167 ASP A O   1 
ATOM   1249 C CB  . ASP A 1 171 A -14.546 9.248   -13.193 1.00 11.35 ? 167 ASP A CB  1 
ATOM   1250 C CG  . ASP A 1 171 A -14.360 9.184   -11.690 1.00 13.92 ? 167 ASP A CG  1 
ATOM   1251 O OD1 . ASP A 1 171 A -14.258 10.258  -11.069 1.00 11.59 ? 167 ASP A OD1 1 
ATOM   1252 O OD2 . ASP A 1 171 A -14.339 8.066   -11.126 1.00 17.04 ? 167 ASP A OD2 1 
ATOM   1253 N N   . SER A 1 172 B -14.425 7.944   -16.308 1.00 11.26 ? 167 SER A N   1 
ATOM   1254 C CA  . SER A 1 172 B -15.063 8.008   -17.616 1.00 10.42 ? 167 SER A CA  1 
ATOM   1255 C C   . SER A 1 172 B -15.377 6.645   -18.227 1.00 11.32 ? 167 SER A C   1 
ATOM   1256 O O   . SER A 1 172 B -16.024 6.569   -19.269 1.00 12.65 ? 167 SER A O   1 
ATOM   1257 C CB  . SER A 1 172 B -14.210 8.843   -18.577 1.00 13.76 ? 167 SER A CB  1 
ATOM   1258 O OG  . SER A 1 172 B -12.923 8.270   -18.757 1.00 22.89 ? 167 SER A OG  1 
ATOM   1259 N N   . ALA A 1 173 C -14.926 5.573   -17.575 1.00 11.39 ? 167 ALA A N   1 
ATOM   1260 C CA  . ALA A 1 173 C -15.167 4.209   -18.057 1.00 9.98  ? 167 ALA A CA  1 
ATOM   1261 C C   . ALA A 1 173 C -16.640 3.815   -17.906 1.00 8.07  ? 167 ALA A C   1 
ATOM   1262 O O   . ALA A 1 173 C -17.359 4.401   -17.095 1.00 6.54  ? 167 ALA A O   1 
ATOM   1263 C CB  . ALA A 1 173 C -14.273 3.224   -17.301 1.00 11.03 ? 167 ALA A CB  1 
ATOM   1264 N N   . ALA A 1 174 D -17.083 2.826   -18.685 1.00 8.03  ? 167 ALA A N   1 
ATOM   1265 C CA  . ALA A 1 174 D -18.473 2.358   -18.631 1.00 8.25  ? 167 ALA A CA  1 
ATOM   1266 C C   . ALA A 1 174 D -18.831 2.077   -17.180 1.00 10.12 ? 167 ALA A C   1 
ATOM   1267 O O   . ALA A 1 174 D -19.931 2.395   -16.721 1.00 12.66 ? 167 ALA A O   1 
ATOM   1268 C CB  . ALA A 1 174 D -18.653 1.114   -19.474 1.00 8.99  ? 167 ALA A CB  1 
ATOM   1269 N N   . VAL A 1 175 ? -17.888 1.475   -16.465 1.00 8.57  ? 168 VAL A N   1 
ATOM   1270 C CA  . VAL A 1 175 ? -18.045 1.192   -15.049 1.00 7.63  ? 168 VAL A CA  1 
ATOM   1271 C C   . VAL A 1 175 ? -16.799 1.790   -14.405 1.00 6.09  ? 168 VAL A C   1 
ATOM   1272 O O   . VAL A 1 175 ? -15.716 1.219   -14.508 1.00 8.91  ? 168 VAL A O   1 
ATOM   1273 C CB  . VAL A 1 175 ? -18.105 -0.338  -14.762 1.00 10.19 ? 168 VAL A CB  1 
ATOM   1274 C CG1 . VAL A 1 175 ? -18.090 -0.605  -13.258 1.00 8.33  ? 168 VAL A CG1 1 
ATOM   1275 C CG2 . VAL A 1 175 ? -19.359 -0.939  -15.378 1.00 12.43 ? 168 VAL A CG2 1 
ATOM   1276 N N   . PRO A 1 176 ? -16.915 2.995   -13.809 1.00 6.93  ? 169 PRO A N   1 
ATOM   1277 C CA  . PRO A 1 176 ? -15.749 3.621   -13.170 1.00 7.39  ? 169 PRO A CA  1 
ATOM   1278 C C   . PRO A 1 176 ? -15.066 2.674   -12.195 1.00 7.63  ? 169 PRO A C   1 
ATOM   1279 O O   . PRO A 1 176 ? -15.724 1.867   -11.531 1.00 6.60  ? 169 PRO A O   1 
ATOM   1280 C CB  . PRO A 1 176 ? -16.342 4.860   -12.480 1.00 6.96  ? 169 PRO A CB  1 
ATOM   1281 C CG  . PRO A 1 176 ? -17.816 4.607   -12.448 1.00 9.81  ? 169 PRO A CG  1 
ATOM   1282 C CD  . PRO A 1 176 ? -18.087 3.877   -13.721 1.00 7.88  ? 169 PRO A CD  1 
ATOM   1283 N N   . TYR A 1 177 ? -13.740 2.735   -12.154 1.00 7.69  ? 170 TYR A N   1 
ATOM   1284 C CA  . TYR A 1 177 ? -12.970 1.848   -11.298 1.00 5.94  ? 170 TYR A CA  1 
ATOM   1285 C C   . TYR A 1 177 ? -11.759 2.474   -10.625 1.00 7.39  ? 170 TYR A C   1 
ATOM   1286 O O   . TYR A 1 177 ? -11.358 3.599   -10.929 1.00 8.65  ? 170 TYR A O   1 
ATOM   1287 C CB  . TYR A 1 177 ? -12.507 0.627   -12.101 1.00 9.08  ? 170 TYR A CB  1 
ATOM   1288 C CG  . TYR A 1 177 ? -11.651 0.965   -13.302 1.00 7.91  ? 170 TYR A CG  1 
ATOM   1289 C CD1 . TYR A 1 177 ? -10.273 1.166   -13.170 1.00 6.82  ? 170 TYR A CD1 1 
ATOM   1290 C CD2 . TYR A 1 177 ? -12.221 1.119   -14.565 1.00 8.70  ? 170 TYR A CD2 1 
ATOM   1291 C CE1 . TYR A 1 177 ? -9.490  1.515   -14.266 1.00 9.73  ? 170 TYR A CE1 1 
ATOM   1292 C CE2 . TYR A 1 177 ? -11.448 1.464   -15.670 1.00 9.83  ? 170 TYR A CE2 1 
ATOM   1293 C CZ  . TYR A 1 177 ? -10.083 1.663   -15.513 1.00 10.66 ? 170 TYR A CZ  1 
ATOM   1294 O OH  . TYR A 1 177 ? -9.312  2.013   -16.601 1.00 11.25 ? 170 TYR A OH  1 
ATOM   1295 N N   . TRP A 1 178 ? -11.198 1.711   -9.696  1.00 6.79  ? 171 TRP A N   1 
ATOM   1296 C CA  . TRP A 1 178 ? -10.002 2.083   -8.957  1.00 5.26  ? 171 TRP A CA  1 
ATOM   1297 C C   . TRP A 1 178 ? -8.899  1.169   -9.474  1.00 4.22  ? 171 TRP A C   1 
ATOM   1298 O O   . TRP A 1 178 ? -9.158  0.029   -9.853  1.00 6.81  ? 171 TRP A O   1 
ATOM   1299 C CB  . TRP A 1 178 ? -10.160 1.780   -7.460  1.00 4.53  ? 171 TRP A CB  1 
ATOM   1300 C CG  . TRP A 1 178 ? -11.043 2.700   -6.648  1.00 4.19  ? 171 TRP A CG  1 
ATOM   1301 C CD1 . TRP A 1 178 ? -12.253 2.387   -6.093  1.00 3.25  ? 171 TRP A CD1 1 
ATOM   1302 C CD2 . TRP A 1 178 ? -10.731 4.033   -6.211  1.00 6.05  ? 171 TRP A CD2 1 
ATOM   1303 N NE1 . TRP A 1 178 ? -12.705 3.434   -5.331  1.00 4.23  ? 171 TRP A NE1 1 
ATOM   1304 C CE2 . TRP A 1 178 ? -11.801 4.457   -5.381  1.00 8.38  ? 171 TRP A CE2 1 
ATOM   1305 C CE3 . TRP A 1 178 ? -9.660  4.909   -6.429  1.00 5.25  ? 171 TRP A CE3 1 
ATOM   1306 C CZ2 . TRP A 1 178 ? -11.824 5.720   -4.775  1.00 9.79  ? 171 TRP A CZ2 1 
ATOM   1307 C CZ3 . TRP A 1 178 ? -9.684  6.160   -5.826  1.00 4.90  ? 171 TRP A CZ3 1 
ATOM   1308 C CH2 . TRP A 1 178 ? -10.761 6.554   -5.007  1.00 7.79  ? 171 TRP A CH2 1 
ATOM   1309 N N   . ILE A 1 179 ? -7.674  1.670   -9.509  1.00 5.48  ? 172 ILE A N   1 
ATOM   1310 C CA  . ILE A 1 179 ? -6.547  0.852   -9.928  1.00 3.13  ? 172 ILE A CA  1 
ATOM   1311 C C   . ILE A 1 179 ? -5.813  0.593   -8.618  1.00 3.77  ? 172 ILE A C   1 
ATOM   1312 O O   . ILE A 1 179 ? -5.437  1.531   -7.913  1.00 3.08  ? 172 ILE A O   1 
ATOM   1313 C CB  . ILE A 1 179 ? -5.623  1.587   -10.912 1.00 4.18  ? 172 ILE A CB  1 
ATOM   1314 C CG1 . ILE A 1 179 ? -6.440  2.112   -12.097 1.00 5.89  ? 172 ILE A CG1 1 
ATOM   1315 C CG2 . ILE A 1 179 ? -4.523  0.627   -11.393 1.00 2.00  ? 172 ILE A CG2 1 
ATOM   1316 C CD1 . ILE A 1 179 ? -5.667  3.019   -13.014 1.00 6.49  ? 172 ILE A CD1 1 
ATOM   1317 N N   . ILE A 1 180 ? -5.643  -0.682  -8.289  1.00 5.41  ? 173 ILE A N   1 
ATOM   1318 C CA  . ILE A 1 180 ? -5.007  -1.083  -7.041  1.00 5.45  ? 173 ILE A CA  1 
ATOM   1319 C C   . ILE A 1 180 ? -3.774  -1.956  -7.246  1.00 3.88  ? 173 ILE A C   1 
ATOM   1320 O O   . ILE A 1 180 ? -3.803  -2.915  -8.011  1.00 5.81  ? 173 ILE A O   1 
ATOM   1321 C CB  . ILE A 1 180 ? -6.016  -1.877  -6.154  1.00 2.56  ? 173 ILE A CB  1 
ATOM   1322 C CG1 . ILE A 1 180 ? -7.229  -1.018  -5.814  1.00 6.49  ? 173 ILE A CG1 1 
ATOM   1323 C CG2 . ILE A 1 180 ? -5.351  -2.340  -4.877  1.00 4.04  ? 173 ILE A CG2 1 
ATOM   1324 C CD1 . ILE A 1 180 ? -8.336  -1.771  -5.100  1.00 9.57  ? 173 ILE A CD1 1 
ATOM   1325 N N   . LYS A 1 181 ? -2.702  -1.623  -6.531  1.00 5.03  ? 174 LYS A N   1 
ATOM   1326 C CA  . LYS A 1 181 ? -1.459  -2.385  -6.580  1.00 6.17  ? 174 LYS A CA  1 
ATOM   1327 C C   . LYS A 1 181 ? -1.501  -3.408  -5.445  1.00 6.22  ? 174 LYS A C   1 
ATOM   1328 O O   . LYS A 1 181 ? -1.737  -3.049  -4.288  1.00 8.12  ? 174 LYS A O   1 
ATOM   1329 C CB  . LYS A 1 181 ? -0.248  -1.461  -6.392  1.00 5.26  ? 174 LYS A CB  1 
ATOM   1330 C CG  . LYS A 1 181 ? 1.102   -2.178  -6.476  1.00 5.79  ? 174 LYS A CG  1 
ATOM   1331 C CD  . LYS A 1 181 ? 2.249   -1.298  -5.975  1.00 5.55  ? 174 LYS A CD  1 
ATOM   1332 C CE  . LYS A 1 181 ? 3.582   -2.017  -6.124  1.00 5.50  ? 174 LYS A CE  1 
ATOM   1333 N NZ  . LYS A 1 181 ? 4.737   -1.173  -5.719  1.00 5.60  ? 174 LYS A NZ  1 
ATOM   1334 N N   . ASN A 1 182 ? -1.317  -4.681  -5.785  1.00 4.25  ? 175 ASN A N   1 
ATOM   1335 C CA  . ASN A 1 182 ? -1.326  -5.756  -4.793  1.00 6.10  ? 175 ASN A CA  1 
ATOM   1336 C C   . ASN A 1 182 ? 0.108   -6.242  -4.558  1.00 7.42  ? 175 ASN A C   1 
ATOM   1337 O O   . ASN A 1 182 ? 1.042   -5.773  -5.222  1.00 8.71  ? 175 ASN A O   1 
ATOM   1338 C CB  . ASN A 1 182 ? -2.220  -6.908  -5.278  1.00 10.21 ? 175 ASN A CB  1 
ATOM   1339 C CG  . ASN A 1 182 ? -2.789  -7.742  -4.130  1.00 8.71  ? 175 ASN A CG  1 
ATOM   1340 O OD1 . ASN A 1 182 ? -2.569  -7.443  -2.954  1.00 6.64  ? 175 ASN A OD1 1 
ATOM   1341 N ND2 . ASN A 1 182 ? -3.527  -8.784  -4.474  1.00 7.72  ? 175 ASN A ND2 1 
ATOM   1342 N N   . SER A 1 183 ? 0.283   -7.176  -3.624  1.00 7.58  ? 176 SER A N   1 
ATOM   1343 C CA  . SER A 1 183 ? 1.605   -7.716  -3.291  1.00 6.65  ? 176 SER A CA  1 
ATOM   1344 C C   . SER A 1 183 ? 1.687   -9.251  -3.393  1.00 5.90  ? 176 SER A C   1 
ATOM   1345 O O   . SER A 1 183 ? 2.336   -9.911  -2.573  1.00 7.84  ? 176 SER A O   1 
ATOM   1346 C CB  . SER A 1 183 ? 2.007   -7.260  -1.885  1.00 6.45  ? 176 SER A CB  1 
ATOM   1347 O OG  . SER A 1 183 ? 0.983   -7.550  -0.950  1.00 6.61  ? 176 SER A OG  1 
ATOM   1348 N N   . TRP A 1 184 ? 1.027   -9.806  -4.409  1.00 5.03  ? 177 TRP A N   1 
ATOM   1349 C CA  . TRP A 1 184 ? 0.990   -11.251 -4.656  1.00 5.89  ? 177 TRP A CA  1 
ATOM   1350 C C   . TRP A 1 184 ? 1.637   -11.592 -6.015  1.00 6.23  ? 177 TRP A C   1 
ATOM   1351 O O   . TRP A 1 184 ? 1.162   -12.470 -6.739  1.00 5.66  ? 177 TRP A O   1 
ATOM   1352 C CB  . TRP A 1 184 ? -0.464  -11.735 -4.646  1.00 3.93  ? 177 TRP A CB  1 
ATOM   1353 C CG  . TRP A 1 184 ? -1.227  -11.436 -3.371  1.00 7.97  ? 177 TRP A CG  1 
ATOM   1354 C CD1 . TRP A 1 184 ? -0.716  -11.000 -2.180  1.00 5.63  ? 177 TRP A CD1 1 
ATOM   1355 C CD2 . TRP A 1 184 ? -2.643  -11.567 -3.176  1.00 8.34  ? 177 TRP A CD2 1 
ATOM   1356 N NE1 . TRP A 1 184 ? -1.724  -10.846 -1.258  1.00 7.91  ? 177 TRP A NE1 1 
ATOM   1357 C CE2 . TRP A 1 184 ? -2.917  -11.188 -1.840  1.00 8.94  ? 177 TRP A CE2 1 
ATOM   1358 C CE3 . TRP A 1 184 ? -3.706  -11.966 -3.996  1.00 7.44  ? 177 TRP A CE3 1 
ATOM   1359 C CZ2 . TRP A 1 184 ? -4.210  -11.199 -1.309  1.00 6.17  ? 177 TRP A CZ2 1 
ATOM   1360 C CZ3 . TRP A 1 184 ? -4.996  -11.976 -3.465  1.00 7.04  ? 177 TRP A CZ3 1 
ATOM   1361 C CH2 . TRP A 1 184 ? -5.233  -11.594 -2.136  1.00 7.83  ? 177 TRP A CH2 1 
ATOM   1362 N N   . THR A 1 185 ? 2.744   -10.912 -6.316  1.00 6.90  ? 178 THR A N   1 
ATOM   1363 C CA  . THR A 1 185 ? 3.510   -11.048 -7.567  1.00 8.01  ? 178 THR A CA  1 
ATOM   1364 C C   . THR A 1 185 ? 2.752   -10.510 -8.778  1.00 8.54  ? 178 THR A C   1 
ATOM   1365 O O   . THR A 1 185 ? 1.566   -10.191 -8.694  1.00 8.41  ? 178 THR A O   1 
ATOM   1366 C CB  . THR A 1 185 ? 3.950   -12.517 -7.902  1.00 9.66  ? 178 THR A CB  1 
ATOM   1367 O OG1 . THR A 1 185 ? 2.843   -13.258 -8.433  1.00 5.28  ? 178 THR A OG1 1 
ATOM   1368 C CG2 . THR A 1 185 ? 4.514   -13.228 -6.690  1.00 8.08  ? 178 THR A CG2 1 
ATOM   1369 N N   . THR A 1 186 ? 3.449   -10.443 -9.911  1.00 9.55  ? 179 THR A N   1 
ATOM   1370 C CA  . THR A 1 186 ? 2.872   -9.967  -11.168 1.00 10.12 ? 179 THR A CA  1 
ATOM   1371 C C   . THR A 1 186 ? 2.076   -11.057 -11.886 1.00 10.41 ? 179 THR A C   1 
ATOM   1372 O O   . THR A 1 186 ? 1.454   -10.797 -12.911 1.00 11.96 ? 179 THR A O   1 
ATOM   1373 C CB  . THR A 1 186 ? 3.960   -9.452  -12.131 1.00 9.10  ? 179 THR A CB  1 
ATOM   1374 O OG1 . THR A 1 186 ? 4.907   -10.501 -12.376 1.00 10.48 ? 179 THR A OG1 1 
ATOM   1375 C CG2 . THR A 1 186 ? 4.674   -8.237  -11.546 1.00 8.95  ? 179 THR A CG2 1 
ATOM   1376 N N   . GLN A 1 187 ? 2.125   -12.279 -11.359 1.00 12.38 ? 180 GLN A N   1 
ATOM   1377 C CA  . GLN A 1 187 ? 1.397   -13.412 -11.933 1.00 13.78 ? 180 GLN A CA  1 
ATOM   1378 C C   . GLN A 1 187 ? -0.087  -13.366 -11.578 1.00 12.15 ? 180 GLN A C   1 
ATOM   1379 O O   . GLN A 1 187 ? -0.910  -14.007 -12.229 1.00 13.98 ? 180 GLN A O   1 
ATOM   1380 C CB  . GLN A 1 187 ? 1.985   -14.737 -11.434 1.00 17.82 ? 180 GLN A CB  1 
ATOM   1381 C CG  . GLN A 1 187 ? 3.466   -14.928 -11.726 1.00 24.87 ? 180 GLN A CG  1 
ATOM   1382 C CD  . GLN A 1 187 ? 3.791   -15.017 -13.210 1.00 30.94 ? 180 GLN A CD  1 
ATOM   1383 O OE1 . GLN A 1 187 ? 4.960   -14.995 -13.592 1.00 35.55 ? 180 GLN A OE1 1 
ATOM   1384 N NE2 . GLN A 1 187 ? 2.764   -15.126 -14.053 1.00 34.08 ? 180 GLN A NE2 1 
ATOM   1385 N N   . TRP A 1 188 ? -0.417  -12.627 -10.527 1.00 12.08 ? 181 TRP A N   1 
ATOM   1386 C CA  . TRP A 1 188 ? -1.795  -12.493 -10.084 1.00 10.24 ? 181 TRP A CA  1 
ATOM   1387 C C   . TRP A 1 188 ? -2.482  -11.302 -10.737 1.00 10.53 ? 181 TRP A C   1 
ATOM   1388 O O   . TRP A 1 188 ? -1.873  -10.248 -10.907 1.00 9.63  ? 181 TRP A O   1 
ATOM   1389 C CB  . TRP A 1 188 ? -1.849  -12.331 -8.566  1.00 8.21  ? 181 TRP A CB  1 
ATOM   1390 C CG  . TRP A 1 188 ? -3.243  -12.160 -8.036  1.00 10.57 ? 181 TRP A CG  1 
ATOM   1391 C CD1 . TRP A 1 188 ? -4.105  -13.153 -7.666  1.00 10.21 ? 181 TRP A CD1 1 
ATOM   1392 C CD2 . TRP A 1 188 ? -3.938  -10.923 -7.820  1.00 8.91  ? 181 TRP A CD2 1 
ATOM   1393 N NE1 . TRP A 1 188 ? -5.293  -12.612 -7.231  1.00 7.58  ? 181 TRP A NE1 1 
ATOM   1394 C CE2 . TRP A 1 188 ? -5.219  -11.247 -7.316  1.00 9.34  ? 181 TRP A CE2 1 
ATOM   1395 C CE3 . TRP A 1 188 ? -3.605  -9.572  -8.000  1.00 9.13  ? 181 TRP A CE3 1 
ATOM   1396 C CZ2 . TRP A 1 188 ? -6.165  -10.269 -6.992  1.00 7.96  ? 181 TRP A CZ2 1 
ATOM   1397 C CZ3 . TRP A 1 188 ? -4.547  -8.604  -7.678  1.00 6.94  ? 181 TRP A CZ3 1 
ATOM   1398 C CH2 . TRP A 1 188 ? -5.812  -8.958  -7.179  1.00 7.55  ? 181 TRP A CH2 1 
ATOM   1399 N N   . GLY A 1 189 ? -3.760  -11.475 -11.074 1.00 8.17  ? 182 GLY A N   1 
ATOM   1400 C CA  . GLY A 1 189 ? -4.542  -10.411 -11.676 1.00 7.14  ? 182 GLY A CA  1 
ATOM   1401 C C   . GLY A 1 189 ? -3.983  -9.865  -12.975 1.00 9.62  ? 182 GLY A C   1 
ATOM   1402 O O   . GLY A 1 189 ? -3.552  -10.618 -13.846 1.00 9.60  ? 182 GLY A O   1 
ATOM   1403 N N   . GLU A 1 190 ? -4.015  -8.544  -13.108 1.00 7.93  ? 183 GLU A N   1 
ATOM   1404 C CA  . GLU A 1 190 ? -3.506  -7.863  -14.296 1.00 8.46  ? 183 GLU A CA  1 
ATOM   1405 C C   . GLU A 1 190 ? -2.087  -7.372  -14.021 1.00 5.98  ? 183 GLU A C   1 
ATOM   1406 O O   . GLU A 1 190 ? -1.874  -6.197  -13.706 1.00 8.52  ? 183 GLU A O   1 
ATOM   1407 C CB  . GLU A 1 190 ? -4.424  -6.691  -14.651 1.00 8.05  ? 183 GLU A CB  1 
ATOM   1408 C CG  . GLU A 1 190 ? -5.872  -7.108  -14.856 1.00 7.59  ? 183 GLU A CG  1 
ATOM   1409 C CD  . GLU A 1 190 ? -6.773  -5.951  -15.219 1.00 14.56 ? 183 GLU A CD  1 
ATOM   1410 O OE1 . GLU A 1 190 ? -6.452  -4.801  -14.859 1.00 16.17 ? 183 GLU A OE1 1 
ATOM   1411 O OE2 . GLU A 1 190 ? -7.807  -6.190  -15.873 1.00 13.34 ? 183 GLU A OE2 1 
ATOM   1412 N N   . GLU A 1 191 ? -1.134  -8.297  -14.103 0.50 2.45  ? 184 GLU A N   1 
ATOM   1413 C CA  . GLU A 1 191 ? 0.276   -8.018  -13.850 0.50 2.28  ? 184 GLU A CA  1 
ATOM   1414 C C   . GLU A 1 191 ? 0.538   -7.461  -12.451 0.50 2.00  ? 184 GLU A C   1 
ATOM   1415 O O   . GLU A 1 191 ? 1.386   -6.597  -12.252 0.50 2.00  ? 184 GLU A O   1 
ATOM   1416 C CB  . GLU A 1 191 ? 0.861   -7.116  -14.940 0.50 2.00  ? 184 GLU A CB  1 
ATOM   1417 C CG  . GLU A 1 191 ? 0.850   -7.766  -16.320 0.50 2.00  ? 184 GLU A CG  1 
ATOM   1418 C CD  . GLU A 1 191 ? 1.538   -6.931  -17.388 0.50 4.45  ? 184 GLU A CD  1 
ATOM   1419 O OE1 . GLU A 1 191 ? 1.493   -5.683  -17.316 0.50 4.56  ? 184 GLU A OE1 1 
ATOM   1420 O OE2 . GLU A 1 191 ? 2.120   -7.533  -18.308 0.50 2.00  ? 184 GLU A OE2 1 
ATOM   1421 N N   . GLY A 1 192 ? -0.200  -7.988  -11.479 1.00 5.77  ? 185 GLY A N   1 
ATOM   1422 C CA  . GLY A 1 192 ? -0.045  -7.574  -10.097 1.00 4.91  ? 185 GLY A CA  1 
ATOM   1423 C C   . GLY A 1 192 ? -1.079  -6.587  -9.601  1.00 6.33  ? 185 GLY A C   1 
ATOM   1424 O O   . GLY A 1 192 ? -1.128  -6.289  -8.406  1.00 8.35  ? 185 GLY A O   1 
ATOM   1425 N N   . TYR A 1 193 ? -1.893  -6.068  -10.520 1.00 6.22  ? 186 TYR A N   1 
ATOM   1426 C CA  . TYR A 1 193 ? -2.927  -5.092  -10.192 1.00 6.90  ? 186 TYR A CA  1 
ATOM   1427 C C   . TYR A 1 193 ? -4.338  -5.648  -10.295 1.00 4.54  ? 186 TYR A C   1 
ATOM   1428 O O   . TYR A 1 193 ? -4.578  -6.677  -10.924 1.00 4.21  ? 186 TYR A O   1 
ATOM   1429 C CB  . TYR A 1 193 ? -2.824  -3.864  -11.112 1.00 4.98  ? 186 TYR A CB  1 
ATOM   1430 C CG  . TYR A 1 193 ? -1.645  -2.976  -10.820 1.00 5.71  ? 186 TYR A CG  1 
ATOM   1431 C CD1 . TYR A 1 193 ? -1.794  -1.829  -10.052 1.00 3.65  ? 186 TYR A CD1 1 
ATOM   1432 C CD2 . TYR A 1 193 ? -0.371  -3.304  -11.280 1.00 6.60  ? 186 TYR A CD2 1 
ATOM   1433 C CE1 . TYR A 1 193 ? -0.700  -1.030  -9.733  1.00 6.34  ? 186 TYR A CE1 1 
ATOM   1434 C CE2 . TYR A 1 193 ? 0.728   -2.516  -10.967 1.00 6.33  ? 186 TYR A CE2 1 
ATOM   1435 C CZ  . TYR A 1 193 ? 0.558   -1.381  -10.193 1.00 6.86  ? 186 TYR A CZ  1 
ATOM   1436 O OH  . TYR A 1 193 ? 1.651   -0.615  -9.862  1.00 10.87 ? 186 TYR A OH  1 
ATOM   1437 N N   . ILE A 1 194 ? -5.270  -4.933  -9.678  1.00 5.03  ? 187 ILE A N   1 
ATOM   1438 C CA  . ILE A 1 194 ? -6.674  -5.303  -9.711  1.00 6.17  ? 187 ILE A CA  1 
ATOM   1439 C C   . ILE A 1 194 ? -7.492  -4.031  -9.874  1.00 5.84  ? 187 ILE A C   1 
ATOM   1440 O O   . ILE A 1 194 ? -7.124  -2.978  -9.363  1.00 6.61  ? 187 ILE A O   1 
ATOM   1441 C CB  . ILE A 1 194 ? -7.123  -6.058  -8.419  1.00 5.07  ? 187 ILE A CB  1 
ATOM   1442 C CG1 . ILE A 1 194 ? -8.630  -6.334  -8.474  1.00 5.98  ? 187 ILE A CG1 1 
ATOM   1443 C CG2 . ILE A 1 194 ? -6.769  -5.263  -7.172  1.00 5.66  ? 187 ILE A CG2 1 
ATOM   1444 C CD1 . ILE A 1 194 ? -9.176  -7.093  -7.286  1.00 2.00  ? 187 ILE A CD1 1 
ATOM   1445 N N   . ARG A 1 195 ? -8.551  -4.117  -10.667 1.00 7.00  ? 188 ARG A N   1 
ATOM   1446 C CA  . ARG A 1 195 ? -9.436  -2.986  -10.873 1.00 8.57  ? 188 ARG A CA  1 
ATOM   1447 C C   . ARG A 1 195 ? -10.782 -3.356  -10.262 1.00 8.34  ? 188 ARG A C   1 
ATOM   1448 O O   . ARG A 1 195 ? -11.314 -4.439  -10.521 1.00 6.93  ? 188 ARG A O   1 
ATOM   1449 C CB  . ARG A 1 195 ? -9.565  -2.668  -12.365 1.00 9.85  ? 188 ARG A CB  1 
ATOM   1450 C CG  . ARG A 1 195 ? -8.321  -2.006  -12.931 1.00 13.34 ? 188 ARG A CG  1 
ATOM   1451 C CD  . ARG A 1 195 ? -8.092  -2.383  -14.380 1.00 15.84 ? 188 ARG A CD  1 
ATOM   1452 N NE  . ARG A 1 195 ? -9.116  -1.860  -15.270 1.00 18.95 ? 188 ARG A NE  1 
ATOM   1453 C CZ  . ARG A 1 195 ? -9.593  -2.502  -16.331 1.00 20.26 ? 188 ARG A CZ  1 
ATOM   1454 N NH1 . ARG A 1 195 ? -9.148  -3.713  -16.646 1.00 21.37 ? 188 ARG A NH1 1 
ATOM   1455 N NH2 . ARG A 1 195 ? -10.494 -1.911  -17.100 1.00 21.64 ? 188 ARG A NH2 1 
ATOM   1456 N N   . ILE A 1 196 ? -11.265 -2.504  -9.365  1.00 7.15  ? 189 ILE A N   1 
ATOM   1457 C CA  . ILE A 1 196 ? -12.541 -2.737  -8.699  1.00 8.13  ? 189 ILE A CA  1 
ATOM   1458 C C   . ILE A 1 196 ? -13.445 -1.536  -8.930  1.00 9.21  ? 189 ILE A C   1 
ATOM   1459 O O   . ILE A 1 196 ? -12.965 -0.409  -9.046  1.00 9.40  ? 189 ILE A O   1 
ATOM   1460 C CB  . ILE A 1 196 ? -12.365 -2.975  -7.168  1.00 6.35  ? 189 ILE A CB  1 
ATOM   1461 C CG1 . ILE A 1 196 ? -11.971 -1.682  -6.455  1.00 5.46  ? 189 ILE A CG1 1 
ATOM   1462 C CG2 . ILE A 1 196 ? -11.297 -4.039  -6.920  1.00 7.74  ? 189 ILE A CG2 1 
ATOM   1463 C CD1 . ILE A 1 196 ? -12.069 -1.762  -4.947  1.00 2.00  ? 189 ILE A CD1 1 
ATOM   1464 N N   . ALA A 1 197 ? -14.751 -1.777  -9.003  1.00 8.47  ? 190 ALA A N   1 
ATOM   1465 C CA  . ALA A 1 197 ? -15.708 -0.704  -9.240  1.00 7.77  ? 190 ALA A CA  1 
ATOM   1466 C C   . ALA A 1 197 ? -15.556 0.413   -8.215  1.00 7.80  ? 190 ALA A C   1 
ATOM   1467 O O   . ALA A 1 197 ? -15.195 0.179   -7.061  1.00 9.48  ? 190 ALA A O   1 
ATOM   1468 C CB  . ALA A 1 197 ? -17.148 -1.246  -9.250  1.00 9.46  ? 190 ALA A CB  1 
ATOM   1469 N N   . LYS A 1 198 ? -15.785 1.637   -8.675  1.00 8.71  ? 191 LYS A N   1 
ATOM   1470 C CA  . LYS A 1 198 ? -15.677 2.832   -7.849  1.00 9.43  ? 191 LYS A CA  1 
ATOM   1471 C C   . LYS A 1 198 ? -17.058 3.461   -7.673  1.00 8.73  ? 191 LYS A C   1 
ATOM   1472 O O   . LYS A 1 198 ? -17.821 3.565   -8.632  1.00 6.65  ? 191 LYS A O   1 
ATOM   1473 C CB  . LYS A 1 198 ? -14.719 3.822   -8.530  1.00 9.90  ? 191 LYS A CB  1 
ATOM   1474 C CG  . LYS A 1 198 ? -14.505 5.159   -7.827  1.00 9.73  ? 191 LYS A CG  1 
ATOM   1475 C CD  . LYS A 1 198 ? -13.374 5.908   -8.525  1.00 11.67 ? 191 LYS A CD  1 
ATOM   1476 C CE  . LYS A 1 198 ? -13.139 7.285   -7.942  1.00 11.08 ? 191 LYS A CE  1 
ATOM   1477 N NZ  . LYS A 1 198 ? -14.263 8.195   -8.251  1.00 9.54  ? 191 LYS A NZ  1 
ATOM   1478 N N   . GLY A 1 199 ? -17.378 3.854   -6.442  1.00 11.64 ? 192 GLY A N   1 
ATOM   1479 C CA  . GLY A 1 199 ? -18.660 4.483   -6.170  1.00 10.49 ? 192 GLY A CA  1 
ATOM   1480 C C   . GLY A 1 199 ? -19.642 3.673   -5.342  1.00 13.94 ? 192 GLY A C   1 
ATOM   1481 O O   . GLY A 1 199 ? -20.634 4.227   -4.859  1.00 12.60 ? 192 GLY A O   1 
ATOM   1482 N N   . SER A 1 200 ? -19.364 2.382   -5.151  1.00 12.55 ? 193 SER A N   1 
ATOM   1483 C CA  . SER A 1 200 ? -20.253 1.507   -4.381  1.00 11.68 ? 193 SER A CA  1 
ATOM   1484 C C   . SER A 1 200 ? -19.570 0.841   -3.188  1.00 12.30 ? 193 SER A C   1 
ATOM   1485 O O   . SER A 1 200 ? -20.075 -0.143  -2.643  1.00 13.48 ? 193 SER A O   1 
ATOM   1486 C CB  . SER A 1 200 ? -20.868 0.440   -5.294  1.00 11.83 ? 193 SER A CB  1 
ATOM   1487 O OG  . SER A 1 200 ? -19.873 -0.305  -5.973  1.00 11.55 ? 193 SER A OG  1 
ATOM   1488 N N   . ASN A 1 201 ? -18.434 1.400   -2.779  1.00 10.42 ? 198 ASN A N   1 
ATOM   1489 C CA  . ASN A 1 201 ? -17.642 0.901   -1.662  1.00 9.03  ? 198 ASN A CA  1 
ATOM   1490 C C   . ASN A 1 201 ? -17.295 -0.581  -1.807  1.00 9.41  ? 198 ASN A C   1 
ATOM   1491 O O   . ASN A 1 201 ? -17.384 -1.345  -0.853  1.00 11.43 ? 198 ASN A O   1 
ATOM   1492 C CB  . ASN A 1 201 ? -18.365 1.153   -0.331  1.00 10.84 ? 198 ASN A CB  1 
ATOM   1493 C CG  . ASN A 1 201 ? -17.442 1.028   0.868   1.00 13.38 ? 198 ASN A CG  1 
ATOM   1494 O OD1 . ASN A 1 201 ? -16.230 1.239   0.763   1.00 11.70 ? 198 ASN A OD1 1 
ATOM   1495 N ND2 . ASN A 1 201 ? -18.011 0.689   2.016   1.00 10.76 ? 198 ASN A ND2 1 
ATOM   1496 N N   . GLN A 1 202 ? -16.898 -0.982  -3.010  1.00 9.61  ? 199 GLN A N   1 
ATOM   1497 C CA  . GLN A 1 202 ? -16.528 -2.367  -3.267  1.00 7.83  ? 199 GLN A CA  1 
ATOM   1498 C C   . GLN A 1 202 ? -15.353 -2.776  -2.383  1.00 7.81  ? 199 GLN A C   1 
ATOM   1499 O O   . GLN A 1 202 ? -14.359 -2.060  -2.291  1.00 5.74  ? 199 GLN A O   1 
ATOM   1500 C CB  . GLN A 1 202 ? -16.154 -2.553  -4.740  1.00 9.97  ? 199 GLN A CB  1 
ATOM   1501 C CG  . GLN A 1 202 ? -17.299 -2.332  -5.702  1.00 13.85 ? 199 GLN A CG  1 
ATOM   1502 C CD  . GLN A 1 202 ? -18.401 -3.361  -5.543  1.00 17.69 ? 199 GLN A CD  1 
ATOM   1503 O OE1 . GLN A 1 202 ? -19.572 -3.013  -5.400  1.00 22.42 ? 199 GLN A OE1 1 
ATOM   1504 N NE2 . GLN A 1 202 ? -18.034 -4.636  -5.585  1.00 18.20 ? 199 GLN A NE2 1 
ATOM   1505 N N   . CYS A 1 203 ? -15.493 -3.930  -1.730  1.00 8.03  ? 200 CYS A N   1 
ATOM   1506 C CA  . CYS A 1 203 ? -14.480 -4.488  -0.835  1.00 6.56  ? 200 CYS A CA  1 
ATOM   1507 C C   . CYS A 1 203 ? -14.184 -3.584  0.357   1.00 6.20  ? 200 CYS A C   1 
ATOM   1508 O O   . CYS A 1 203 ? -13.106 -3.673  0.944   1.00 9.17  ? 200 CYS A O   1 
ATOM   1509 C CB  . CYS A 1 203 ? -13.170 -4.766  -1.578  1.00 5.74  ? 200 CYS A CB  1 
ATOM   1510 S SG  . CYS A 1 203 ? -13.294 -5.472  -3.250  1.00 10.57 ? 200 CYS A SG  1 
ATOM   1511 N N   . LEU A 1 204 ? -15.130 -2.715  0.709   1.00 4.89  ? 201 LEU A N   1 
ATOM   1512 C CA  . LEU A 1 204 ? -14.966 -1.788  1.836   1.00 8.03  ? 201 LEU A CA  1 
ATOM   1513 C C   . LEU A 1 204 ? -13.769 -0.851  1.654   1.00 8.32  ? 201 LEU A C   1 
ATOM   1514 O O   . LEU A 1 204 ? -13.209 -0.356  2.627   1.00 10.77 ? 201 LEU A O   1 
ATOM   1515 C CB  . LEU A 1 204 ? -14.809 -2.570  3.147   1.00 7.07  ? 201 LEU A CB  1 
ATOM   1516 C CG  . LEU A 1 204 ? -15.928 -3.554  3.506   1.00 8.39  ? 201 LEU A CG  1 
ATOM   1517 C CD1 . LEU A 1 204 ? -15.595 -4.302  4.791   1.00 5.71  ? 201 LEU A CD1 1 
ATOM   1518 C CD2 . LEU A 1 204 ? -17.249 -2.803  3.639   1.00 9.38  ? 201 LEU A CD2 1 
ATOM   1519 N N   . VAL A 1 205 ? -13.436 -0.564  0.397   1.00 9.23  ? 202 VAL A N   1 
ATOM   1520 C CA  . VAL A 1 205 ? -12.291 0.276   0.034   1.00 10.35 ? 202 VAL A CA  1 
ATOM   1521 C C   . VAL A 1 205 ? -12.193 1.691   0.629   1.00 9.58  ? 202 VAL A C   1 
ATOM   1522 O O   . VAL A 1 205 ? -11.101 2.258   0.701   1.00 9.73  ? 202 VAL A O   1 
ATOM   1523 C CB  . VAL A 1 205 ? -12.151 0.357   -1.511  1.00 9.26  ? 202 VAL A CB  1 
ATOM   1524 C CG1 . VAL A 1 205 ? -13.291 1.186   -2.107  1.00 8.43  ? 202 VAL A CG1 1 
ATOM   1525 C CG2 . VAL A 1 205 ? -10.783 0.908   -1.903  1.00 6.79  ? 202 VAL A CG2 1 
ATOM   1526 N N   . LYS A 1 206 ? -13.313 2.260   1.062   1.00 10.12 ? 203 LYS A N   1 
ATOM   1527 C CA  . LYS A 1 206 ? -13.292 3.609   1.627   1.00 9.91  ? 203 LYS A CA  1 
ATOM   1528 C C   . LYS A 1 206 ? -13.148 3.663   3.149   1.00 10.15 ? 203 LYS A C   1 
ATOM   1529 O O   . LYS A 1 206 ? -12.921 4.736   3.709   1.00 9.24  ? 203 LYS A O   1 
ATOM   1530 C CB  . LYS A 1 206 ? -14.564 4.368   1.230   1.00 14.28 ? 203 LYS A CB  1 
ATOM   1531 C CG  . LYS A 1 206 ? -15.776 4.052   2.107   1.00 14.35 ? 203 LYS A CG  1 
ATOM   1532 C CD  . LYS A 1 206 ? -17.001 4.828   1.668   1.00 20.41 ? 203 LYS A CD  1 
ATOM   1533 C CE  . LYS A 1 206 ? -18.179 4.580   2.598   1.00 20.41 ? 203 LYS A CE  1 
ATOM   1534 N NZ  . LYS A 1 206 ? -18.587 5.829   3.295   1.00 31.50 ? 203 LYS A NZ  1 
ATOM   1535 N N   . GLU A 1 207 ? -13.251 2.509   3.804   1.00 9.30  ? 204 GLU A N   1 
ATOM   1536 C CA  . GLU A 1 207 ? -13.203 2.426   5.268   1.00 9.72  ? 204 GLU A CA  1 
ATOM   1537 C C   . GLU A 1 207 ? -11.959 2.903   6.016   1.00 8.33  ? 204 GLU A C   1 
ATOM   1538 O O   . GLU A 1 207 ? -12.084 3.572   7.042   1.00 5.64  ? 204 GLU A O   1 
ATOM   1539 C CB  . GLU A 1 207 ? -13.542 1.005   5.740   1.00 13.14 ? 204 GLU A CB  1 
ATOM   1540 C CG  . GLU A 1 207 ? -14.864 0.440   5.229   1.00 18.68 ? 204 GLU A CG  1 
ATOM   1541 C CD  . GLU A 1 207 ? -16.068 1.300   5.564   1.00 22.49 ? 204 GLU A CD  1 
ATOM   1542 O OE1 . GLU A 1 207 ? -17.008 1.325   4.745   1.00 23.54 ? 204 GLU A OE1 1 
ATOM   1543 O OE2 . GLU A 1 207 ? -16.088 1.942   6.640   1.00 26.23 ? 204 GLU A OE2 1 
ATOM   1544 N N   . GLU A 1 208 ? -10.770 2.537   5.539   1.00 7.92  ? 205 GLU A N   1 
ATOM   1545 C CA  . GLU A 1 208 ? -9.532  2.926   6.219   1.00 9.24  ? 205 GLU A CA  1 
ATOM   1546 C C   . GLU A 1 208 ? -8.427  3.346   5.248   1.00 9.29  ? 205 GLU A C   1 
ATOM   1547 O O   . GLU A 1 208 ? -7.465  2.614   5.002   1.00 8.36  ? 205 GLU A O   1 
ATOM   1548 C CB  . GLU A 1 208 ? -9.052  1.784   7.124   1.00 12.37 ? 205 GLU A CB  1 
ATOM   1549 C CG  . GLU A 1 208 ? -8.129  2.216   8.262   1.00 17.39 ? 205 GLU A CG  1 
ATOM   1550 C CD  . GLU A 1 208 ? -8.027  1.169   9.362   1.00 19.66 ? 205 GLU A CD  1 
ATOM   1551 O OE1 . GLU A 1 208 ? -9.026  0.462   9.613   1.00 25.74 ? 205 GLU A OE1 1 
ATOM   1552 O OE2 . GLU A 1 208 ? -6.951  1.053   9.984   1.00 15.56 ? 205 GLU A OE2 1 
ATOM   1553 N N   . ALA A 1 209 ? -8.571  4.556   4.726   1.00 10.32 ? 206 ALA A N   1 
ATOM   1554 C CA  . ALA A 1 209 ? -7.623  5.116   3.781   1.00 10.38 ? 206 ALA A CA  1 
ATOM   1555 C C   . ALA A 1 209 ? -6.708  6.107   4.483   1.00 8.96  ? 206 ALA A C   1 
ATOM   1556 O O   . ALA A 1 209 ? -7.169  6.954   5.242   1.00 9.23  ? 206 ALA A O   1 
ATOM   1557 C CB  . ALA A 1 209 ? -8.372  5.801   2.664   1.00 8.48  ? 206 ALA A CB  1 
ATOM   1558 N N   . SER A 1 210 ? -5.407  5.992   4.236   1.00 8.03  ? 207 SER A N   1 
ATOM   1559 C CA  . SER A 1 210 ? -4.443  6.897   4.845   1.00 7.47  ? 207 SER A CA  1 
ATOM   1560 C C   . SER A 1 210 ? -3.195  7.036   3.991   1.00 8.22  ? 207 SER A C   1 
ATOM   1561 O O   . SER A 1 210 ? -3.009  6.314   3.012   1.00 9.16  ? 207 SER A O   1 
ATOM   1562 C CB  . SER A 1 210 ? -4.054  6.410   6.241   1.00 4.04  ? 207 SER A CB  1 
ATOM   1563 O OG  . SER A 1 210 ? -3.423  5.148   6.170   1.00 11.20 ? 207 SER A OG  1 
ATOM   1564 N N   . SER A 1 211 ? -2.329  7.964   4.381   1.00 8.08  ? 208 SER A N   1 
ATOM   1565 C CA  . SER A 1 211 ? -1.092  8.185   3.660   1.00 7.32  ? 208 SER A CA  1 
ATOM   1566 C C   . SER A 1 211 ? -0.038  8.811   4.549   1.00 7.53  ? 208 SER A C   1 
ATOM   1567 O O   . SER A 1 211 ? -0.347  9.582   5.450   1.00 8.02  ? 208 SER A O   1 
ATOM   1568 C CB  . SER A 1 211 ? -1.323  9.083   2.443   1.00 7.63  ? 208 SER A CB  1 
ATOM   1569 O OG  . SER A 1 211 ? -0.100  9.312   1.748   1.00 6.36  ? 208 SER A OG  1 
ATOM   1570 N N   . ALA A 1 212 ? 1.213   8.445   4.303   1.00 7.68  ? 209 ALA A N   1 
ATOM   1571 C CA  . ALA A 1 212 ? 2.331   8.999   5.042   1.00 8.08  ? 209 ALA A CA  1 
ATOM   1572 C C   . ALA A 1 212 ? 2.548   10.425  4.543   1.00 9.40  ? 209 ALA A C   1 
ATOM   1573 O O   . ALA A 1 212 ? 2.167   10.768  3.421   1.00 10.51 ? 209 ALA A O   1 
ATOM   1574 C CB  . ALA A 1 212 ? 3.581   8.172   4.801   1.00 6.89  ? 209 ALA A CB  1 
ATOM   1575 N N   . VAL A 1 213 ? 3.120   11.261  5.398   1.00 12.66 ? 210 VAL A N   1 
ATOM   1576 C CA  . VAL A 1 213 ? 3.416   12.640  5.045   1.00 16.57 ? 210 VAL A CA  1 
ATOM   1577 C C   . VAL A 1 213 ? 4.923   12.842  5.122   1.00 18.88 ? 210 VAL A C   1 
ATOM   1578 O O   . VAL A 1 213 ? 5.542   12.583  6.152   1.00 18.67 ? 210 VAL A O   1 
ATOM   1579 C CB  . VAL A 1 213 ? 2.697   13.641  5.982   1.00 16.61 ? 210 VAL A CB  1 
ATOM   1580 C CG1 . VAL A 1 213 ? 3.211   15.057  5.739   1.00 18.38 ? 210 VAL A CG1 1 
ATOM   1581 C CG2 . VAL A 1 213 ? 1.195   13.590  5.733   1.00 16.55 ? 210 VAL A CG2 1 
ATOM   1582 N N   . VAL A 1 214 ? 5.513   13.241  4.002   1.00 23.63 ? 211 VAL A N   1 
ATOM   1583 C CA  . VAL A 1 214 ? 6.946   13.479  3.921   1.00 27.77 ? 211 VAL A CA  1 
ATOM   1584 C C   . VAL A 1 214 ? 7.162   14.980  3.964   1.00 31.60 ? 211 VAL A C   1 
ATOM   1585 O O   . VAL A 1 214 ? 7.631   15.527  4.959   1.00 34.22 ? 211 VAL A O   1 
ATOM   1586 C CB  . VAL A 1 214 ? 7.533   12.937  2.592   1.00 26.51 ? 211 VAL A CB  1 
ATOM   1587 C CG1 . VAL A 1 214 ? 9.015   13.262  2.501   1.00 22.53 ? 211 VAL A CG1 1 
ATOM   1588 C CG2 . VAL A 1 214 ? 7.304   11.439  2.481   1.00 26.92 ? 211 VAL A CG2 1 
ATOM   1589 N N   . GLY A 1 215 ? 6.786   15.631  2.868   1.00 38.66 ? 212 GLY A N   1 
ATOM   1590 C CA  . GLY A 1 215 ? 6.931   17.069  2.739   1.00 45.27 ? 212 GLY A CA  1 
ATOM   1591 C C   . GLY A 1 215 ? 6.853   17.513  1.285   1.00 49.56 ? 212 GLY A C   1 
ATOM   1592 O O   . GLY A 1 215 ? 7.045   18.721  1.021   1.00 55.29 ? 212 GLY A O   1 
ATOM   1593 O OXT . GLY A 1 215 ? 6.601   16.660  0.401   1.00 52.81 ? 212 GLY A OXT 1 
HETATM 1594 C C8  . VS4 B 2 .   ? -4.801  -7.863  10.401  1.00 19.29 ? 300 VS4 A C8  1 
HETATM 1595 N N3  . VS4 B 2 .   ? -4.630  -7.608  11.758  1.00 21.54 ? 300 VS4 A N3  1 
HETATM 1596 C C39 . VS4 B 2 .   ? -4.367  -6.240  12.294  1.00 25.41 ? 300 VS4 A C39 1 
HETATM 1597 C C40 . VS4 B 2 .   ? -4.971  -6.077  13.700  1.00 28.38 ? 300 VS4 A C40 1 
HETATM 1598 N N4  . VS4 B 2 .   ? -4.482  -7.151  14.601  1.00 30.51 ? 300 VS4 A N4  1 
HETATM 1599 C C33 . VS4 B 2 .   ? -5.143  -6.947  15.903  1.00 31.78 ? 300 VS4 A C33 1 
HETATM 1600 C C49 . VS4 B 2 .   ? -4.859  -8.501  14.079  1.00 28.69 ? 300 VS4 A C49 1 
HETATM 1601 C C48 . VS4 B 2 .   ? -4.262  -8.725  12.679  1.00 25.91 ? 300 VS4 A C48 1 
HETATM 1602 O O2  . VS4 B 2 .   ? -4.883  -9.034  9.982   1.00 18.93 ? 300 VS4 A O2  1 
HETATM 1603 N N1  . VS4 B 2 .   ? -4.823  -6.778  9.518   1.00 11.92 ? 300 VS4 A N1  1 
HETATM 1604 C C9  . VS4 B 2 .   ? -4.800  -6.974  8.037   1.00 8.10  ? 300 VS4 A C9  1 
HETATM 1605 C C10 . VS4 B 2 .   ? -4.742  -5.661  7.210   1.00 9.24  ? 300 VS4 A C10 1 
HETATM 1606 C C11 . VS4 B 2 .   ? -5.723  -4.630  7.667   1.00 9.79  ? 300 VS4 A C11 1 
HETATM 1607 C C12 . VS4 B 2 .   ? -5.311  -3.296  7.632   1.00 7.52  ? 300 VS4 A C12 1 
HETATM 1608 C C13 . VS4 B 2 .   ? -6.135  -2.295  8.161   1.00 8.40  ? 300 VS4 A C13 1 
HETATM 1609 C C14 . VS4 B 2 .   ? -7.374  -2.634  8.729   1.00 9.23  ? 300 VS4 A C14 1 
HETATM 1610 C C15 . VS4 B 2 .   ? -7.788  -3.969  8.754   1.00 11.68 ? 300 VS4 A C15 1 
HETATM 1611 C C16 . VS4 B 2 .   ? -6.966  -4.970  8.218   1.00 8.66  ? 300 VS4 A C16 1 
HETATM 1612 C C17 . VS4 B 2 .   ? -3.605  -7.776  7.614   1.00 7.50  ? 300 VS4 A C17 1 
HETATM 1613 O O3  . VS4 B 2 .   ? -2.469  -7.565  8.048   1.00 3.18  ? 300 VS4 A O3  1 
HETATM 1614 N N2  . VS4 B 2 .   ? -3.807  -8.710  6.655   1.00 8.10  ? 300 VS4 A N2  1 
HETATM 1615 C C18 . VS4 B 2 .   ? -2.649  -9.475  6.221   1.00 8.24  ? 300 VS4 A C18 1 
HETATM 1616 C C19 . VS4 B 2 .   ? -2.767  -10.923 6.792   1.00 9.94  ? 300 VS4 A C19 1 
HETATM 1617 C C20 . VS4 B 2 .   ? -2.775  -11.042 8.305   1.00 11.07 ? 300 VS4 A C20 1 
HETATM 1618 C C21 . VS4 B 2 .   ? -2.994  -12.458 8.754   1.00 13.42 ? 300 VS4 A C21 1 
HETATM 1619 C C22 . VS4 B 2 .   ? -2.314  -13.553 8.195   1.00 16.93 ? 300 VS4 A C22 1 
HETATM 1620 C C23 . VS4 B 2 .   ? -2.501  -14.837 8.720   1.00 20.87 ? 300 VS4 A C23 1 
HETATM 1621 C C24 . VS4 B 2 .   ? -3.369  -15.038 9.805   1.00 18.20 ? 300 VS4 A C24 1 
HETATM 1622 C C25 . VS4 B 2 .   ? -4.048  -13.954 10.371  1.00 16.45 ? 300 VS4 A C25 1 
HETATM 1623 C C26 . VS4 B 2 .   ? -3.857  -12.668 9.844   1.00 18.45 ? 300 VS4 A C26 1 
HETATM 1624 C C28 . VS4 B 2 .   ? -3.250  -10.570 4.270   1.00 10.18 ? 300 VS4 A C28 1 
HETATM 1625 S S1  . VS4 B 2 .   ? -3.154  -11.501 2.886   1.00 7.81  ? 300 VS4 A S1  1 
HETATM 1626 N N5  . VS4 B 2 .   ? -4.660  -11.790 2.299   1.00 11.72 ? 300 VS4 A N5  1 
HETATM 1627 O O6  . VS4 B 2 .   ? -5.672  -12.354 3.156   1.00 14.89 ? 300 VS4 A O6  1 
HETATM 1628 C C34 . VS4 B 2 .   ? -6.883  -12.339 2.433   1.00 17.49 ? 300 VS4 A C34 1 
HETATM 1629 C C41 . VS4 B 2 .   ? -7.917  -13.100 3.184   1.00 21.62 ? 300 VS4 A C41 1 
HETATM 1630 C C42 . VS4 B 2 .   ? -8.449  -14.281 2.637   1.00 23.05 ? 300 VS4 A C42 1 
HETATM 1631 C C43 . VS4 B 2 .   ? -9.387  -15.029 3.367   1.00 25.40 ? 300 VS4 A C43 1 
HETATM 1632 C C44 . VS4 B 2 .   ? -9.793  -14.580 4.644   1.00 26.29 ? 300 VS4 A C44 1 
HETATM 1633 C C45 . VS4 B 2 .   ? -9.268  -13.385 5.182   1.00 25.50 ? 300 VS4 A C45 1 
HETATM 1634 C C46 . VS4 B 2 .   ? -8.319  -12.658 4.450   1.00 21.68 ? 300 VS4 A C46 1 
HETATM 1635 O O4  . VS4 B 2 .   ? -2.645  -12.700 3.451   1.00 10.14 ? 300 VS4 A O4  1 
HETATM 1636 O O5  . VS4 B 2 .   ? -2.306  -10.886 1.882   1.00 11.18 ? 300 VS4 A O5  1 
HETATM 1637 C C27 . VS4 B 2 .   ? -2.471  -9.583  4.722   1.00 9.07  ? 300 VS4 A C27 1 
HETATM 1638 O O   . HOH C 3 .   ? -5.700  12.760  9.645   1.00 25.50 ? 301 HOH A O   1 
HETATM 1639 O O   . HOH C 3 .   ? -2.049  10.536  -14.138 1.00 20.83 ? 302 HOH A O   1 
HETATM 1640 O O   . HOH C 3 .   ? -6.857  5.829   -15.405 1.00 20.05 ? 303 HOH A O   1 
HETATM 1641 O O   . HOH C 3 .   ? 5.490   3.879   -11.927 1.00 18.05 ? 304 HOH A O   1 
HETATM 1642 O O   . HOH C 3 .   ? -1.979  -3.479  -14.845 1.00 16.59 ? 305 HOH A O   1 
HETATM 1643 O O   . HOH C 3 .   ? 4.217   -1.187  -10.590 1.00 23.35 ? 306 HOH A O   1 
HETATM 1644 O O   . HOH C 3 .   ? 10.389  6.887   -11.903 1.00 35.84 ? 307 HOH A O   1 
HETATM 1645 O O   . HOH C 3 .   ? 11.093  -0.888  -8.644  1.00 37.05 ? 308 HOH A O   1 
HETATM 1646 O O   . HOH C 3 .   ? 0.071   -8.660  -6.983  1.00 4.28  ? 309 HOH A O   1 
HETATM 1647 O O   . HOH C 3 .   ? 5.446   -6.479  13.031  1.00 17.96 ? 310 HOH A O   1 
HETATM 1648 O O   . HOH C 3 .   ? -0.403  -5.159  -0.548  1.00 14.31 ? 311 HOH A O   1 
HETATM 1649 O O   . HOH C 3 .   ? -0.015  -2.921  -2.279  1.00 12.66 ? 312 HOH A O   1 
HETATM 1650 O O   . HOH C 3 .   ? 3.396   -5.160  -4.555  1.00 9.71  ? 313 HOH A O   1 
HETATM 1651 O O   . HOH C 3 .   ? 5.334   1.935   -4.718  1.00 9.18  ? 314 HOH A O   1 
HETATM 1652 O O   . HOH C 3 .   ? 7.010   -1.261  -1.672  1.00 49.45 ? 315 HOH A O   1 
HETATM 1653 O O   . HOH C 3 .   ? 2.241   -1.346  -2.079  1.00 37.26 ? 316 HOH A O   1 
HETATM 1654 O O   . HOH C 3 .   ? 10.740  6.084   -3.254  1.00 17.25 ? 317 HOH A O   1 
HETATM 1655 O O   . HOH C 3 .   ? 2.427   14.082  -2.380  1.00 21.03 ? 318 HOH A O   1 
HETATM 1656 O O   . HOH C 3 .   ? 5.177   13.740  -1.045  1.00 20.21 ? 319 HOH A O   1 
HETATM 1657 O O   . HOH C 3 .   ? 4.078   13.624  1.542   1.00 19.25 ? 320 HOH A O   1 
HETATM 1658 O O   . HOH C 3 .   ? 12.396  12.876  -8.321  1.00 20.47 ? 321 HOH A O   1 
HETATM 1659 O O   . HOH C 3 .   ? 13.161  8.405   -10.109 1.00 22.12 ? 322 HOH A O   1 
HETATM 1660 O O   . HOH C 3 .   ? 16.502  -0.196  -2.358  1.00 16.07 ? 323 HOH A O   1 
HETATM 1661 O O   . HOH C 3 .   ? 12.116  -5.465  2.734   1.00 11.40 ? 324 HOH A O   1 
HETATM 1662 O O   . HOH C 3 .   ? -4.379  1.312   8.626   1.00 5.58  ? 325 HOH A O   1 
HETATM 1663 O O   . HOH C 3 .   ? -4.842  2.570   6.081   1.00 14.79 ? 326 HOH A O   1 
HETATM 1664 O O   . HOH C 3 .   ? -7.104  5.608   7.975   1.00 13.52 ? 327 HOH A O   1 
HETATM 1665 O O   . HOH C 3 .   ? -10.968 6.276   5.136   1.00 13.67 ? 328 HOH A O   1 
HETATM 1666 O O   . HOH C 3 .   ? -9.924  1.282   3.124   1.00 9.42  ? 329 HOH A O   1 
HETATM 1667 O O   . HOH C 3 .   ? -8.744  5.142   10.612  1.00 36.61 ? 330 HOH A O   1 
HETATM 1668 O O   . HOH C 3 .   ? 2.592   2.065   16.136  1.00 24.57 ? 331 HOH A O   1 
HETATM 1669 O O   . HOH C 3 .   ? 2.582   8.916   12.127  1.00 27.24 ? 332 HOH A O   1 
HETATM 1670 O O   . HOH C 3 .   ? 11.700  7.810   17.477  1.00 47.74 ? 333 HOH A O   1 
HETATM 1671 O O   . HOH C 3 .   ? 14.142  -7.625  -0.877  1.00 53.21 ? 334 HOH A O   1 
HETATM 1672 O O   . HOH C 3 .   ? 10.553  -16.653 6.092   1.00 28.64 ? 335 HOH A O   1 
HETATM 1673 O O   . HOH C 3 .   ? 12.807  -8.746  16.791  1.00 45.32 ? 336 HOH A O   1 
HETATM 1674 O O   . HOH C 3 .   ? 20.944  1.372   10.349  1.00 25.21 ? 337 HOH A O   1 
HETATM 1675 O O   . HOH C 3 .   ? 21.567  5.689   6.643   1.00 18.26 ? 338 HOH A O   1 
HETATM 1676 O O   . HOH C 3 .   ? 3.581   13.019  13.840  1.00 45.30 ? 339 HOH A O   1 
HETATM 1677 O O   . HOH C 3 .   ? 0.601   12.208  12.105  1.00 36.16 ? 340 HOH A O   1 
HETATM 1678 O O   . HOH C 3 .   ? -16.366 1.202   -4.719  1.00 17.66 ? 341 HOH A O   1 
HETATM 1679 O O   . HOH C 3 .   ? -14.923 -11.834 4.077   1.00 19.36 ? 342 HOH A O   1 
HETATM 1680 O O   . HOH C 3 .   ? -22.113 -7.197  -10.974 1.00 31.71 ? 343 HOH A O   1 
HETATM 1681 O O   . HOH C 3 .   ? -13.934 -5.224  -17.644 1.00 37.89 ? 344 HOH A O   1 
HETATM 1682 O O   . HOH C 3 .   ? -11.599 -12.033 -12.688 1.00 50.41 ? 345 HOH A O   1 
HETATM 1683 O O   . HOH C 3 .   ? -20.648 -8.517  0.407   1.00 34.18 ? 346 HOH A O   1 
HETATM 1684 O O   . HOH C 3 .   ? -18.820 -14.965 0.626   1.00 43.48 ? 347 HOH A O   1 
HETATM 1685 O O   . HOH C 3 .   ? -6.851  -10.398 8.528   1.00 19.60 ? 348 HOH A O   1 
HETATM 1686 O O   . HOH C 3 .   ? -6.151  -12.158 13.167  1.00 23.36 ? 349 HOH A O   1 
HETATM 1687 O O   . HOH C 3 .   ? -3.399  -12.234 13.685  1.00 10.58 ? 350 HOH A O   1 
HETATM 1688 O O   . HOH C 3 .   ? -18.328 6.868   -16.339 1.00 12.29 ? 351 HOH A O   1 
HETATM 1689 O O   . HOH C 3 .   ? -14.012 10.963  -8.216  1.00 35.43 ? 352 HOH A O   1 
HETATM 1690 O O   . HOH C 3 .   ? -14.841 1.520   -20.607 1.00 35.43 ? 353 HOH A O   1 
HETATM 1691 O O   . HOH C 3 .   ? -21.567 2.526   -14.358 1.00 22.36 ? 354 HOH A O   1 
HETATM 1692 O O   . HOH C 3 .   ? -15.379 -0.242  -16.973 1.00 32.65 ? 355 HOH A O   1 
HETATM 1693 O O   . HOH C 3 .   ? 5.403   -10.670 -15.024 1.00 24.48 ? 356 HOH A O   1 
HETATM 1694 O O   . HOH C 3 .   ? 6.237   -17.560 -13.136 1.00 40.09 ? 357 HOH A O   1 
HETATM 1695 O O   . HOH C 3 .   ? 2.769   -4.504  -13.004 1.00 14.60 ? 358 HOH A O   1 
HETATM 1696 O O   . HOH C 3 .   ? -18.537 1.905   -10.932 1.00 19.36 ? 359 HOH A O   1 
HETATM 1697 O O   . HOH C 3 .   ? -19.699 -2.689  0.334   1.00 28.68 ? 360 HOH A O   1 
HETATM 1698 O O   . HOH C 3 .   ? -1.303  11.794  -11.671 1.00 32.60 ? 361 HOH A O   1 
HETATM 1699 O O   . HOH C 3 .   ? -3.215  13.833  -11.043 1.00 28.96 ? 362 HOH A O   1 
HETATM 1700 O O   . HOH C 3 .   ? 4.239   -2.963  -3.149  1.00 27.77 ? 363 HOH A O   1 
HETATM 1701 O O   . HOH C 3 .   ? 5.197   -4.003  -11.605 1.00 16.98 ? 364 HOH A O   1 
HETATM 1702 O O   . HOH C 3 .   ? 1.506   -15.528 -4.596  1.00 44.28 ? 365 HOH A O   1 
HETATM 1703 O O   . HOH C 3 .   ? 8.841   -13.776 -0.966  1.00 32.28 ? 366 HOH A O   1 
HETATM 1704 O O   . HOH C 3 .   ? 9.847   -12.758 -5.125  1.00 45.92 ? 367 HOH A O   1 
HETATM 1705 O O   . HOH C 3 .   ? 10.430  -6.473  -0.374  1.00 38.70 ? 368 HOH A O   1 
HETATM 1706 O O   . HOH C 3 .   ? 0.977   -15.718 7.537   1.00 27.68 ? 369 HOH A O   1 
HETATM 1707 O O   . HOH C 3 .   ? -8.880  -1.271  11.821  1.00 48.49 ? 370 HOH A O   1 
HETATM 1708 O O   . HOH C 3 .   ? -4.416  -14.594 5.296   1.00 30.42 ? 371 HOH A O   1 
HETATM 1709 O O   . HOH C 3 .   ? 15.359  8.479   -3.113  1.00 46.97 ? 372 HOH A O   1 
HETATM 1710 O O   . HOH C 3 .   ? 16.824  7.644   -0.737  1.00 41.91 ? 373 HOH A O   1 
HETATM 1711 O O   . HOH C 3 .   ? 7.598   -10.629 13.256  1.00 39.97 ? 374 HOH A O   1 
HETATM 1712 O O   . HOH C 3 .   ? 0.394   3.091   17.481  1.00 31.82 ? 375 HOH A O   1 
HETATM 1713 O O   . HOH C 3 .   ? -12.220 -8.363  12.228  1.00 50.80 ? 376 HOH A O   1 
HETATM 1714 O O   . HOH C 3 .   ? -13.289 -9.798  -0.959  1.00 17.58 ? 377 HOH A O   1 
HETATM 1715 O O   . HOH C 3 .   ? -16.928 -9.240  -10.469 1.00 29.30 ? 378 HOH A O   1 
HETATM 1716 O O   . HOH C 3 .   ? -16.934 8.058   -6.701  1.00 37.44 ? 379 HOH A O   1 
HETATM 1717 O O   . HOH C 3 .   ? -18.428 6.693   -9.168  1.00 34.78 ? 380 HOH A O   1 
HETATM 1718 O O   . HOH C 3 .   ? -18.216 7.104   -0.945  1.00 21.97 ? 381 HOH A O   1 
HETATM 1719 O O   . HOH C 3 .   ? -1.042  15.501  9.530   1.00 37.03 ? 382 HOH A O   1 
HETATM 1720 O O   . HOH C 3 .   ? -9.858  13.192  7.333   1.00 41.47 ? 383 HOH A O   1 
HETATM 1721 O O   . HOH C 3 .   ? -10.138 15.130  -0.249  1.00 35.13 ? 384 HOH A O   1 
HETATM 1722 O O   . HOH C 3 .   ? 5.178   -2.600  -0.558  1.00 27.59 ? 385 HOH A O   1 
HETATM 1723 O O   . HOH C 3 .   ? 0.098   -15.018 2.605   1.00 30.59 ? 386 HOH A O   1 
HETATM 1724 O O   . HOH C 3 .   ? -2.067  -4.254  14.789  1.00 27.18 ? 387 HOH A O   1 
# 
